data_4ZMC
#
_entry.id   4ZMC
#
_cell.length_a   174.980
_cell.length_b   174.980
_cell.length_c   174.980
_cell.angle_alpha   90.000
_cell.angle_beta   90.000
_cell.angle_gamma   90.000
#
_symmetry.space_group_name_H-M   'P 2 3'
#
loop_
_entity.id
_entity.type
_entity.pdbx_description
1 polymer Ferritin
2 non-polymer 'FE (III) ION'
3 water water
#
_entity_poly.entity_id   1
_entity_poly.type   'polypeptide(L)'
_entity_poly.pdbx_seq_one_letter_code
;GSEELLDLFNRQVTQEFTASQVYLSASIWFDQNDWEGMAAYMLAESAEEREHGLGFVDFANKRNIPIELQAVPAPVS
(YCM)AEWSSPEDVWQSILELEQANTRSLLNLAEAASTCHDFAVMAFLNPFHLQQVNAEDKIGSILAKVTDENRTPGLLR
SLDVVSFLGPCLFRS
;
_entity_poly.pdbx_strand_id   A,D,B,C,E,F,G,H
#
loop_
_chem_comp.id
_chem_comp.type
_chem_comp.name
_chem_comp.formula
FE non-polymer 'FE (III) ION' 'Fe 3'
#
# COMPACT_ATOMS: atom_id res chain seq x y z
N GLU A 3 17.49 33.30 -2.27
CA GLU A 3 16.49 32.63 -3.11
C GLU A 3 15.20 32.45 -2.30
N GLU A 4 14.12 32.85 -2.95
CA GLU A 4 12.82 32.46 -2.57
C GLU A 4 12.76 30.89 -2.58
N LEU A 5 13.43 30.22 -3.51
CA LEU A 5 13.37 28.76 -3.61
C LEU A 5 13.87 28.17 -2.32
N LEU A 6 15.00 28.67 -1.82
CA LEU A 6 15.53 28.21 -0.54
C LEU A 6 14.68 28.53 0.68
N ASP A 7 14.08 29.71 0.75
N ASP A 7 14.10 29.72 0.70
CA ASP A 7 13.20 30.05 1.87
CA ASP A 7 13.14 30.13 1.72
C ASP A 7 11.88 29.22 1.82
C ASP A 7 11.96 29.18 1.79
N LEU A 8 11.40 28.90 0.63
CA LEU A 8 10.20 28.11 0.55
C LEU A 8 10.45 26.63 0.92
N PHE A 9 11.62 26.13 0.56
CA PHE A 9 12.00 24.81 0.94
C PHE A 9 12.10 24.71 2.44
N ASN A 10 12.68 25.70 3.11
CA ASN A 10 12.65 25.71 4.57
C ASN A 10 11.29 25.82 5.17
N ARG A 11 10.49 26.69 4.61
N ARG A 11 10.42 26.64 4.62
CA ARG A 11 9.12 26.82 5.01
CA ARG A 11 9.08 26.76 5.14
C ARG A 11 8.48 25.42 5.02
C ARG A 11 8.25 25.47 4.86
N GLN A 12 8.71 24.64 3.95
CA GLN A 12 8.00 23.37 3.70
C GLN A 12 8.26 22.39 4.83
N VAL A 13 9.51 22.36 5.31
CA VAL A 13 9.87 21.55 6.48
C VAL A 13 9.00 21.95 7.66
N THR A 14 8.89 23.25 7.94
CA THR A 14 8.09 23.76 9.04
C THR A 14 6.61 23.39 8.86
N GLN A 15 6.14 23.46 7.64
CA GLN A 15 4.76 23.11 7.35
C GLN A 15 4.51 21.61 7.59
N GLU A 16 5.44 20.74 7.22
CA GLU A 16 5.23 19.28 7.51
C GLU A 16 5.20 19.07 8.99
N PHE A 17 6.15 19.68 9.71
CA PHE A 17 6.13 19.49 11.18
C PHE A 17 4.96 20.14 11.87
N THR A 18 4.46 21.26 11.34
CA THR A 18 3.29 21.88 11.88
C THR A 18 2.10 20.94 11.69
N ALA A 19 1.99 20.35 10.49
CA ALA A 19 0.90 19.45 10.25
C ALA A 19 1.01 18.23 11.17
N SER A 20 2.22 17.71 11.38
CA SER A 20 2.39 16.60 12.35
C SER A 20 1.81 17.01 13.71
N GLN A 21 2.09 18.23 14.20
CA GLN A 21 1.61 18.65 15.50
C GLN A 21 0.11 18.84 15.51
N VAL A 22 -0.44 19.34 14.41
CA VAL A 22 -1.87 19.50 14.32
C VAL A 22 -2.60 18.12 14.35
N TYR A 23 -2.12 17.15 13.60
CA TYR A 23 -2.60 15.78 13.69
C TYR A 23 -2.52 15.26 15.12
N LEU A 24 -1.40 15.52 15.82
CA LEU A 24 -1.29 15.13 17.18
C LEU A 24 -2.36 15.78 18.05
N SER A 25 -2.65 17.08 17.83
CA SER A 25 -3.68 17.73 18.61
C SER A 25 -5.05 17.09 18.33
N ALA A 26 -5.31 16.68 17.11
CA ALA A 26 -6.59 16.01 16.82
C ALA A 26 -6.68 14.65 17.57
N SER A 27 -5.58 13.91 17.57
N SER A 27 -5.60 13.89 17.55
CA SER A 27 -5.48 12.63 18.35
CA SER A 27 -5.52 12.63 18.33
C SER A 27 -5.84 12.82 19.80
C SER A 27 -5.84 12.82 19.80
N ILE A 28 -5.35 13.92 20.36
CA ILE A 28 -5.57 14.22 21.75
C ILE A 28 -7.01 14.53 22.01
N TRP A 29 -7.61 15.38 21.17
CA TRP A 29 -8.98 15.77 21.36
C TRP A 29 -9.81 14.48 21.24
N PHE A 30 -9.54 13.68 20.24
CA PHE A 30 -10.32 12.45 20.11
C PHE A 30 -10.20 11.53 21.28
N ASP A 31 -8.97 11.30 21.72
CA ASP A 31 -8.73 10.47 22.91
C ASP A 31 -9.42 10.97 24.16
N GLN A 32 -9.30 12.25 24.41
CA GLN A 32 -9.96 12.87 25.57
C GLN A 32 -11.46 12.71 25.48
N ASN A 33 -12.02 12.67 24.27
CA ASN A 33 -13.44 12.52 24.07
C ASN A 33 -13.91 11.06 23.71
N ASP A 34 -13.03 10.12 23.98
CA ASP A 34 -13.31 8.72 23.86
C ASP A 34 -13.60 8.24 22.44
N TRP A 35 -12.92 8.83 21.45
CA TRP A 35 -13.01 8.42 20.06
C TRP A 35 -11.67 7.77 19.71
N GLU A 36 -11.39 6.60 20.31
CA GLU A 36 -10.08 6.01 20.24
C GLU A 36 -9.69 5.59 18.83
N GLY A 37 -10.67 5.26 17.99
CA GLY A 37 -10.39 4.86 16.61
C GLY A 37 -9.90 6.06 15.75
N MET A 38 -10.64 7.15 15.83
CA MET A 38 -10.20 8.39 15.18
C MET A 38 -8.85 8.86 15.75
N ALA A 39 -8.64 8.72 17.02
CA ALA A 39 -7.38 9.12 17.65
C ALA A 39 -6.24 8.36 17.07
N ALA A 40 -6.40 7.03 16.89
CA ALA A 40 -5.31 6.22 16.34
C ALA A 40 -4.99 6.63 14.93
N TYR A 41 -6.01 6.91 14.13
CA TYR A 41 -5.86 7.35 12.78
C TYR A 41 -5.03 8.66 12.74
N MET A 42 -5.43 9.63 13.55
CA MET A 42 -4.69 10.90 13.62
C MET A 42 -3.25 10.75 14.13
N LEU A 43 -3.03 9.84 15.10
CA LEU A 43 -1.70 9.59 15.59
C LEU A 43 -0.83 9.03 14.47
N ALA A 44 -1.37 8.13 13.64
CA ALA A 44 -0.55 7.55 12.54
C ALA A 44 -0.23 8.61 11.47
N GLU A 45 -1.18 9.47 11.22
CA GLU A 45 -0.95 10.58 10.29
C GLU A 45 0.07 11.62 10.84
N SER A 46 0.06 11.85 12.12
CA SER A 46 1.09 12.68 12.75
C SER A 46 2.49 12.18 12.48
N ALA A 47 2.65 10.87 12.63
CA ALA A 47 3.95 10.26 12.37
C ALA A 47 4.33 10.36 10.92
N GLU A 48 3.40 10.12 10.02
CA GLU A 48 3.69 10.19 8.62
C GLU A 48 4.09 11.62 8.16
N GLU A 49 3.40 12.67 8.65
CA GLU A 49 3.79 14.00 8.33
C GLU A 49 5.20 14.30 8.82
N ARG A 50 5.56 13.83 10.02
CA ARG A 50 6.91 13.98 10.46
C ARG A 50 7.85 13.30 9.46
N GLU A 51 7.53 12.09 9.00
CA GLU A 51 8.35 11.41 7.99
C GLU A 51 8.48 12.22 6.72
N HIS A 52 7.41 12.89 6.28
CA HIS A 52 7.55 13.77 5.12
C HIS A 52 8.54 14.91 5.38
N GLY A 53 8.41 15.54 6.54
CA GLY A 53 9.35 16.55 6.92
C GLY A 53 10.78 16.07 6.88
N LEU A 54 11.01 14.91 7.48
CA LEU A 54 12.33 14.32 7.50
C LEU A 54 12.86 14.00 6.09
N GLY A 55 11.96 13.63 5.17
CA GLY A 55 12.30 13.44 3.81
C GLY A 55 12.80 14.73 3.16
N PHE A 56 12.10 15.84 3.36
CA PHE A 56 12.54 17.16 2.82
C PHE A 56 13.90 17.55 3.43
N VAL A 57 14.05 17.34 4.73
CA VAL A 57 15.31 17.64 5.42
C VAL A 57 16.49 16.90 4.79
N ASP A 58 16.33 15.60 4.62
CA ASP A 58 17.36 14.76 4.01
C ASP A 58 17.75 15.25 2.58
N PHE A 59 16.73 15.43 1.73
CA PHE A 59 16.95 15.96 0.39
C PHE A 59 17.69 17.31 0.41
N ALA A 60 17.25 18.22 1.24
CA ALA A 60 17.87 19.52 1.36
C ALA A 60 19.34 19.36 1.74
N ASN A 61 19.63 18.51 2.73
CA ASN A 61 21.04 18.26 3.11
C ASN A 61 21.85 17.79 1.90
N LYS A 62 21.31 16.81 1.16
CA LYS A 62 22.01 16.28 -0.05
C LYS A 62 22.24 17.33 -1.11
N ARG A 63 21.28 18.21 -1.28
CA ARG A 63 21.35 19.18 -2.34
C ARG A 63 21.94 20.53 -1.90
N ASN A 64 22.50 20.59 -0.71
CA ASN A 64 23.03 21.82 -0.14
C ASN A 64 22.05 22.96 -0.06
N ILE A 65 20.80 22.65 0.26
CA ILE A 65 19.82 23.68 0.64
C ILE A 65 19.93 23.84 2.14
N PRO A 66 20.45 25.00 2.60
CA PRO A 66 20.64 25.16 4.03
C PRO A 66 19.28 25.10 4.76
N ILE A 67 19.18 24.26 5.73
CA ILE A 67 17.99 24.12 6.47
C ILE A 67 18.31 24.72 7.83
N GLU A 68 17.43 25.58 8.31
CA GLU A 68 17.42 26.03 9.68
C GLU A 68 16.00 25.78 10.25
N LEU A 69 15.92 24.91 11.24
CA LEU A 69 14.67 24.55 11.82
C LEU A 69 13.99 25.71 12.52
N GLN A 70 12.72 25.94 12.21
CA GLN A 70 11.90 26.96 12.87
C GLN A 70 11.09 26.37 13.98
N ALA A 71 10.57 27.26 14.82
CA ALA A 71 9.65 26.85 15.81
C ALA A 71 8.48 26.11 15.08
N VAL A 72 7.92 25.13 15.78
CA VAL A 72 6.66 24.51 15.35
C VAL A 72 5.56 25.09 16.17
N PRO A 73 4.67 25.83 15.54
CA PRO A 73 3.78 26.60 16.41
C PRO A 73 2.77 25.72 17.08
N ALA A 74 2.17 26.25 18.11
CA ALA A 74 1.22 25.49 18.90
C ALA A 74 -0.03 25.34 18.02
N PRO A 75 -0.65 24.18 18.04
CA PRO A 75 -1.92 23.96 17.24
C PRO A 75 -2.99 24.82 17.87
N VAL A 76 -3.81 25.49 17.08
CA VAL A 76 -4.75 26.40 17.65
C VAL A 76 -6.18 25.95 17.44
N SER A 77 -6.49 25.22 16.36
CA SER A 77 -7.87 24.76 16.15
C SER A 77 -8.51 23.97 17.31
N YCM A 78 -7.66 23.23 18.01
N YCM A 78 -7.70 23.20 18.05
CA YCM A 78 -8.12 22.35 19.04
CA YCM A 78 -8.25 22.32 19.12
CB YCM A 78 -6.95 21.52 19.55
CB YCM A 78 -7.20 21.47 19.89
SG YCM A 78 -5.44 22.51 19.92
SG YCM A 78 -7.89 20.64 21.46
CD YCM A 78 -5.68 22.59 21.60
CE YCM A 78 -5.81 24.06 21.96
OZ1 YCM A 78 -5.30 24.93 21.27
NZ2 YCM A 78 -6.54 24.35 22.99
C YCM A 78 -8.84 23.07 20.16
C YCM A 78 -8.99 23.11 20.14
O YCM A 78 -9.60 22.46 20.90
O YCM A 78 -9.90 22.58 20.80
N ALA A 79 -8.66 24.38 20.29
CA ALA A 79 -9.35 25.12 21.35
C ALA A 79 -10.81 25.20 21.10
N GLU A 80 -11.20 25.21 19.85
CA GLU A 80 -12.58 25.42 19.56
C GLU A 80 -13.38 24.17 19.07
N TRP A 81 -12.70 23.01 18.87
CA TRP A 81 -13.41 21.79 18.46
C TRP A 81 -14.44 21.36 19.48
N SER A 82 -15.64 21.08 19.00
CA SER A 82 -16.75 20.59 19.84
C SER A 82 -17.27 19.21 19.45
N SER A 83 -16.96 18.72 18.25
CA SER A 83 -17.50 17.42 17.81
C SER A 83 -16.47 16.86 16.80
N PRO A 84 -16.55 15.59 16.50
CA PRO A 84 -15.64 15.08 15.48
C PRO A 84 -15.73 15.78 14.14
N GLU A 85 -16.91 16.24 13.74
CA GLU A 85 -16.99 16.98 12.49
C GLU A 85 -16.04 18.17 12.41
N ASP A 86 -15.93 18.88 13.53
CA ASP A 86 -15.13 20.11 13.59
C ASP A 86 -13.68 19.72 13.37
N VAL A 87 -13.26 18.58 13.97
CA VAL A 87 -11.85 18.14 13.87
C VAL A 87 -11.49 17.76 12.48
N TRP A 88 -12.32 16.93 11.89
CA TRP A 88 -12.09 16.51 10.54
C TRP A 88 -12.10 17.66 9.59
N GLN A 89 -12.96 18.63 9.79
CA GLN A 89 -12.96 19.82 8.89
C GLN A 89 -11.61 20.57 8.98
N SER A 90 -11.09 20.75 10.21
CA SER A 90 -9.79 21.40 10.38
C SER A 90 -8.73 20.60 9.69
N ILE A 91 -8.81 19.25 9.77
CA ILE A 91 -7.75 18.46 9.13
C ILE A 91 -7.82 18.57 7.64
N LEU A 92 -9.04 18.61 7.08
CA LEU A 92 -9.15 18.83 5.62
C LEU A 92 -8.48 20.18 5.25
N GLU A 93 -8.73 21.21 5.99
CA GLU A 93 -8.16 22.55 5.76
C GLU A 93 -6.64 22.54 5.86
N LEU A 94 -6.13 21.79 6.82
CA LEU A 94 -4.67 21.56 6.94
C LEU A 94 -4.09 20.92 5.69
N GLU A 95 -4.78 19.89 5.16
CA GLU A 95 -4.27 19.22 3.98
C GLU A 95 -4.34 20.13 2.74
N GLN A 96 -5.40 20.88 2.63
CA GLN A 96 -5.54 21.87 1.54
C GLN A 96 -4.41 22.90 1.57
N ALA A 97 -4.09 23.34 2.77
CA ALA A 97 -2.98 24.27 3.00
C ALA A 97 -1.67 23.61 2.66
N ASN A 98 -1.47 22.37 3.15
N ASN A 98 -1.44 22.36 3.05
CA ASN A 98 -0.34 21.49 2.81
CA ASN A 98 -0.18 21.78 2.62
C ASN A 98 -0.14 21.42 1.25
C ASN A 98 -0.10 21.50 1.13
N THR A 99 -1.23 21.24 0.51
CA THR A 99 -1.21 21.14 -0.96
C THR A 99 -0.77 22.44 -1.61
N ARG A 100 -1.39 23.54 -1.22
CA ARG A 100 -1.00 24.85 -1.75
C ARG A 100 0.48 25.11 -1.51
N SER A 101 0.99 24.88 -0.30
CA SER A 101 2.41 25.10 -0.03
C SER A 101 3.33 24.29 -0.94
N LEU A 102 2.95 23.06 -1.26
CA LEU A 102 3.78 22.21 -2.13
C LEU A 102 3.73 22.74 -3.55
N LEU A 103 2.55 23.18 -3.97
CA LEU A 103 2.36 23.79 -5.25
C LEU A 103 3.12 25.09 -5.37
N ASN A 104 3.13 25.91 -4.35
CA ASN A 104 3.97 27.11 -4.37
C ASN A 104 5.47 26.81 -4.50
N LEU A 105 5.95 25.81 -3.76
CA LEU A 105 7.32 25.33 -3.87
C LEU A 105 7.64 24.82 -5.25
N ALA A 106 6.73 24.03 -5.81
CA ALA A 106 6.93 23.55 -7.16
C ALA A 106 7.03 24.74 -8.14
N GLU A 107 6.15 25.71 -7.96
CA GLU A 107 6.13 26.97 -8.79
C GLU A 107 7.53 27.63 -8.83
N ALA A 108 8.09 27.81 -7.65
CA ALA A 108 9.38 28.46 -7.50
C ALA A 108 10.47 27.60 -8.17
N ALA A 109 10.41 26.30 -7.95
CA ALA A 109 11.34 25.37 -8.55
C ALA A 109 11.25 25.43 -10.07
N SER A 110 10.02 25.42 -10.59
CA SER A 110 9.80 25.55 -12.02
C SER A 110 10.41 26.81 -12.64
N THR A 111 10.18 27.97 -12.04
CA THR A 111 10.79 29.25 -12.49
C THR A 111 12.29 29.18 -12.50
N CYS A 112 12.87 28.51 -11.52
CA CYS A 112 14.28 28.36 -11.46
C CYS A 112 14.80 27.25 -12.34
N HIS A 113 13.95 26.56 -13.09
CA HIS A 113 14.43 25.37 -13.80
C HIS A 113 15.09 24.36 -12.90
N ASP A 114 14.64 24.24 -11.65
CA ASP A 114 15.27 23.29 -10.74
C ASP A 114 14.61 21.91 -10.95
N PHE A 115 15.08 21.18 -11.96
CA PHE A 115 14.51 19.87 -12.33
C PHE A 115 14.61 18.86 -11.23
N ALA A 116 15.71 18.90 -10.46
CA ALA A 116 15.84 17.98 -9.35
C ALA A 116 14.80 18.20 -8.28
N VAL A 117 14.51 19.46 -7.93
CA VAL A 117 13.51 19.70 -6.94
C VAL A 117 12.14 19.33 -7.46
N MET A 118 11.86 19.62 -8.74
CA MET A 118 10.58 19.21 -9.31
C MET A 118 10.35 17.71 -9.31
N ALA A 119 11.38 16.96 -9.68
CA ALA A 119 11.35 15.52 -9.59
C ALA A 119 11.11 15.01 -8.16
N PHE A 120 11.85 15.57 -7.20
CA PHE A 120 11.69 15.18 -5.81
C PHE A 120 10.24 15.40 -5.31
N LEU A 121 9.61 16.51 -5.75
CA LEU A 121 8.25 16.84 -5.33
C LEU A 121 7.13 15.99 -5.92
N ASN A 122 7.33 15.33 -7.05
CA ASN A 122 6.26 14.59 -7.74
C ASN A 122 5.47 13.63 -6.89
N PRO A 123 6.15 12.78 -6.12
CA PRO A 123 5.35 11.84 -5.29
C PRO A 123 4.59 12.54 -4.23
N PHE A 124 5.07 13.68 -3.72
CA PHE A 124 4.32 14.42 -2.71
C PHE A 124 3.07 15.06 -3.31
N HIS A 125 3.15 15.56 -4.53
CA HIS A 125 1.94 16.12 -5.15
C HIS A 125 0.89 15.01 -5.24
N LEU A 126 1.31 13.83 -5.62
CA LEU A 126 0.31 12.77 -5.81
C LEU A 126 -0.20 12.26 -4.45
N GLN A 127 0.69 12.21 -3.47
CA GLN A 127 0.24 11.95 -2.07
C GLN A 127 -0.81 12.94 -1.60
N GLN A 128 -0.64 14.21 -1.93
CA GLN A 128 -1.61 15.17 -1.44
C GLN A 128 -3.00 14.97 -2.08
N VAL A 129 -3.03 14.62 -3.35
CA VAL A 129 -4.29 14.31 -4.03
C VAL A 129 -4.96 13.20 -3.26
N ASN A 130 -4.20 12.16 -2.92
CA ASN A 130 -4.75 11.06 -2.15
C ASN A 130 -5.23 11.44 -0.77
N ALA A 131 -4.44 12.24 -0.10
CA ALA A 131 -4.78 12.73 1.21
C ALA A 131 -6.02 13.62 1.24
N GLU A 132 -6.07 14.61 0.38
CA GLU A 132 -7.31 15.38 0.34
C GLU A 132 -8.56 14.52 0.08
N ASP A 133 -8.40 13.55 -0.82
CA ASP A 133 -9.53 12.72 -1.20
C ASP A 133 -9.97 11.90 0.01
N LYS A 134 -9.02 11.34 0.74
CA LYS A 134 -9.33 10.47 1.82
C LYS A 134 -9.94 11.22 3.03
N ILE A 135 -9.40 12.39 3.36
CA ILE A 135 -9.94 13.20 4.44
C ILE A 135 -11.33 13.70 4.06
N GLY A 136 -11.45 14.14 2.84
CA GLY A 136 -12.75 14.63 2.33
C GLY A 136 -13.85 13.58 2.43
N SER A 137 -13.50 12.35 2.09
CA SER A 137 -14.40 11.17 2.16
C SER A 137 -14.76 10.78 3.62
N ILE A 138 -13.77 10.73 4.51
CA ILE A 138 -14.11 10.55 5.94
C ILE A 138 -15.00 11.68 6.44
N LEU A 139 -14.70 12.94 6.10
CA LEU A 139 -15.52 14.03 6.56
C LEU A 139 -17.01 13.90 6.08
N ALA A 140 -17.20 13.51 4.83
CA ALA A 140 -18.56 13.26 4.30
C ALA A 140 -19.28 12.09 5.07
N LYS A 141 -18.55 11.05 5.47
CA LYS A 141 -19.18 9.99 6.24
C LYS A 141 -19.56 10.48 7.62
N VAL A 142 -18.62 11.14 8.28
CA VAL A 142 -18.85 11.75 9.55
C VAL A 142 -20.06 12.68 9.59
N THR A 143 -20.17 13.57 8.60
CA THR A 143 -21.24 14.53 8.52
C THR A 143 -22.57 13.86 8.25
N ASP A 144 -22.53 12.82 7.46
CA ASP A 144 -23.79 12.04 7.24
C ASP A 144 -24.23 11.24 8.53
N GLU A 145 -23.30 10.49 9.15
CA GLU A 145 -23.64 9.64 10.26
C GLU A 145 -24.01 10.44 11.49
N ASN A 146 -23.43 11.62 11.66
CA ASN A 146 -23.72 12.40 12.82
C ASN A 146 -25.13 13.00 12.79
N ARG A 147 -25.86 12.83 11.73
CA ARG A 147 -27.27 13.25 11.73
C ARG A 147 -28.17 12.38 12.66
N THR A 148 -27.69 11.27 13.16
CA THR A 148 -28.50 10.41 14.03
C THR A 148 -27.68 10.21 15.28
N PRO A 149 -28.22 10.60 16.47
CA PRO A 149 -27.43 10.61 17.72
C PRO A 149 -26.88 9.23 18.02
N GLY A 150 -25.58 9.13 18.32
CA GLY A 150 -24.98 7.84 18.62
C GLY A 150 -24.37 7.10 17.45
N LEU A 151 -24.82 7.38 16.24
CA LEU A 151 -24.48 6.55 15.12
C LEU A 151 -23.04 6.69 14.74
N LEU A 152 -22.52 7.91 14.89
CA LEU A 152 -21.12 8.14 14.55
C LEU A 152 -20.17 7.31 15.41
N ARG A 153 -20.56 7.15 16.65
CA ARG A 153 -19.87 6.29 17.58
C ARG A 153 -19.68 4.87 17.01
N SER A 154 -20.56 4.40 16.11
CA SER A 154 -20.23 3.22 15.29
C SER A 154 -19.13 3.34 14.21
N LEU A 155 -18.93 4.48 13.60
CA LEU A 155 -17.77 4.59 12.72
C LEU A 155 -16.51 4.34 13.54
N ASP A 156 -16.44 4.94 14.72
CA ASP A 156 -15.22 4.89 15.47
C ASP A 156 -14.84 3.46 15.86
N VAL A 157 -15.85 2.78 16.38
CA VAL A 157 -15.74 1.44 16.97
C VAL A 157 -15.45 0.45 15.83
N VAL A 158 -16.25 0.46 14.77
CA VAL A 158 -15.84 -0.25 13.52
C VAL A 158 -14.66 0.43 12.72
N SER A 159 -13.46 0.53 13.36
CA SER A 159 -12.10 0.63 12.69
C SER A 159 -10.93 0.98 13.64
N GLU B 3 -1.85 -2.69 63.86
CA GLU B 3 -1.25 -2.01 62.67
C GLU B 3 -2.28 -1.71 61.54
N GLU B 4 -2.29 -0.42 61.21
CA GLU B 4 -3.10 0.19 60.20
C GLU B 4 -2.72 -0.35 58.80
N LEU B 5 -1.43 -0.30 58.49
CA LEU B 5 -0.92 -0.85 57.26
C LEU B 5 -1.42 -2.27 57.09
N LEU B 6 -1.34 -3.08 58.13
CA LEU B 6 -1.78 -4.47 58.03
C LEU B 6 -3.31 -4.67 57.87
N ASP B 7 -4.12 -3.87 58.55
CA ASP B 7 -5.57 -3.90 58.39
C ASP B 7 -5.91 -3.45 56.98
N LEU B 8 -5.24 -2.41 56.48
CA LEU B 8 -5.51 -1.92 55.12
C LEU B 8 -5.12 -2.94 54.02
N PHE B 9 -4.08 -3.69 54.26
CA PHE B 9 -3.71 -4.75 53.36
C PHE B 9 -4.78 -5.84 53.32
N ASN B 10 -5.24 -6.24 54.49
CA ASN B 10 -6.40 -7.11 54.52
C ASN B 10 -7.60 -6.62 53.80
N ARG B 11 -7.95 -5.37 54.05
CA ARG B 11 -9.08 -4.79 53.43
C ARG B 11 -8.93 -4.83 51.94
N GLN B 12 -7.71 -4.62 51.45
CA GLN B 12 -7.48 -4.57 50.00
C GLN B 12 -7.84 -5.89 49.35
N VAL B 13 -7.53 -7.00 50.02
CA VAL B 13 -7.91 -8.31 49.53
C VAL B 13 -9.43 -8.40 49.39
N THR B 14 -10.11 -7.96 50.44
CA THR B 14 -11.53 -7.87 50.44
C THR B 14 -12.09 -7.02 49.34
N GLN B 15 -11.50 -5.84 49.10
CA GLN B 15 -11.96 -4.97 48.05
C GLN B 15 -11.86 -5.68 46.66
N GLU B 16 -10.76 -6.39 46.41
CA GLU B 16 -10.57 -7.04 45.11
C GLU B 16 -11.68 -8.09 44.94
N PHE B 17 -11.94 -8.88 45.97
CA PHE B 17 -12.96 -9.97 45.86
C PHE B 17 -14.37 -9.40 45.77
N THR B 18 -14.63 -8.28 46.49
CA THR B 18 -15.87 -7.53 46.37
C THR B 18 -16.09 -7.09 44.94
N ALA B 19 -15.05 -6.51 44.33
CA ALA B 19 -15.14 -6.04 42.96
C ALA B 19 -15.37 -7.22 42.03
N SER B 20 -14.73 -8.34 42.29
CA SER B 20 -14.94 -9.50 41.42
C SER B 20 -16.44 -9.86 41.46
N GLN B 21 -17.06 -9.78 42.65
CA GLN B 21 -18.46 -10.21 42.78
C GLN B 21 -19.37 -9.17 42.10
N VAL B 22 -19.03 -7.85 42.18
CA VAL B 22 -19.79 -6.82 41.52
C VAL B 22 -19.76 -7.01 40.00
N TYR B 23 -18.57 -7.36 39.50
CA TYR B 23 -18.42 -7.69 38.06
C TYR B 23 -19.24 -8.87 37.67
N LEU B 24 -19.28 -9.89 38.53
CA LEU B 24 -20.12 -11.00 38.30
C LEU B 24 -21.58 -10.61 38.30
N SER B 25 -21.99 -9.75 39.24
N SER B 25 -21.99 -9.75 39.24
CA SER B 25 -23.40 -9.27 39.22
CA SER B 25 -23.39 -9.27 39.24
C SER B 25 -23.75 -8.56 37.91
C SER B 25 -23.76 -8.55 37.94
N ALA B 26 -22.82 -7.77 37.40
CA ALA B 26 -23.02 -7.10 36.13
C ALA B 26 -23.18 -8.09 34.97
N SER B 27 -22.35 -9.13 34.93
N SER B 27 -22.34 -9.11 34.94
CA SER B 27 -22.50 -10.16 33.89
CA SER B 27 -22.46 -10.17 33.92
C SER B 27 -23.88 -10.78 33.97
C SER B 27 -23.83 -10.82 33.98
N ILE B 28 -24.34 -11.05 35.17
CA ILE B 28 -25.64 -11.66 35.35
C ILE B 28 -26.71 -10.74 34.80
N TRP B 29 -26.70 -9.47 35.18
CA TRP B 29 -27.76 -8.59 34.67
C TRP B 29 -27.69 -8.55 33.14
N PHE B 30 -26.48 -8.45 32.62
CA PHE B 30 -26.37 -8.40 31.15
C PHE B 30 -26.92 -9.66 30.51
N ASP B 31 -26.50 -10.80 31.01
CA ASP B 31 -26.98 -12.08 30.47
C ASP B 31 -28.46 -12.22 30.56
N GLN B 32 -29.05 -11.88 31.72
CA GLN B 32 -30.50 -11.95 31.86
C GLN B 32 -31.23 -11.08 30.89
N ASN B 33 -30.63 -9.96 30.48
CA ASN B 33 -31.27 -9.01 29.58
C ASN B 33 -30.74 -9.09 28.14
N ASP B 34 -30.04 -10.19 27.85
CA ASP B 34 -29.58 -10.58 26.52
C ASP B 34 -28.55 -9.65 25.93
N TRP B 35 -27.58 -9.23 26.75
CA TRP B 35 -26.46 -8.37 26.34
C TRP B 35 -25.26 -9.30 26.48
N GLU B 36 -25.15 -10.29 25.62
CA GLU B 36 -24.17 -11.36 25.87
C GLU B 36 -22.75 -10.85 25.71
N GLY B 37 -22.54 -9.85 24.87
CA GLY B 37 -21.21 -9.33 24.69
C GLY B 37 -20.71 -8.60 25.96
N MET B 38 -21.53 -7.68 26.45
CA MET B 38 -21.20 -6.98 27.70
C MET B 38 -21.09 -7.97 28.87
N ALA B 39 -21.94 -9.00 28.86
CA ALA B 39 -21.87 -10.07 29.87
C ALA B 39 -20.52 -10.78 29.88
N ALA B 40 -20.01 -11.20 28.71
CA ALA B 40 -18.69 -11.82 28.64
C ALA B 40 -17.56 -10.88 29.11
N TYR B 41 -17.60 -9.60 28.81
CA TYR B 41 -16.63 -8.63 29.24
C TYR B 41 -16.63 -8.59 30.78
N MET B 42 -17.83 -8.49 31.37
CA MET B 42 -17.90 -8.40 32.85
C MET B 42 -17.39 -9.68 33.50
N LEU B 43 -17.66 -10.81 32.90
CA LEU B 43 -17.22 -12.04 33.44
C LEU B 43 -15.70 -12.17 33.45
N ALA B 44 -15.10 -11.72 32.38
CA ALA B 44 -13.65 -11.71 32.23
C ALA B 44 -13.05 -10.78 33.27
N GLU B 45 -13.63 -9.58 33.44
CA GLU B 45 -13.18 -8.70 34.50
C GLU B 45 -13.36 -9.26 35.92
N SER B 46 -14.48 -9.93 36.16
CA SER B 46 -14.65 -10.66 37.44
C SER B 46 -13.47 -11.59 37.76
N ALA B 47 -13.02 -12.34 36.77
CA ALA B 47 -11.92 -13.30 36.99
C ALA B 47 -10.64 -12.54 37.25
N GLU B 48 -10.42 -11.47 36.53
CA GLU B 48 -9.17 -10.73 36.68
C GLU B 48 -9.07 -10.04 38.05
N GLU B 49 -10.16 -9.47 38.49
CA GLU B 49 -10.21 -8.87 39.84
C GLU B 49 -9.90 -9.92 40.92
N ARG B 50 -10.42 -11.10 40.77
CA ARG B 50 -10.09 -12.22 41.66
C ARG B 50 -8.61 -12.50 41.60
N GLU B 51 -8.04 -12.54 40.43
CA GLU B 51 -6.57 -12.70 40.30
C GLU B 51 -5.83 -11.61 41.03
N HIS B 52 -6.26 -10.36 40.94
CA HIS B 52 -5.58 -9.33 41.70
C HIS B 52 -5.62 -9.63 43.19
N GLY B 53 -6.79 -9.96 43.71
CA GLY B 53 -6.92 -10.38 45.11
C GLY B 53 -5.91 -11.48 45.48
N LEU B 54 -5.84 -12.47 44.65
CA LEU B 54 -4.91 -13.53 44.89
C LEU B 54 -3.44 -13.05 44.95
N GLY B 55 -3.12 -12.08 44.12
CA GLY B 55 -1.77 -11.56 44.08
C GLY B 55 -1.46 -10.87 45.38
N PHE B 56 -2.41 -10.14 45.89
CA PHE B 56 -2.28 -9.52 47.22
C PHE B 56 -2.10 -10.55 48.33
N VAL B 57 -2.92 -11.58 48.29
CA VAL B 57 -2.82 -12.69 49.22
C VAL B 57 -1.41 -13.28 49.20
N ASP B 58 -0.91 -13.57 47.99
CA ASP B 58 0.42 -14.21 47.85
C ASP B 58 1.54 -13.32 48.41
N PHE B 59 1.51 -12.02 48.10
CA PHE B 59 2.51 -11.12 48.66
C PHE B 59 2.43 -11.02 50.18
N ALA B 60 1.22 -10.89 50.69
CA ALA B 60 1.03 -10.84 52.12
C ALA B 60 1.64 -12.08 52.81
N ASN B 61 1.39 -13.25 52.24
CA ASN B 61 1.90 -14.51 52.81
C ASN B 61 3.47 -14.46 52.82
N LYS B 62 4.02 -14.07 51.68
CA LYS B 62 5.49 -13.90 51.62
C LYS B 62 6.07 -12.93 52.63
N ARG B 63 5.42 -11.80 52.82
CA ARG B 63 5.86 -10.75 53.69
C ARG B 63 5.38 -10.85 55.15
N ASN B 64 4.85 -12.02 55.54
CA ASN B 64 4.28 -12.23 56.87
C ASN B 64 3.28 -11.20 57.32
N ILE B 65 2.43 -10.76 56.39
CA ILE B 65 1.29 -9.90 56.69
C ILE B 65 0.12 -10.90 56.92
N PRO B 66 -0.37 -11.04 58.16
CA PRO B 66 -1.46 -12.02 58.40
C PRO B 66 -2.72 -11.62 57.59
N ILE B 67 -3.26 -12.53 56.85
CA ILE B 67 -4.51 -12.28 56.11
C ILE B 67 -5.48 -13.17 56.82
N GLU B 68 -6.65 -12.63 57.08
CA GLU B 68 -7.81 -13.41 57.42
C GLU B 68 -8.93 -12.96 56.47
N LEU B 69 -9.38 -13.92 55.69
CA LEU B 69 -10.37 -13.66 54.72
C LEU B 69 -11.65 -13.20 55.45
N GLN B 70 -12.24 -12.15 54.90
CA GLN B 70 -13.49 -11.61 55.38
C GLN B 70 -14.59 -12.10 54.46
N ALA B 71 -15.83 -11.83 54.86
CA ALA B 71 -16.99 -12.10 54.03
C ALA B 71 -16.86 -11.28 52.73
N VAL B 72 -17.34 -11.82 51.63
CA VAL B 72 -17.44 -11.01 50.43
C VAL B 72 -18.90 -10.53 50.31
N PRO B 73 -19.14 -9.22 50.53
CA PRO B 73 -20.49 -8.65 50.63
C PRO B 73 -21.26 -8.89 49.36
N ALA B 74 -22.56 -9.06 49.50
CA ALA B 74 -23.47 -9.29 48.38
C ALA B 74 -23.46 -7.99 47.58
N PRO B 75 -23.38 -8.08 46.24
CA PRO B 75 -23.49 -6.87 45.32
C PRO B 75 -24.89 -6.25 45.53
N VAL B 76 -24.98 -4.94 45.62
CA VAL B 76 -26.27 -4.30 45.89
C VAL B 76 -26.83 -3.49 44.71
N SER B 77 -25.95 -2.95 43.87
CA SER B 77 -26.43 -2.07 42.74
C SER B 77 -27.30 -2.77 41.73
N YCM B 78 -27.17 -4.11 41.56
N YCM B 78 -27.14 -4.07 41.66
CA YCM B 78 -27.98 -4.84 40.50
CA YCM B 78 -27.79 -4.88 40.65
CB YCM B 78 -27.78 -6.40 40.33
CB YCM B 78 -27.10 -6.27 40.60
SG YCM B 78 -29.13 -7.07 39.06
SG YCM B 78 -27.01 -7.09 42.23
CD YCM B 78 -28.85 -8.69 38.31
CD YCM B 78 -28.56 -7.92 42.09
CE YCM B 78 -28.18 -9.58 39.27
CE YCM B 78 -29.43 -7.62 43.31
OZ1 YCM B 78 -28.81 -10.41 39.95
OZ1 YCM B 78 -30.65 -7.83 43.29
NZ2 YCM B 78 -26.92 -9.40 39.40
NZ2 YCM B 78 -28.81 -7.09 44.33
C YCM B 78 -29.43 -4.65 40.69
C YCM B 78 -29.32 -4.94 40.80
O YCM B 78 -30.19 -4.55 39.69
O YCM B 78 -30.02 -5.26 39.84
N ALA B 79 -29.86 -4.57 41.97
CA ALA B 79 -31.29 -4.37 42.14
C ALA B 79 -31.86 -3.14 41.42
N GLU B 80 -31.07 -2.12 41.25
CA GLU B 80 -31.55 -0.86 40.71
C GLU B 80 -31.34 -0.75 39.19
N TRP B 81 -30.38 -1.48 38.63
CA TRP B 81 -30.06 -1.32 37.19
C TRP B 81 -31.27 -1.51 36.27
N SER B 82 -31.48 -0.58 35.37
CA SER B 82 -32.56 -0.70 34.35
C SER B 82 -32.07 -0.71 32.94
N SER B 83 -30.83 -0.35 32.71
CA SER B 83 -30.25 -0.26 31.37
C SER B 83 -28.74 -0.46 31.46
N PRO B 84 -28.11 -0.75 30.32
CA PRO B 84 -26.68 -0.88 30.34
C PRO B 84 -25.96 0.36 30.87
N GLU B 85 -26.50 1.57 30.61
CA GLU B 85 -25.85 2.73 31.16
C GLU B 85 -25.71 2.66 32.68
N ASP B 86 -26.77 2.21 33.35
CA ASP B 86 -26.75 2.14 34.81
C ASP B 86 -25.65 1.16 35.26
N VAL B 87 -25.50 0.03 34.55
CA VAL B 87 -24.49 -0.98 34.90
C VAL B 87 -23.09 -0.44 34.75
N TRP B 88 -22.80 0.17 33.61
CA TRP B 88 -21.42 0.67 33.35
C TRP B 88 -21.08 1.82 34.33
N GLN B 89 -22.07 2.61 34.69
CA GLN B 89 -21.83 3.70 35.69
C GLN B 89 -21.48 3.10 37.05
N SER B 90 -22.21 2.07 37.48
CA SER B 90 -21.82 1.39 38.75
C SER B 90 -20.43 0.83 38.68
N ILE B 91 -20.06 0.29 37.52
CA ILE B 91 -18.72 -0.29 37.35
C ILE B 91 -17.65 0.79 37.40
N LEU B 92 -17.93 1.96 36.82
CA LEU B 92 -16.99 3.06 36.94
C LEU B 92 -16.78 3.46 38.37
N GLU B 93 -17.87 3.55 39.12
CA GLU B 93 -17.75 3.87 40.53
C GLU B 93 -16.96 2.84 41.33
N LEU B 94 -17.12 1.58 40.97
CA LEU B 94 -16.43 0.48 41.56
C LEU B 94 -14.92 0.64 41.31
N GLU B 95 -14.56 0.96 40.07
CA GLU B 95 -13.14 1.18 39.78
C GLU B 95 -12.57 2.40 40.49
N GLN B 96 -13.37 3.44 40.58
CA GLN B 96 -12.88 4.61 41.28
C GLN B 96 -12.64 4.27 42.74
N ALA B 97 -13.55 3.54 43.34
CA ALA B 97 -13.39 3.09 44.72
C ALA B 97 -12.20 2.15 44.88
N ASN B 98 -12.00 1.21 43.93
N ASN B 98 -11.91 1.30 43.92
CA ASN B 98 -10.81 0.32 43.89
CA ASN B 98 -10.73 0.52 44.11
C ASN B 98 -9.49 1.25 43.92
C ASN B 98 -9.44 1.30 43.97
N THR B 99 -9.46 2.31 43.14
CA THR B 99 -8.27 3.17 43.00
C THR B 99 -8.02 3.84 44.35
N ARG B 100 -9.12 4.35 44.94
CA ARG B 100 -9.05 5.04 46.25
C ARG B 100 -8.55 4.11 47.30
N SER B 101 -9.01 2.87 47.33
CA SER B 101 -8.47 1.97 48.36
C SER B 101 -6.97 1.67 48.16
N LEU B 102 -6.52 1.54 46.91
CA LEU B 102 -5.13 1.30 46.68
C LEU B 102 -4.28 2.50 47.12
N LEU B 103 -4.75 3.70 46.81
CA LEU B 103 -4.08 4.92 47.18
C LEU B 103 -3.98 5.06 48.73
N ASN B 104 -5.04 4.69 49.43
CA ASN B 104 -4.96 4.70 50.88
C ASN B 104 -3.97 3.73 51.44
N LEU B 105 -3.92 2.54 50.85
CA LEU B 105 -2.95 1.58 51.24
C LEU B 105 -1.53 2.09 50.94
N ALA B 106 -1.36 2.71 49.80
CA ALA B 106 -0.03 3.24 49.44
C ALA B 106 0.36 4.38 50.43
N GLU B 107 -0.60 5.22 50.80
CA GLU B 107 -0.31 6.23 51.80
C GLU B 107 0.18 5.66 53.11
N ALA B 108 -0.49 4.64 53.63
CA ALA B 108 -0.05 4.01 54.86
C ALA B 108 1.35 3.42 54.68
N ALA B 109 1.59 2.74 53.57
CA ALA B 109 2.90 2.22 53.31
C ALA B 109 3.98 3.33 53.27
N SER B 110 3.64 4.43 52.66
CA SER B 110 4.58 5.53 52.53
C SER B 110 4.93 6.11 53.93
N THR B 111 3.92 6.39 54.72
CA THR B 111 4.08 6.75 56.12
C THR B 111 4.97 5.77 56.89
N CYS B 112 4.83 4.48 56.67
CA CYS B 112 5.69 3.48 57.33
C CYS B 112 7.07 3.32 56.65
N HIS B 113 7.37 4.08 55.61
CA HIS B 113 8.60 3.83 54.87
C HIS B 113 8.66 2.34 54.41
N ASP B 114 7.51 1.78 54.03
CA ASP B 114 7.51 0.37 53.62
C ASP B 114 7.76 0.28 52.08
N PHE B 115 9.02 0.35 51.71
CA PHE B 115 9.40 0.42 50.31
C PHE B 115 9.03 -0.78 49.52
N ALA B 116 9.03 -1.95 50.14
CA ALA B 116 8.61 -3.19 49.46
C ALA B 116 7.13 -3.16 49.10
N VAL B 117 6.30 -2.75 50.02
CA VAL B 117 4.86 -2.61 49.71
C VAL B 117 4.59 -1.56 48.62
N MET B 118 5.26 -0.43 48.72
CA MET B 118 5.09 0.59 47.70
C MET B 118 5.52 0.05 46.32
N ALA B 119 6.61 -0.73 46.29
CA ALA B 119 7.08 -1.29 45.03
C ALA B 119 6.05 -2.28 44.46
N PHE B 120 5.54 -3.14 45.33
CA PHE B 120 4.52 -4.09 44.96
C PHE B 120 3.26 -3.44 44.38
N LEU B 121 2.83 -2.32 44.97
CA LEU B 121 1.66 -1.65 44.49
C LEU B 121 1.81 -0.89 43.18
N ASN B 122 3.01 -0.48 42.80
CA ASN B 122 3.15 0.33 41.58
C ASN B 122 2.40 -0.17 40.30
N PRO B 123 2.56 -1.44 39.92
CA PRO B 123 1.79 -1.96 38.75
C PRO B 123 0.29 -1.82 38.94
N PHE B 124 -0.19 -1.98 40.17
CA PHE B 124 -1.60 -1.81 40.43
C PHE B 124 -2.03 -0.39 40.24
N HIS B 125 -1.25 0.56 40.71
CA HIS B 125 -1.59 1.97 40.48
C HIS B 125 -1.77 2.28 38.96
N LEU B 126 -0.87 1.73 38.15
CA LEU B 126 -0.91 1.95 36.70
C LEU B 126 -2.07 1.16 36.08
N GLN B 127 -2.32 -0.05 36.59
CA GLN B 127 -3.54 -0.77 36.11
C GLN B 127 -4.80 -0.03 36.40
N GLN B 128 -4.94 0.58 37.56
CA GLN B 128 -6.11 1.38 37.84
C GLN B 128 -6.28 2.56 36.92
N VAL B 129 -5.17 3.23 36.56
CA VAL B 129 -5.32 4.31 35.61
C VAL B 129 -5.91 3.76 34.30
N ASN B 130 -5.44 2.63 33.86
CA ASN B 130 -5.94 2.06 32.61
C ASN B 130 -7.39 1.57 32.71
N ALA B 131 -7.76 1.05 33.89
CA ALA B 131 -9.11 0.53 34.12
C ALA B 131 -10.12 1.68 34.16
N GLU B 132 -9.81 2.76 34.85
CA GLU B 132 -10.77 3.85 34.89
C GLU B 132 -10.93 4.49 33.53
N ASP B 133 -9.85 4.55 32.77
CA ASP B 133 -9.92 5.12 31.42
C ASP B 133 -10.79 4.24 30.48
N LYS B 134 -10.56 2.93 30.51
CA LYS B 134 -11.31 1.99 29.68
C LYS B 134 -12.82 2.00 29.99
N ILE B 135 -13.15 1.92 31.28
CA ILE B 135 -14.53 1.88 31.72
C ILE B 135 -15.18 3.19 31.37
N GLY B 136 -14.48 4.30 31.64
CA GLY B 136 -15.00 5.63 31.30
C GLY B 136 -15.33 5.82 29.83
N SER B 137 -14.47 5.32 28.99
CA SER B 137 -14.66 5.36 27.57
C SER B 137 -15.81 4.48 27.08
N ILE B 138 -15.94 3.27 27.61
CA ILE B 138 -17.04 2.46 27.29
C ILE B 138 -18.34 3.14 27.71
N LEU B 139 -18.35 3.68 28.92
CA LEU B 139 -19.52 4.39 29.42
C LEU B 139 -19.92 5.56 28.49
N ALA B 140 -18.93 6.34 28.02
CA ALA B 140 -19.21 7.38 27.07
C ALA B 140 -19.87 6.86 25.77
N LYS B 141 -19.39 5.72 25.29
CA LYS B 141 -19.90 5.14 24.07
C LYS B 141 -21.35 4.69 24.28
N VAL B 142 -21.57 4.05 25.38
CA VAL B 142 -22.89 3.52 25.70
C VAL B 142 -23.88 4.62 25.81
N THR B 143 -23.50 5.68 26.54
CA THR B 143 -24.35 6.80 26.78
C THR B 143 -24.71 7.50 25.48
N ASP B 144 -23.76 7.69 24.58
CA ASP B 144 -24.02 8.30 23.27
C ASP B 144 -24.93 7.40 22.42
N GLU B 145 -24.57 6.11 22.32
CA GLU B 145 -25.32 5.26 21.46
C GLU B 145 -26.73 4.97 21.94
N ASN B 146 -26.94 5.00 23.27
N ASN B 146 -26.95 4.99 23.26
CA ASN B 146 -28.28 4.80 23.85
CA ASN B 146 -28.29 4.75 23.74
C ASN B 146 -29.25 5.94 23.56
C ASN B 146 -29.27 5.85 23.42
N ARG B 147 -28.80 6.96 22.86
CA ARG B 147 -29.69 8.04 22.41
C ARG B 147 -30.63 7.68 21.30
N THR B 148 -30.30 6.63 20.53
CA THR B 148 -31.13 6.17 19.43
C THR B 148 -31.60 4.74 19.75
N PRO B 149 -32.93 4.53 19.79
CA PRO B 149 -33.45 3.20 20.17
C PRO B 149 -32.93 2.07 19.36
N GLY B 150 -32.50 1.04 20.06
CA GLY B 150 -31.85 -0.08 19.41
C GLY B 150 -30.39 -0.03 19.01
N LEU B 151 -29.80 1.16 18.92
CA LEU B 151 -28.45 1.31 18.36
C LEU B 151 -27.44 0.64 19.28
N LEU B 152 -27.67 0.72 20.58
CA LEU B 152 -26.66 0.22 21.57
C LEU B 152 -26.58 -1.29 21.42
N ARG B 153 -27.70 -1.89 21.07
CA ARG B 153 -27.77 -3.35 20.86
C ARG B 153 -26.82 -3.78 19.73
N SER B 154 -26.47 -2.87 18.82
CA SER B 154 -25.26 -3.08 17.95
C SER B 154 -23.82 -2.93 18.54
N LEU B 155 -23.64 -2.15 19.56
CA LEU B 155 -22.35 -2.22 20.27
C LEU B 155 -22.08 -3.63 20.76
N ASP B 156 -23.12 -4.26 21.28
CA ASP B 156 -22.96 -5.52 21.94
C ASP B 156 -22.62 -6.66 20.98
N VAL B 157 -23.49 -6.80 19.98
CA VAL B 157 -23.44 -7.85 18.93
C VAL B 157 -22.13 -7.72 18.17
N VAL B 158 -21.86 -6.54 17.60
CA VAL B 158 -20.63 -6.34 16.86
C VAL B 158 -19.42 -6.41 17.79
N SER B 159 -19.16 -5.35 18.56
CA SER B 159 -17.80 -5.04 19.01
C SER B 159 -17.29 -5.93 20.16
N PHE B 160 -18.13 -6.25 21.15
CA PHE B 160 -17.68 -6.99 22.33
C PHE B 160 -17.40 -8.46 22.04
N GLU C 3 59.11 0.25 -23.84
CA GLU C 3 59.37 -0.90 -24.78
C GLU C 3 58.11 -1.56 -25.38
N GLU C 4 58.35 -2.61 -26.17
CA GLU C 4 57.45 -3.11 -27.16
C GLU C 4 56.33 -3.94 -26.53
N LEU C 5 56.71 -4.74 -25.55
CA LEU C 5 55.75 -5.49 -24.81
C LEU C 5 54.79 -4.55 -24.07
N LEU C 6 55.31 -3.54 -23.39
CA LEU C 6 54.42 -2.55 -22.78
C LEU C 6 53.47 -1.87 -23.81
N ASP C 7 53.99 -1.57 -24.99
CA ASP C 7 53.20 -0.85 -25.97
C ASP C 7 52.05 -1.78 -26.44
N LEU C 8 52.37 -3.04 -26.66
CA LEU C 8 51.38 -3.98 -27.23
C LEU C 8 50.31 -4.37 -26.20
N PHE C 9 50.72 -4.38 -24.93
CA PHE C 9 49.81 -4.63 -23.87
C PHE C 9 48.78 -3.48 -23.77
N ASN C 10 49.26 -2.23 -23.75
CA ASN C 10 48.34 -1.12 -23.96
C ASN C 10 47.44 -1.16 -25.21
N ARG C 11 47.99 -1.53 -26.36
CA ARG C 11 47.17 -1.60 -27.55
C ARG C 11 46.13 -2.68 -27.35
N GLN C 12 46.47 -3.78 -26.67
CA GLN C 12 45.44 -4.82 -26.49
C GLN C 12 44.25 -4.26 -25.74
N VAL C 13 44.51 -3.49 -24.69
CA VAL C 13 43.43 -2.89 -23.89
C VAL C 13 42.50 -2.01 -24.77
N THR C 14 43.11 -1.14 -25.53
CA THR C 14 42.38 -0.35 -26.50
C THR C 14 41.56 -1.16 -27.48
N GLN C 15 42.14 -2.24 -28.01
CA GLN C 15 41.41 -3.08 -28.98
C GLN C 15 40.16 -3.70 -28.33
N GLU C 16 40.29 -4.11 -27.07
CA GLU C 16 39.15 -4.74 -26.38
C GLU C 16 38.04 -3.73 -26.21
N PHE C 17 38.40 -2.52 -25.76
CA PHE C 17 37.38 -1.49 -25.59
C PHE C 17 36.81 -1.03 -26.90
N THR C 18 37.63 -0.97 -27.95
CA THR C 18 37.14 -0.64 -29.23
C THR C 18 36.11 -1.72 -29.68
N ALA C 19 36.45 -2.99 -29.49
CA ALA C 19 35.53 -4.05 -29.85
C ALA C 19 34.24 -3.89 -29.07
N SER C 20 34.36 -3.56 -27.76
CA SER C 20 33.12 -3.32 -26.96
C SER C 20 32.24 -2.29 -27.63
N GLN C 21 32.86 -1.19 -28.07
CA GLN C 21 32.08 -0.12 -28.71
C GLN C 21 31.49 -0.52 -30.05
N VAL C 22 32.22 -1.34 -30.81
CA VAL C 22 31.75 -1.71 -32.13
C VAL C 22 30.53 -2.67 -31.94
N TYR C 23 30.67 -3.62 -31.02
CA TYR C 23 29.52 -4.48 -30.67
C TYR C 23 28.32 -3.66 -30.23
N LEU C 24 28.52 -2.64 -29.42
CA LEU C 24 27.43 -1.75 -29.08
C LEU C 24 26.81 -1.04 -30.27
N SER C 25 27.63 -0.55 -31.20
N SER C 25 27.66 -0.58 -31.20
CA SER C 25 27.08 0.03 -32.43
CA SER C 25 27.18 0.01 -32.45
C SER C 25 26.28 -1.02 -33.23
C SER C 25 26.29 -1.01 -33.19
N ALA C 26 26.71 -2.27 -33.25
CA ALA C 26 25.94 -3.31 -33.95
C ALA C 26 24.58 -3.48 -33.21
N SER C 27 24.58 -3.44 -31.88
N SER C 27 24.58 -3.47 -31.89
CA SER C 27 23.35 -3.58 -31.11
CA SER C 27 23.33 -3.58 -31.12
C SER C 27 22.37 -2.45 -31.45
C SER C 27 22.38 -2.47 -31.54
N ILE C 28 22.91 -1.25 -31.63
CA ILE C 28 22.10 -0.13 -31.92
C ILE C 28 21.50 -0.20 -33.32
N TRP C 29 22.28 -0.61 -34.30
CA TRP C 29 21.75 -0.75 -35.61
C TRP C 29 20.64 -1.83 -35.65
N PHE C 30 20.91 -2.94 -34.99
CA PHE C 30 19.92 -3.99 -34.92
C PHE C 30 18.63 -3.49 -34.25
N ASP C 31 18.78 -2.73 -33.18
CA ASP C 31 17.61 -2.25 -32.43
C ASP C 31 16.80 -1.26 -33.23
N GLN C 32 17.48 -0.30 -33.86
CA GLN C 32 16.85 0.64 -34.76
C GLN C 32 16.13 -0.04 -35.92
N ASN C 33 16.60 -1.18 -36.36
CA ASN C 33 16.02 -1.84 -37.47
C ASN C 33 15.13 -3.06 -37.09
N ASP C 34 14.81 -3.13 -35.80
CA ASP C 34 13.86 -4.11 -35.20
C ASP C 34 14.29 -5.53 -35.23
N TRP C 35 15.60 -5.73 -35.06
CA TRP C 35 16.22 -7.07 -34.95
C TRP C 35 16.62 -7.24 -33.50
N GLU C 36 15.65 -7.45 -32.61
CA GLU C 36 15.89 -7.30 -31.17
C GLU C 36 16.67 -8.46 -30.65
N GLY C 37 16.58 -9.61 -31.27
CA GLY C 37 17.36 -10.76 -30.91
C GLY C 37 18.87 -10.61 -31.19
N MET C 38 19.19 -10.21 -32.41
CA MET C 38 20.56 -9.91 -32.80
C MET C 38 21.10 -8.76 -31.94
N ALA C 39 20.26 -7.79 -31.63
CA ALA C 39 20.63 -6.66 -30.79
C ALA C 39 21.04 -7.11 -29.39
N ALA C 40 20.27 -8.01 -28.79
CA ALA C 40 20.60 -8.54 -27.50
C ALA C 40 21.93 -9.30 -27.49
N TYR C 41 22.17 -10.09 -28.53
CA TYR C 41 23.39 -10.82 -28.64
C TYR C 41 24.58 -9.82 -28.66
N MET C 42 24.48 -8.79 -29.50
CA MET C 42 25.63 -7.87 -29.65
C MET C 42 25.86 -7.11 -28.35
N LEU C 43 24.75 -6.74 -27.70
CA LEU C 43 24.84 -6.08 -26.39
C LEU C 43 25.59 -6.96 -25.39
N ALA C 44 25.26 -8.25 -25.36
CA ALA C 44 25.99 -9.16 -24.47
C ALA C 44 27.47 -9.31 -24.82
N GLU C 45 27.80 -9.34 -26.10
CA GLU C 45 29.16 -9.32 -26.50
C GLU C 45 29.88 -8.03 -26.16
N SER C 46 29.26 -6.89 -26.34
CA SER C 46 29.83 -5.61 -25.89
C SER C 46 30.28 -5.65 -24.42
N ALA C 47 29.42 -6.17 -23.56
CA ALA C 47 29.80 -6.30 -22.16
C ALA C 47 30.92 -7.31 -21.94
N GLU C 48 30.96 -8.40 -22.65
CA GLU C 48 32.02 -9.37 -22.50
C GLU C 48 33.39 -8.82 -22.94
N GLU C 49 33.38 -8.04 -24.00
CA GLU C 49 34.63 -7.51 -24.54
C GLU C 49 35.16 -6.47 -23.54
N ARG C 50 34.29 -5.66 -22.99
CA ARG C 50 34.71 -4.77 -21.90
C ARG C 50 35.34 -5.54 -20.74
N GLU C 51 34.68 -6.63 -20.29
CA GLU C 51 35.27 -7.48 -19.23
C GLU C 51 36.64 -7.98 -19.63
N HIS C 52 36.87 -8.39 -20.87
CA HIS C 52 38.25 -8.77 -21.28
C HIS C 52 39.26 -7.67 -21.09
N GLY C 53 38.89 -6.50 -21.56
CA GLY C 53 39.68 -5.30 -21.34
C GLY C 53 39.99 -5.10 -19.88
N LEU C 54 38.99 -5.17 -19.03
CA LEU C 54 39.21 -5.04 -17.60
C LEU C 54 40.14 -6.08 -17.03
N GLY C 55 40.12 -7.30 -17.56
CA GLY C 55 40.97 -8.39 -17.10
C GLY C 55 42.41 -8.08 -17.48
N PHE C 56 42.63 -7.54 -18.67
CA PHE C 56 44.00 -7.05 -19.12
C PHE C 56 44.49 -5.94 -18.21
N VAL C 57 43.62 -4.98 -17.90
CA VAL C 57 44.02 -3.89 -16.98
C VAL C 57 44.45 -4.41 -15.63
N ASP C 58 43.64 -5.25 -15.01
CA ASP C 58 43.93 -5.81 -13.69
C ASP C 58 45.28 -6.58 -13.70
N PHE C 59 45.54 -7.41 -14.72
CA PHE C 59 46.80 -8.14 -14.85
C PHE C 59 47.96 -7.18 -14.97
N ALA C 60 47.79 -6.19 -15.82
CA ALA C 60 48.79 -5.19 -16.04
C ALA C 60 49.15 -4.49 -14.74
N ASN C 61 48.15 -4.09 -13.98
CA ASN C 61 48.40 -3.37 -12.70
C ASN C 61 49.24 -4.30 -11.78
N LYS C 62 48.79 -5.54 -11.64
CA LYS C 62 49.52 -6.55 -10.84
C LYS C 62 50.96 -6.79 -11.29
N ARG C 63 51.20 -6.87 -12.59
CA ARG C 63 52.53 -7.09 -13.11
C ARG C 63 53.40 -5.83 -13.31
N ASN C 64 52.91 -4.68 -12.87
CA ASN C 64 53.57 -3.42 -13.03
C ASN C 64 53.82 -2.99 -14.46
N ILE C 65 52.91 -3.33 -15.35
CA ILE C 65 52.90 -2.85 -16.70
C ILE C 65 52.10 -1.55 -16.64
N PRO C 66 52.71 -0.37 -16.90
CA PRO C 66 51.88 0.86 -16.77
C PRO C 66 50.81 0.97 -17.92
N ILE C 67 49.57 1.11 -17.56
CA ILE C 67 48.52 1.25 -18.53
C ILE C 67 48.22 2.73 -18.53
N GLU C 68 48.10 3.27 -19.72
CA GLU C 68 47.57 4.59 -19.93
C GLU C 68 46.43 4.39 -20.93
N LEU C 69 45.23 4.74 -20.50
CA LEU C 69 44.07 4.52 -21.32
C LEU C 69 44.11 5.45 -22.56
N GLN C 70 43.93 4.87 -23.74
CA GLN C 70 43.92 5.63 -24.99
C GLN C 70 42.46 5.93 -25.35
N ALA C 71 42.29 6.78 -26.37
CA ALA C 71 40.98 7.06 -26.90
C ALA C 71 40.32 5.77 -27.44
N VAL C 72 38.99 5.66 -27.30
CA VAL C 72 38.29 4.62 -28.01
C VAL C 72 37.57 5.27 -29.15
N PRO C 73 37.97 4.97 -30.37
CA PRO C 73 37.43 5.74 -31.48
C PRO C 73 35.94 5.49 -31.70
N ALA C 74 35.31 6.39 -32.39
CA ALA C 74 33.93 6.21 -32.78
C ALA C 74 33.83 5.02 -33.76
N PRO C 75 32.84 4.10 -33.57
CA PRO C 75 32.58 3.03 -34.57
C PRO C 75 32.08 3.70 -35.82
N VAL C 76 32.55 3.33 -36.99
CA VAL C 76 32.04 4.04 -38.19
C VAL C 76 31.39 3.14 -39.24
N SER C 77 31.60 1.82 -39.18
CA SER C 77 30.90 0.89 -40.13
C SER C 77 29.41 1.01 -40.14
N YCM C 78 28.86 1.36 -38.98
N YCM C 78 28.81 1.38 -38.98
CA YCM C 78 27.44 1.52 -38.84
CA YCM C 78 27.34 1.55 -38.87
CB YCM C 78 27.13 1.87 -37.37
CB YCM C 78 26.78 2.07 -37.50
SG YCM C 78 28.32 3.01 -36.63
SG YCM C 78 24.89 2.37 -37.63
CD YCM C 78 27.35 4.47 -36.61
CD YCM C 78 24.11 2.73 -36.00
CE YCM C 78 27.60 5.48 -37.74
CE YCM C 78 25.12 2.45 -34.90
OZ1 YCM C 78 28.69 6.02 -37.86
OZ1 YCM C 78 25.49 1.34 -34.75
NZ2 YCM C 78 26.57 5.76 -38.50
NZ2 YCM C 78 25.62 3.47 -34.23
C YCM C 78 26.83 2.50 -39.83
C YCM C 78 26.83 2.44 -39.95
O YCM C 78 25.65 2.37 -40.18
O YCM C 78 25.73 2.21 -40.49
N ALA C 79 27.63 3.46 -40.31
CA ALA C 79 27.22 4.35 -41.40
C ALA C 79 26.85 3.62 -42.70
N GLU C 80 27.49 2.50 -42.99
CA GLU C 80 27.29 1.86 -44.25
C GLU C 80 26.50 0.52 -44.14
N TRP C 81 26.26 0.03 -42.93
CA TRP C 81 25.42 -1.18 -42.79
C TRP C 81 24.01 -0.93 -43.36
N SER C 82 23.55 -1.83 -44.18
CA SER C 82 22.20 -1.76 -44.70
C SER C 82 21.46 -3.10 -44.54
N SER C 83 22.11 -4.20 -44.14
CA SER C 83 21.39 -5.40 -43.74
C SER C 83 22.16 -6.17 -42.67
N PRO C 84 21.53 -7.20 -42.08
CA PRO C 84 22.24 -7.90 -41.02
C PRO C 84 23.46 -8.58 -41.51
N GLU C 85 23.45 -9.07 -42.77
CA GLU C 85 24.68 -9.65 -43.28
C GLU C 85 25.89 -8.69 -43.17
N ASP C 86 25.69 -7.38 -43.42
CA ASP C 86 26.79 -6.39 -43.42
C ASP C 86 27.31 -6.32 -41.97
N VAL C 87 26.38 -6.37 -40.99
CA VAL C 87 26.75 -6.17 -39.62
C VAL C 87 27.56 -7.36 -39.17
N TRP C 88 27.04 -8.56 -39.43
CA TRP C 88 27.79 -9.72 -38.99
C TRP C 88 29.14 -9.87 -39.66
N GLN C 89 29.24 -9.41 -40.90
CA GLN C 89 30.51 -9.42 -41.66
C GLN C 89 31.53 -8.52 -40.97
N SER C 90 31.07 -7.34 -40.56
CA SER C 90 31.94 -6.41 -39.80
C SER C 90 32.37 -6.98 -38.46
N ILE C 91 31.47 -7.67 -37.74
CA ILE C 91 31.81 -8.34 -36.49
C ILE C 91 32.83 -9.48 -36.66
N LEU C 92 32.69 -10.25 -37.72
CA LEU C 92 33.69 -11.28 -38.02
C LEU C 92 35.08 -10.63 -38.20
N GLU C 93 35.13 -9.58 -38.99
CA GLU C 93 36.38 -8.90 -39.26
C GLU C 93 36.92 -8.32 -37.96
N LEU C 94 36.03 -7.83 -37.11
CA LEU C 94 36.46 -7.36 -35.75
C LEU C 94 37.11 -8.43 -34.90
N GLU C 95 36.48 -9.62 -34.85
CA GLU C 95 37.07 -10.73 -34.12
C GLU C 95 38.37 -11.23 -34.74
N GLN C 96 38.47 -11.25 -36.05
CA GLN C 96 39.75 -11.60 -36.68
C GLN C 96 40.86 -10.62 -36.29
N ALA C 97 40.55 -9.34 -36.24
CA ALA C 97 41.50 -8.32 -35.75
C ALA C 97 41.83 -8.50 -34.25
N ASN C 98 40.85 -8.78 -33.39
CA ASN C 98 41.15 -9.05 -31.95
C ASN C 98 42.11 -10.23 -31.92
N THR C 99 41.91 -11.25 -32.76
CA THR C 99 42.85 -12.42 -32.71
C THR C 99 44.29 -12.02 -33.09
N ARG C 100 44.39 -11.25 -34.16
CA ARG C 100 45.64 -10.62 -34.60
C ARG C 100 46.33 -9.86 -33.46
N SER C 101 45.64 -8.90 -32.81
CA SER C 101 46.31 -8.13 -31.77
C SER C 101 46.75 -9.05 -30.62
N LEU C 102 46.00 -10.11 -30.31
CA LEU C 102 46.44 -11.07 -29.28
C LEU C 102 47.63 -11.86 -29.67
N LEU C 103 47.64 -12.39 -30.89
CA LEU C 103 48.82 -13.07 -31.41
C LEU C 103 50.06 -12.16 -31.48
N ASN C 104 49.93 -10.89 -31.84
CA ASN C 104 51.06 -9.93 -31.76
C ASN C 104 51.60 -9.79 -30.39
N LEU C 105 50.71 -9.57 -29.41
CA LEU C 105 51.12 -9.50 -28.02
C LEU C 105 51.88 -10.76 -27.62
N ALA C 106 51.37 -11.93 -28.00
CA ALA C 106 51.95 -13.20 -27.56
C ALA C 106 53.32 -13.42 -28.21
N GLU C 107 53.43 -12.94 -29.42
CA GLU C 107 54.71 -12.96 -30.14
C GLU C 107 55.76 -12.16 -29.40
N ALA C 108 55.40 -10.99 -28.97
CA ALA C 108 56.32 -10.19 -28.23
C ALA C 108 56.64 -10.78 -26.84
N ALA C 109 55.65 -11.30 -26.17
CA ALA C 109 55.91 -11.93 -24.90
C ALA C 109 56.87 -13.14 -25.07
N SER C 110 56.67 -13.91 -26.14
CA SER C 110 57.52 -15.05 -26.43
C SER C 110 58.99 -14.64 -26.64
N THR C 111 59.19 -13.60 -27.43
CA THR C 111 60.52 -12.99 -27.67
C THR C 111 61.21 -12.61 -26.39
N CYS C 112 60.45 -12.03 -25.51
CA CYS C 112 60.94 -11.58 -24.23
C CYS C 112 61.01 -12.69 -23.21
N HIS C 113 60.68 -13.90 -23.58
CA HIS C 113 60.66 -15.00 -22.63
C HIS C 113 59.75 -14.63 -21.42
N ASP C 114 58.66 -13.91 -21.65
CA ASP C 114 57.79 -13.47 -20.56
C ASP C 114 56.75 -14.59 -20.31
N PHE C 115 57.18 -15.61 -19.57
CA PHE C 115 56.35 -16.78 -19.30
C PHE C 115 55.03 -16.45 -18.64
N ALA C 116 55.00 -15.50 -17.71
CA ALA C 116 53.77 -15.08 -17.02
C ALA C 116 52.74 -14.47 -17.98
N VAL C 117 53.19 -13.60 -18.89
CA VAL C 117 52.28 -13.01 -19.85
C VAL C 117 51.75 -14.09 -20.80
N MET C 118 52.60 -14.96 -21.29
CA MET C 118 52.10 -16.03 -22.15
C MET C 118 51.07 -16.93 -21.48
N ALA C 119 51.30 -17.30 -20.24
CA ALA C 119 50.32 -18.06 -19.46
C ALA C 119 49.01 -17.34 -19.31
N PHE C 120 49.11 -16.04 -18.98
CA PHE C 120 47.97 -15.18 -18.92
C PHE C 120 47.14 -15.15 -20.23
N LEU C 121 47.83 -15.17 -21.37
CA LEU C 121 47.15 -15.06 -22.64
C LEU C 121 46.50 -16.35 -23.06
N ASN C 122 46.98 -17.50 -22.60
CA ASN C 122 46.39 -18.76 -23.07
C ASN C 122 44.86 -18.87 -23.10
N PRO C 123 44.16 -18.49 -22.02
CA PRO C 123 42.70 -18.65 -22.16
C PRO C 123 42.12 -17.74 -23.22
N PHE C 124 42.75 -16.61 -23.45
CA PHE C 124 42.25 -15.70 -24.44
C PHE C 124 42.50 -16.27 -25.84
N HIS C 125 43.61 -16.95 -26.07
CA HIS C 125 43.81 -17.57 -27.42
C HIS C 125 42.67 -18.55 -27.71
N LEU C 126 42.30 -19.34 -26.72
CA LEU C 126 41.26 -20.35 -26.89
C LEU C 126 39.86 -19.70 -27.03
N GLN C 127 39.59 -18.65 -26.25
CA GLN C 127 38.34 -17.93 -26.44
C GLN C 127 38.23 -17.36 -27.85
N GLN C 128 39.30 -16.81 -28.40
CA GLN C 128 39.24 -16.29 -29.74
C GLN C 128 39.01 -17.33 -30.79
N VAL C 129 39.56 -18.52 -30.60
CA VAL C 129 39.17 -19.62 -31.48
C VAL C 129 37.66 -19.81 -31.46
N ASN C 130 37.09 -19.87 -30.29
CA ASN C 130 35.67 -20.07 -30.14
C ASN C 130 34.84 -18.93 -30.73
N ALA C 131 35.29 -17.73 -30.47
CA ALA C 131 34.60 -16.56 -31.00
C ALA C 131 34.59 -16.47 -32.51
N GLU C 132 35.72 -16.63 -33.18
CA GLU C 132 35.70 -16.62 -34.61
C GLU C 132 34.86 -17.76 -35.14
N ASP C 133 34.92 -18.95 -34.51
CA ASP C 133 34.14 -20.05 -35.04
C ASP C 133 32.64 -19.69 -34.98
N LYS C 134 32.23 -19.15 -33.86
CA LYS C 134 30.82 -18.88 -33.60
C LYS C 134 30.24 -17.73 -34.46
N ILE C 135 30.99 -16.64 -34.60
CA ILE C 135 30.60 -15.55 -35.49
C ILE C 135 30.58 -16.03 -36.94
N GLY C 136 31.62 -16.73 -37.37
CA GLY C 136 31.59 -17.35 -38.72
C GLY C 136 30.35 -18.16 -39.01
N SER C 137 29.99 -18.98 -38.04
CA SER C 137 28.83 -19.86 -38.12
C SER C 137 27.49 -19.07 -38.18
N ILE C 138 27.35 -18.04 -37.36
CA ILE C 138 26.17 -17.21 -37.48
C ILE C 138 26.13 -16.51 -38.82
N LEU C 139 27.28 -16.02 -39.25
CA LEU C 139 27.29 -15.32 -40.53
C LEU C 139 26.79 -16.25 -41.69
N ALA C 140 27.23 -17.51 -41.65
CA ALA C 140 26.84 -18.51 -42.63
C ALA C 140 25.36 -18.71 -42.59
N LYS C 141 24.80 -18.84 -41.39
CA LYS C 141 23.33 -18.99 -41.25
C LYS C 141 22.59 -17.80 -41.83
N VAL C 142 23.05 -16.60 -41.52
CA VAL C 142 22.40 -15.35 -41.94
C VAL C 142 22.42 -15.24 -43.43
N THR C 143 23.57 -15.57 -44.02
CA THR C 143 23.75 -15.40 -45.42
C THR C 143 22.82 -16.37 -46.17
N ASP C 144 22.75 -17.60 -45.70
CA ASP C 144 21.84 -18.61 -46.28
C ASP C 144 20.39 -18.22 -46.09
N GLU C 145 19.99 -17.83 -44.87
CA GLU C 145 18.57 -17.55 -44.66
C GLU C 145 18.09 -16.34 -45.37
N ASN C 146 18.98 -15.35 -45.53
N ASN C 146 18.96 -15.36 -45.55
CA ASN C 146 18.64 -14.10 -46.23
CA ASN C 146 18.55 -14.14 -46.20
C ASN C 146 18.45 -14.25 -47.74
C ASN C 146 18.22 -14.30 -47.69
N ARG C 147 18.51 -15.46 -48.25
CA ARG C 147 18.21 -15.73 -49.67
C ARG C 147 16.71 -15.78 -49.89
N THR C 148 15.90 -15.94 -48.83
CA THR C 148 14.47 -15.95 -48.98
C THR C 148 13.90 -14.75 -48.21
N PRO C 149 13.12 -13.88 -48.90
CA PRO C 149 12.57 -12.72 -48.20
C PRO C 149 11.80 -13.04 -46.94
N GLY C 150 12.12 -12.34 -45.85
CA GLY C 150 11.43 -12.61 -44.61
C GLY C 150 11.96 -13.70 -43.72
N LEU C 151 12.61 -14.70 -44.33
CA LEU C 151 13.06 -15.86 -43.58
C LEU C 151 14.01 -15.53 -42.41
N LEU C 152 14.97 -14.63 -42.65
CA LEU C 152 15.89 -14.20 -41.64
C LEU C 152 15.20 -13.58 -40.41
N ARG C 153 14.19 -12.78 -40.64
CA ARG C 153 13.42 -12.16 -39.57
C ARG C 153 12.82 -13.24 -38.72
N SER C 154 12.37 -14.30 -39.38
CA SER C 154 11.67 -15.32 -38.64
C SER C 154 12.60 -16.08 -37.75
N LEU C 155 13.91 -15.89 -37.88
CA LEU C 155 14.86 -16.58 -37.01
C LEU C 155 15.69 -15.70 -36.03
N ASP C 156 15.60 -14.37 -36.13
CA ASP C 156 15.89 -13.48 -35.02
C ASP C 156 14.90 -13.74 -33.86
N VAL C 157 13.62 -13.74 -34.24
CA VAL C 157 12.45 -13.92 -33.35
C VAL C 157 12.56 -15.21 -32.56
N VAL C 158 12.78 -16.32 -33.27
CA VAL C 158 12.93 -17.64 -32.65
C VAL C 158 14.25 -17.74 -31.88
N SER C 159 15.35 -17.75 -32.62
CA SER C 159 16.65 -18.00 -32.06
C SER C 159 17.13 -16.78 -31.23
N PHE C 160 18.37 -16.84 -30.73
CA PHE C 160 18.96 -15.77 -29.89
C PHE C 160 18.19 -15.57 -28.59
N SER D 2 -8.77 24.68 -15.11
CA SER D 2 -9.57 25.49 -16.04
C SER D 2 -10.35 24.54 -16.92
N GLU D 3 -11.49 25.00 -17.40
CA GLU D 3 -12.35 24.30 -18.38
C GLU D 3 -11.62 23.37 -19.35
N GLU D 4 -10.58 23.87 -20.05
CA GLU D 4 -9.94 23.16 -21.17
C GLU D 4 -9.24 21.90 -20.64
N LEU D 5 -8.58 22.06 -19.51
CA LEU D 5 -7.92 20.94 -18.85
C LEU D 5 -8.93 19.87 -18.44
N LEU D 6 -10.00 20.25 -17.77
CA LEU D 6 -11.09 19.29 -17.43
C LEU D 6 -11.78 18.54 -18.64
N ASP D 7 -11.99 19.30 -19.70
N ASP D 7 -11.99 19.22 -19.75
CA ASP D 7 -12.48 18.80 -20.96
CA ASP D 7 -12.57 18.57 -20.90
C ASP D 7 -11.53 17.70 -21.41
C ASP D 7 -11.51 17.67 -21.57
N LEU D 8 -10.24 18.02 -21.44
CA LEU D 8 -9.22 17.15 -22.02
C LEU D 8 -9.06 15.88 -21.17
N PHE D 9 -9.25 16.03 -19.89
CA PHE D 9 -9.15 14.90 -19.00
C PHE D 9 -10.31 13.98 -19.31
N ASN D 10 -11.52 14.51 -19.42
CA ASN D 10 -12.64 13.64 -19.89
C ASN D 10 -12.45 12.96 -21.17
N ARG D 11 -11.93 13.71 -22.10
N ARG D 11 -11.89 13.66 -22.15
CA ARG D 11 -11.63 13.20 -23.39
CA ARG D 11 -11.64 13.07 -23.46
C ARG D 11 -10.70 11.98 -23.30
C ARG D 11 -10.52 12.03 -23.48
N GLN D 12 -9.66 12.09 -22.46
CA GLN D 12 -8.62 11.05 -22.38
C GLN D 12 -9.24 9.72 -21.97
N VAL D 13 -10.21 9.78 -21.06
CA VAL D 13 -10.89 8.56 -20.65
C VAL D 13 -11.52 7.92 -21.89
N THR D 14 -12.21 8.77 -22.66
CA THR D 14 -12.86 8.28 -23.87
C THR D 14 -11.84 7.66 -24.83
N GLN D 15 -10.70 8.30 -25.02
CA GLN D 15 -9.70 7.87 -25.92
C GLN D 15 -9.16 6.49 -25.53
N GLU D 16 -8.94 6.29 -24.23
CA GLU D 16 -8.50 5.00 -23.71
C GLU D 16 -9.54 3.92 -24.03
N PHE D 17 -10.81 4.16 -23.75
CA PHE D 17 -11.87 3.17 -24.04
C PHE D 17 -12.07 2.94 -25.51
N THR D 18 -11.86 4.02 -26.31
CA THR D 18 -11.90 3.92 -27.77
C THR D 18 -10.84 2.96 -28.25
N ALA D 19 -9.64 3.12 -27.73
CA ALA D 19 -8.51 2.32 -28.15
C ALA D 19 -8.71 0.88 -27.66
N SER D 20 -9.30 0.71 -26.48
CA SER D 20 -9.70 -0.64 -26.07
C SER D 20 -10.58 -1.32 -27.08
N GLN D 21 -11.51 -0.59 -27.66
CA GLN D 21 -12.44 -1.21 -28.60
C GLN D 21 -11.78 -1.48 -29.93
N VAL D 22 -10.90 -0.57 -30.36
CA VAL D 22 -10.11 -0.76 -31.57
C VAL D 22 -9.24 -2.03 -31.42
N TYR D 23 -8.57 -2.18 -30.30
CA TYR D 23 -7.81 -3.44 -30.09
C TYR D 23 -8.69 -4.68 -30.10
N LEU D 24 -9.90 -4.59 -29.53
CA LEU D 24 -10.82 -5.69 -29.64
C LEU D 24 -11.19 -6.02 -31.06
N SER D 25 -11.42 -4.97 -31.88
N SER D 25 -11.43 -4.98 -31.87
CA SER D 25 -11.79 -5.17 -33.30
CA SER D 25 -11.79 -5.19 -33.29
C SER D 25 -10.63 -5.88 -34.01
C SER D 25 -10.63 -5.88 -34.00
N ALA D 26 -9.41 -5.51 -33.66
CA ALA D 26 -8.22 -6.16 -34.25
C ALA D 26 -8.24 -7.68 -33.86
N SER D 27 -8.58 -7.97 -32.60
N SER D 27 -8.58 -7.96 -32.60
CA SER D 27 -8.62 -9.37 -32.13
CA SER D 27 -8.62 -9.35 -32.12
C SER D 27 -9.62 -10.16 -32.94
C SER D 27 -9.64 -10.17 -32.88
N ILE D 28 -10.76 -9.55 -33.17
CA ILE D 28 -11.80 -10.18 -33.91
C ILE D 28 -11.37 -10.51 -35.33
N TRP D 29 -10.80 -9.53 -36.03
CA TRP D 29 -10.40 -9.77 -37.38
C TRP D 29 -9.35 -10.93 -37.35
N PHE D 30 -8.41 -10.88 -36.42
CA PHE D 30 -7.37 -11.89 -36.34
C PHE D 30 -7.97 -13.28 -36.09
N ASP D 31 -8.89 -13.38 -35.15
CA ASP D 31 -9.58 -14.66 -34.88
C ASP D 31 -10.37 -15.16 -36.05
N GLN D 32 -11.13 -14.27 -36.67
CA GLN D 32 -11.90 -14.64 -37.83
C GLN D 32 -11.06 -15.16 -38.93
N ASN D 33 -9.84 -14.69 -39.05
CA ASN D 33 -8.98 -15.11 -40.13
C ASN D 33 -7.87 -16.10 -39.70
N ASP D 34 -8.08 -16.68 -38.50
CA ASP D 34 -7.25 -17.76 -37.97
C ASP D 34 -5.83 -17.36 -37.66
N TRP D 35 -5.67 -16.15 -37.10
CA TRP D 35 -4.41 -15.67 -36.57
C TRP D 35 -4.60 -15.64 -35.04
N GLU D 36 -4.62 -16.80 -34.37
CA GLU D 36 -4.99 -16.83 -32.93
C GLU D 36 -3.98 -16.21 -32.04
N GLY D 37 -2.70 -16.25 -32.43
CA GLY D 37 -1.65 -15.63 -31.65
C GLY D 37 -1.79 -14.12 -31.65
N MET D 38 -1.89 -13.55 -32.84
CA MET D 38 -2.03 -12.08 -32.92
C MET D 38 -3.35 -11.66 -32.28
N ALA D 39 -4.38 -12.52 -32.35
CA ALA D 39 -5.65 -12.17 -31.71
C ALA D 39 -5.50 -12.17 -30.19
N ALA D 40 -4.76 -13.14 -29.64
CA ALA D 40 -4.49 -13.09 -28.21
C ALA D 40 -3.80 -11.81 -27.77
N TYR D 41 -2.79 -11.37 -28.52
CA TYR D 41 -2.07 -10.17 -28.23
C TYR D 41 -3.00 -8.97 -28.19
N MET D 42 -3.86 -8.86 -29.19
CA MET D 42 -4.74 -7.69 -29.26
C MET D 42 -5.78 -7.72 -28.13
N LEU D 43 -6.27 -8.91 -27.80
CA LEU D 43 -7.18 -9.02 -26.70
C LEU D 43 -6.56 -8.54 -25.40
N ALA D 44 -5.30 -8.92 -25.14
CA ALA D 44 -4.63 -8.48 -23.94
C ALA D 44 -4.43 -6.96 -23.93
N GLU D 45 -4.05 -6.39 -25.05
CA GLU D 45 -3.96 -4.94 -25.12
C GLU D 45 -5.29 -4.21 -24.92
N SER D 46 -6.38 -4.79 -25.42
CA SER D 46 -7.72 -4.21 -25.25
C SER D 46 -8.01 -4.07 -23.74
N ALA D 47 -7.74 -5.15 -22.99
CA ALA D 47 -7.87 -5.14 -21.52
C ALA D 47 -7.03 -4.06 -20.86
N GLU D 48 -5.80 -3.98 -21.28
CA GLU D 48 -4.88 -3.01 -20.78
C GLU D 48 -5.27 -1.56 -21.02
N GLU D 49 -5.71 -1.27 -22.26
CA GLU D 49 -6.19 0.10 -22.51
C GLU D 49 -7.37 0.44 -21.60
N ARG D 50 -8.23 -0.53 -21.37
CA ARG D 50 -9.37 -0.24 -20.51
C ARG D 50 -8.82 0.06 -19.10
N GLU D 51 -7.80 -0.64 -18.67
CA GLU D 51 -7.27 -0.38 -17.35
C GLU D 51 -6.68 1.01 -17.27
N HIS D 52 -5.97 1.44 -18.31
CA HIS D 52 -5.54 2.86 -18.36
C HIS D 52 -6.68 3.85 -18.21
N GLY D 53 -7.77 3.60 -18.91
CA GLY D 53 -8.93 4.47 -18.76
C GLY D 53 -9.45 4.47 -17.33
N LEU D 54 -9.52 3.30 -16.72
CA LEU D 54 -9.93 3.22 -15.36
C LEU D 54 -9.02 4.00 -14.40
N GLY D 55 -7.72 4.00 -14.67
CA GLY D 55 -6.75 4.75 -13.83
C GLY D 55 -6.95 6.26 -13.95
N PHE D 56 -7.23 6.76 -15.16
CA PHE D 56 -7.66 8.14 -15.31
C PHE D 56 -8.95 8.44 -14.58
N VAL D 57 -9.94 7.56 -14.65
CA VAL D 57 -11.22 7.84 -13.92
C VAL D 57 -10.97 7.96 -12.40
N ASP D 58 -10.21 7.01 -11.90
CA ASP D 58 -9.82 6.99 -10.48
C ASP D 58 -9.14 8.27 -10.06
N PHE D 59 -8.16 8.73 -10.81
CA PHE D 59 -7.46 9.93 -10.50
C PHE D 59 -8.35 11.16 -10.52
N ALA D 60 -9.17 11.25 -11.57
CA ALA D 60 -10.08 12.36 -11.74
C ALA D 60 -11.06 12.40 -10.54
N ASN D 61 -11.56 11.25 -10.14
CA ASN D 61 -12.46 11.22 -9.00
C ASN D 61 -11.73 11.76 -7.75
N LYS D 62 -10.51 11.32 -7.53
CA LYS D 62 -9.73 11.77 -6.34
C LYS D 62 -9.46 13.29 -6.36
N ARG D 63 -9.16 13.82 -7.54
CA ARG D 63 -8.84 15.21 -7.75
C ARG D 63 -10.06 16.10 -8.05
N ASN D 64 -11.27 15.56 -7.91
CA ASN D 64 -12.50 16.25 -8.21
C ASN D 64 -12.53 16.88 -9.59
N ILE D 65 -12.01 16.17 -10.58
CA ILE D 65 -12.22 16.50 -11.99
C ILE D 65 -13.50 15.74 -12.37
N PRO D 66 -14.62 16.45 -12.63
CA PRO D 66 -15.85 15.70 -12.94
C PRO D 66 -15.69 14.93 -14.24
N ILE D 67 -16.03 13.68 -14.18
CA ILE D 67 -15.95 12.83 -15.36
C ILE D 67 -17.38 12.58 -15.71
N GLU D 68 -17.69 12.61 -16.99
CA GLU D 68 -18.97 12.04 -17.42
C GLU D 68 -18.64 11.19 -18.63
N LEU D 69 -19.02 9.92 -18.51
CA LEU D 69 -18.69 8.97 -19.54
C LEU D 69 -19.43 9.32 -20.83
N GLN D 70 -18.69 9.30 -21.91
CA GLN D 70 -19.12 9.57 -23.23
C GLN D 70 -19.39 8.23 -23.94
N ALA D 71 -20.12 8.30 -25.04
CA ALA D 71 -20.24 7.18 -25.88
C ALA D 71 -18.82 6.70 -26.29
N VAL D 72 -18.66 5.37 -26.43
CA VAL D 72 -17.48 4.83 -27.02
C VAL D 72 -17.73 4.52 -28.50
N PRO D 73 -17.06 5.26 -29.41
CA PRO D 73 -17.40 5.11 -30.83
C PRO D 73 -17.05 3.74 -31.31
N ALA D 74 -17.87 3.23 -32.21
CA ALA D 74 -17.57 2.04 -33.00
C ALA D 74 -16.23 2.16 -33.69
N PRO D 75 -15.43 1.08 -33.62
CA PRO D 75 -14.21 1.00 -34.43
C PRO D 75 -14.57 1.02 -35.91
N VAL D 76 -13.76 1.67 -36.74
CA VAL D 76 -14.14 1.84 -38.16
C VAL D 76 -13.18 1.14 -39.09
N SER D 77 -11.92 1.00 -38.69
CA SER D 77 -10.89 0.40 -39.59
C SER D 77 -11.02 -1.03 -40.00
N YCM D 78 -11.75 -1.77 -39.21
N YCM D 78 -11.72 -1.86 -39.19
CA YCM D 78 -11.81 -3.18 -39.38
CA YCM D 78 -11.80 -3.31 -39.50
CB YCM D 78 -12.39 -3.76 -38.09
CB YCM D 78 -12.62 -4.23 -38.52
SG YCM D 78 -13.69 -2.74 -37.34
SG YCM D 78 -12.72 -5.97 -39.22
CD YCM D 78 -14.97 -3.70 -37.99
CD YCM D 78 -13.16 -7.31 -38.05
CE YCM D 78 -15.74 -2.99 -39.11
CE YCM D 78 -14.10 -6.80 -37.01
OZ1 YCM D 78 -15.62 -1.78 -39.26
OZ1 YCM D 78 -13.66 -6.21 -36.06
NZ2 YCM D 78 -16.50 -3.73 -39.90
NZ2 YCM D 78 -15.39 -6.94 -37.26
C YCM D 78 -12.58 -3.58 -40.62
C YCM D 78 -12.41 -3.50 -40.81
O YCM D 78 -12.43 -4.69 -41.12
O YCM D 78 -11.96 -4.38 -41.55
N ALA D 79 -13.41 -2.70 -41.15
CA ALA D 79 -14.15 -2.98 -42.40
C ALA D 79 -13.20 -3.06 -43.54
N GLU D 80 -12.10 -2.31 -43.52
CA GLU D 80 -11.22 -2.37 -44.68
C GLU D 80 -9.86 -3.17 -44.53
N TRP D 81 -9.62 -3.78 -43.38
CA TRP D 81 -8.45 -4.64 -43.27
C TRP D 81 -8.57 -5.86 -44.19
N SER D 82 -7.51 -6.13 -44.93
CA SER D 82 -7.38 -7.36 -45.72
C SER D 82 -6.24 -8.30 -45.35
N SER D 83 -5.26 -7.85 -44.58
CA SER D 83 -4.16 -8.68 -44.15
C SER D 83 -3.63 -8.20 -42.77
N PRO D 84 -2.83 -9.05 -42.10
CA PRO D 84 -2.32 -8.65 -40.82
C PRO D 84 -1.57 -7.34 -40.91
N GLU D 85 -0.87 -7.05 -42.02
CA GLU D 85 -0.18 -5.76 -42.14
C GLU D 85 -1.09 -4.56 -41.96
N ASP D 86 -2.28 -4.61 -42.55
CA ASP D 86 -3.27 -3.53 -42.46
C ASP D 86 -3.69 -3.31 -41.00
N VAL D 87 -3.93 -4.40 -40.28
CA VAL D 87 -4.29 -4.31 -38.85
C VAL D 87 -3.21 -3.70 -37.98
N TRP D 88 -1.96 -4.20 -38.08
CA TRP D 88 -0.87 -3.67 -37.27
C TRP D 88 -0.61 -2.20 -37.59
N GLN D 89 -0.83 -1.84 -38.87
CA GLN D 89 -0.68 -0.42 -39.29
C GLN D 89 -1.71 0.46 -38.62
N SER D 90 -2.98 0.05 -38.63
CA SER D 90 -3.99 0.77 -37.90
C SER D 90 -3.72 0.86 -36.41
N ILE D 91 -3.21 -0.21 -35.81
CA ILE D 91 -2.89 -0.18 -34.40
C ILE D 91 -1.73 0.77 -34.11
N LEU D 92 -0.71 0.84 -34.98
CA LEU D 92 0.36 1.84 -34.82
C LEU D 92 -0.22 3.23 -34.84
N GLU D 93 -1.12 3.51 -35.78
CA GLU D 93 -1.74 4.85 -35.84
C GLU D 93 -2.52 5.24 -34.60
N LEU D 94 -3.26 4.27 -34.10
CA LEU D 94 -4.00 4.37 -32.87
C LEU D 94 -3.09 4.77 -31.74
N GLU D 95 -1.98 4.08 -31.61
CA GLU D 95 -1.03 4.40 -30.51
C GLU D 95 -0.38 5.79 -30.69
N GLN D 96 -0.07 6.11 -31.93
CA GLN D 96 0.40 7.45 -32.26
C GLN D 96 -0.57 8.51 -31.86
N ALA D 97 -1.85 8.27 -32.15
CA ALA D 97 -2.94 9.17 -31.74
C ALA D 97 -3.05 9.28 -30.24
N ASN D 98 -3.00 8.12 -29.57
N ASN D 98 -2.93 8.17 -29.54
CA ASN D 98 -3.02 7.96 -28.10
CA ASN D 98 -3.05 8.28 -28.13
C ASN D 98 -1.90 8.86 -27.49
C ASN D 98 -1.87 8.97 -27.48
N THR D 99 -0.68 8.82 -28.05
CA THR D 99 0.48 9.59 -27.55
C THR D 99 0.17 11.08 -27.69
N ARG D 100 -0.39 11.47 -28.84
CA ARG D 100 -0.70 12.90 -29.09
C ARG D 100 -1.69 13.48 -28.10
N SER D 101 -2.79 12.79 -27.87
CA SER D 101 -3.73 13.20 -26.84
C SER D 101 -3.16 13.26 -25.43
N LEU D 102 -2.23 12.36 -25.06
CA LEU D 102 -1.62 12.45 -23.71
C LEU D 102 -0.74 13.68 -23.69
N LEU D 103 -0.03 13.92 -24.78
CA LEU D 103 0.88 15.10 -24.85
C LEU D 103 0.10 16.41 -24.79
N ASN D 104 -1.01 16.49 -25.49
CA ASN D 104 -1.95 17.62 -25.40
C ASN D 104 -2.55 17.85 -24.02
N LEU D 105 -2.99 16.79 -23.41
CA LEU D 105 -3.42 16.89 -22.03
C LEU D 105 -2.29 17.40 -21.16
N ALA D 106 -1.07 16.91 -21.38
CA ALA D 106 0.09 17.37 -20.56
C ALA D 106 0.39 18.87 -20.81
N GLU D 107 0.24 19.32 -22.06
CA GLU D 107 0.43 20.78 -22.39
C GLU D 107 -0.53 21.64 -21.64
N ALA D 108 -1.80 21.21 -21.61
CA ALA D 108 -2.81 21.92 -20.92
C ALA D 108 -2.48 21.96 -19.43
N ALA D 109 -1.99 20.85 -18.87
CA ALA D 109 -1.66 20.82 -17.47
C ALA D 109 -0.50 21.76 -17.23
N SER D 110 0.45 21.75 -18.14
CA SER D 110 1.67 22.55 -17.96
C SER D 110 1.29 24.07 -17.92
N THR D 111 0.43 24.49 -18.83
CA THR D 111 -0.04 25.88 -18.88
C THR D 111 -0.76 26.27 -17.63
N CYS D 112 -1.49 25.35 -17.00
CA CYS D 112 -2.15 25.63 -15.72
C CYS D 112 -1.19 25.43 -14.56
N HIS D 113 0.07 25.09 -14.76
CA HIS D 113 0.90 24.76 -13.60
C HIS D 113 0.31 23.63 -12.70
N ASP D 114 -0.39 22.71 -13.32
CA ASP D 114 -1.00 21.60 -12.56
C ASP D 114 0.02 20.46 -12.43
N PHE D 115 0.88 20.63 -11.45
CA PHE D 115 1.94 19.70 -11.18
C PHE D 115 1.47 18.29 -10.82
N ALA D 116 0.33 18.17 -10.14
CA ALA D 116 -0.17 16.84 -9.83
C ALA D 116 -0.58 16.10 -11.10
N VAL D 117 -1.25 16.75 -12.02
CA VAL D 117 -1.64 16.11 -13.23
C VAL D 117 -0.40 15.72 -14.02
N MET D 118 0.55 16.64 -14.11
CA MET D 118 1.79 16.35 -14.87
C MET D 118 2.49 15.11 -14.28
N ALA D 119 2.56 15.04 -12.94
CA ALA D 119 3.18 13.89 -12.29
C ALA D 119 2.42 12.63 -12.60
N PHE D 120 1.10 12.70 -12.57
CA PHE D 120 0.26 11.49 -12.80
C PHE D 120 0.51 10.97 -14.22
N LEU D 121 0.66 11.91 -15.15
CA LEU D 121 0.85 11.54 -16.56
C LEU D 121 2.21 10.93 -16.87
N ASN D 122 3.22 11.23 -16.09
CA ASN D 122 4.57 10.72 -16.45
C ASN D 122 4.73 9.24 -16.83
N PRO D 123 4.24 8.32 -16.00
CA PRO D 123 4.34 6.93 -16.37
C PRO D 123 3.62 6.62 -17.68
N PHE D 124 2.55 7.33 -17.97
CA PHE D 124 1.87 7.08 -19.28
C PHE D 124 2.66 7.60 -20.43
N HIS D 125 3.37 8.73 -20.28
CA HIS D 125 4.18 9.19 -21.38
C HIS D 125 5.22 8.09 -21.69
N LEU D 126 5.80 7.49 -20.63
CA LEU D 126 6.84 6.47 -20.87
C LEU D 126 6.28 5.19 -21.40
N GLN D 127 5.10 4.83 -20.92
CA GLN D 127 4.43 3.67 -21.52
C GLN D 127 4.15 3.87 -23.00
N GLN D 128 3.71 5.05 -23.43
CA GLN D 128 3.47 5.30 -24.86
C GLN D 128 4.74 5.14 -25.75
N VAL D 129 5.89 5.48 -25.21
CA VAL D 129 7.17 5.35 -25.93
C VAL D 129 7.37 3.87 -26.15
N ASN D 130 7.16 3.09 -25.10
CA ASN D 130 7.33 1.66 -25.16
C ASN D 130 6.30 1.03 -26.11
N ALA D 131 5.06 1.53 -26.07
CA ALA D 131 3.99 0.98 -26.87
C ALA D 131 4.23 1.18 -28.38
N GLU D 132 4.58 2.41 -28.76
CA GLU D 132 4.87 2.74 -30.15
C GLU D 132 6.07 1.97 -30.66
N ASP D 133 7.07 1.79 -29.79
CA ASP D 133 8.22 1.00 -30.15
C ASP D 133 7.90 -0.47 -30.43
N LYS D 134 7.09 -1.06 -29.60
CA LYS D 134 6.77 -2.46 -29.69
C LYS D 134 5.87 -2.68 -30.88
N ILE D 135 4.86 -1.83 -31.06
CA ILE D 135 3.96 -1.94 -32.22
C ILE D 135 4.74 -1.74 -33.53
N GLY D 136 5.56 -0.72 -33.58
CA GLY D 136 6.46 -0.50 -34.73
C GLY D 136 7.33 -1.66 -35.07
N SER D 137 7.86 -2.29 -34.02
CA SER D 137 8.73 -3.44 -34.19
C SER D 137 7.99 -4.65 -34.78
N ILE D 138 6.82 -4.94 -34.23
CA ILE D 138 5.98 -5.99 -34.77
C ILE D 138 5.60 -5.70 -36.21
N LEU D 139 5.24 -4.47 -36.53
CA LEU D 139 4.82 -4.11 -37.90
C LEU D 139 5.96 -4.34 -38.90
N ALA D 140 7.16 -3.98 -38.48
CA ALA D 140 8.37 -4.26 -39.25
C ALA D 140 8.57 -5.77 -39.54
N LYS D 141 8.46 -6.63 -38.52
CA LYS D 141 8.53 -8.05 -38.77
C LYS D 141 7.45 -8.56 -39.70
N VAL D 142 6.22 -8.20 -39.42
CA VAL D 142 5.08 -8.62 -40.23
C VAL D 142 5.32 -8.25 -41.70
N THR D 143 5.80 -7.03 -41.94
CA THR D 143 5.89 -6.51 -43.29
C THR D 143 7.00 -7.23 -44.02
N ASP D 144 8.04 -7.63 -43.30
CA ASP D 144 9.15 -8.40 -43.89
C ASP D 144 8.76 -9.83 -44.15
N GLU D 145 8.24 -10.52 -43.15
CA GLU D 145 7.87 -11.90 -43.27
C GLU D 145 6.76 -12.14 -44.27
N ASN D 146 5.83 -11.16 -44.41
N ASN D 146 5.84 -11.20 -44.43
CA ASN D 146 4.75 -11.23 -45.42
CA ASN D 146 4.79 -11.42 -45.39
C ASN D 146 5.18 -11.17 -46.91
C ASN D 146 5.21 -11.33 -46.88
N ARG D 147 6.47 -11.00 -47.17
CA ARG D 147 6.98 -11.08 -48.55
C ARG D 147 7.14 -12.49 -49.07
N THR D 148 7.07 -13.51 -48.20
CA THR D 148 7.07 -14.94 -48.67
C THR D 148 5.72 -15.61 -48.27
N PRO D 149 4.93 -16.08 -49.28
CA PRO D 149 3.67 -16.70 -48.97
C PRO D 149 3.79 -17.76 -47.86
N GLY D 150 2.95 -17.63 -46.85
CA GLY D 150 2.90 -18.56 -45.75
C GLY D 150 3.83 -18.34 -44.58
N LEU D 151 4.91 -17.59 -44.78
CA LEU D 151 5.91 -17.37 -43.78
C LEU D 151 5.40 -16.65 -42.54
N LEU D 152 4.50 -15.67 -42.74
CA LEU D 152 3.91 -14.92 -41.59
C LEU D 152 3.11 -15.82 -40.65
N ARG D 153 2.53 -16.88 -41.17
CA ARG D 153 1.86 -17.84 -40.30
C ARG D 153 2.78 -18.41 -39.28
N SER D 154 4.06 -18.59 -39.64
CA SER D 154 5.14 -18.82 -38.64
C SER D 154 5.20 -17.83 -37.47
N LEU D 155 5.19 -16.52 -37.70
CA LEU D 155 5.16 -15.57 -36.59
C LEU D 155 3.98 -15.91 -35.66
N ASP D 156 2.81 -16.18 -36.23
CA ASP D 156 1.65 -16.30 -35.40
C ASP D 156 1.80 -17.46 -34.34
N VAL D 157 2.35 -18.62 -34.75
CA VAL D 157 2.62 -19.73 -33.79
C VAL D 157 3.58 -19.40 -32.62
N VAL D 158 4.53 -18.45 -32.79
CA VAL D 158 5.22 -17.77 -31.65
C VAL D 158 4.22 -17.16 -30.62
N GLU E 3 -3.08 24.35 39.06
CA GLU E 3 -2.51 23.05 39.53
C GLU E 3 -1.09 22.77 38.92
N GLU E 4 -0.12 22.76 39.83
CA GLU E 4 1.31 22.60 39.62
C GLU E 4 1.69 21.31 38.83
N LEU E 5 1.10 20.18 39.23
CA LEU E 5 1.34 18.91 38.60
C LEU E 5 0.79 18.86 37.16
N LEU E 6 -0.42 19.36 36.89
CA LEU E 6 -0.89 19.53 35.50
C LEU E 6 0.08 20.42 34.65
N ASP E 7 0.46 21.57 35.18
N ASP E 7 0.46 21.55 35.20
CA ASP E 7 1.34 22.48 34.44
CA ASP E 7 1.34 22.44 34.50
C ASP E 7 2.69 21.78 34.14
C ASP E 7 2.66 21.72 34.14
N LEU E 8 3.29 21.14 35.15
CA LEU E 8 4.57 20.46 34.95
C LEU E 8 4.50 19.24 33.98
N PHE E 9 3.38 18.54 34.03
CA PHE E 9 3.16 17.44 33.17
C PHE E 9 3.12 17.93 31.73
N ASN E 10 2.38 19.00 31.47
CA ASN E 10 2.42 19.68 30.17
C ASN E 10 3.76 20.19 29.72
N ARG E 11 4.52 20.72 30.64
CA ARG E 11 5.84 21.19 30.30
C ARG E 11 6.77 20.05 29.97
N GLN E 12 6.57 18.91 30.61
CA GLN E 12 7.35 17.73 30.27
C GLN E 12 7.15 17.31 28.86
N VAL E 13 5.90 17.31 28.39
CA VAL E 13 5.61 17.07 26.98
C VAL E 13 6.41 18.00 26.03
N THR E 14 6.27 19.29 26.27
CA THR E 14 7.10 20.28 25.56
C THR E 14 8.58 19.99 25.59
N GLN E 15 9.13 19.60 26.73
CA GLN E 15 10.57 19.40 26.83
C GLN E 15 10.98 18.19 25.94
N GLU E 16 10.17 17.15 25.94
CA GLU E 16 10.47 15.94 25.10
C GLU E 16 10.51 16.32 23.64
N PHE E 17 9.50 17.06 23.19
CA PHE E 17 9.46 17.49 21.79
C PHE E 17 10.50 18.54 21.42
N THR E 18 10.81 19.42 22.39
CA THR E 18 11.98 20.32 22.23
C THR E 18 13.26 19.53 22.04
N ALA E 19 13.49 18.60 22.93
CA ALA E 19 14.62 17.68 22.79
C ALA E 19 14.66 16.92 21.44
N SER E 20 13.51 16.45 20.97
CA SER E 20 13.44 15.82 19.72
C SER E 20 13.96 16.77 18.62
N GLN E 21 13.55 18.03 18.66
CA GLN E 21 13.98 18.95 17.65
C GLN E 21 15.43 19.33 17.75
N VAL E 22 15.93 19.38 18.99
CA VAL E 22 17.37 19.65 19.16
C VAL E 22 18.23 18.54 18.59
N TYR E 23 17.82 17.34 18.88
CA TYR E 23 18.48 16.20 18.25
C TYR E 23 18.42 16.21 16.75
N LEU E 24 17.28 16.58 16.20
CA LEU E 24 17.21 16.76 14.74
C LEU E 24 18.18 17.83 14.17
N SER E 25 18.26 18.96 14.85
N SER E 25 18.26 18.97 14.87
CA SER E 25 19.23 20.01 14.53
CA SER E 25 19.25 20.04 14.53
C SER E 25 20.65 19.50 14.51
C SER E 25 20.66 19.51 14.52
N ALA E 26 20.96 18.67 15.49
CA ALA E 26 22.26 18.01 15.53
C ALA E 26 22.50 17.08 14.35
N SER E 27 21.47 16.31 13.96
N SER E 27 21.48 16.32 13.97
CA SER E 27 21.59 15.46 12.79
CA SER E 27 21.57 15.46 12.81
C SER E 27 21.89 16.27 11.55
C SER E 27 21.85 16.25 11.55
N ILE E 28 21.22 17.40 11.44
CA ILE E 28 21.39 18.25 10.30
C ILE E 28 22.80 18.80 10.24
N TRP E 29 23.29 19.36 11.34
CA TRP E 29 24.67 19.88 11.36
C TRP E 29 25.60 18.73 10.95
N PHE E 30 25.46 17.59 11.59
CA PHE E 30 26.33 16.46 11.23
C PHE E 30 26.29 16.12 9.76
N ASP E 31 25.07 15.92 9.17
CA ASP E 31 24.97 15.57 7.76
C ASP E 31 25.57 16.61 6.85
N GLN E 32 25.29 17.88 7.16
CA GLN E 32 25.86 18.99 6.33
C GLN E 32 27.35 19.05 6.37
N ASN E 33 27.94 18.54 7.46
CA ASN E 33 29.39 18.44 7.58
C ASN E 33 29.99 17.05 7.36
N ASP E 34 29.20 16.14 6.80
CA ASP E 34 29.65 14.85 6.33
C ASP E 34 30.03 13.92 7.45
N TRP E 35 29.36 14.07 8.58
CA TRP E 35 29.50 13.10 9.67
C TRP E 35 28.22 12.22 9.67
N GLU E 36 28.08 11.32 8.70
CA GLU E 36 26.80 10.62 8.52
C GLU E 36 26.46 9.65 9.62
N GLY E 37 27.46 9.07 10.22
CA GLY E 37 27.21 8.14 11.28
C GLY E 37 26.63 8.89 12.51
N MET E 38 27.33 9.94 12.96
CA MET E 38 26.86 10.79 14.04
C MET E 38 25.47 11.33 13.70
N ALA E 39 25.25 11.72 12.45
CA ALA E 39 23.94 12.15 12.04
C ALA E 39 22.84 11.09 12.25
N ALA E 40 23.10 9.87 11.78
CA ALA E 40 22.14 8.78 11.97
C ALA E 40 21.82 8.58 13.47
N TYR E 41 22.82 8.72 14.35
CA TYR E 41 22.60 8.53 15.76
C TYR E 41 21.64 9.61 16.34
N MET E 42 21.90 10.85 15.99
CA MET E 42 21.03 11.94 16.38
C MET E 42 19.62 11.80 15.81
N LEU E 43 19.48 11.30 14.58
CA LEU E 43 18.18 11.10 14.01
C LEU E 43 17.40 10.06 14.79
N ALA E 44 18.06 8.95 15.11
CA ALA E 44 17.48 7.87 15.97
C ALA E 44 17.04 8.42 17.30
N GLU E 45 17.88 9.27 17.89
CA GLU E 45 17.48 9.87 19.16
C GLU E 45 16.31 10.83 19.04
N SER E 46 16.29 11.64 18.00
CA SER E 46 15.21 12.55 17.80
C SER E 46 13.86 11.77 17.81
N ALA E 47 13.88 10.63 17.14
CA ALA E 47 12.64 9.84 17.05
C ALA E 47 12.25 9.31 18.42
N GLU E 48 13.21 8.83 19.15
CA GLU E 48 12.98 8.28 20.45
C GLU E 48 12.50 9.32 21.44
N GLU E 49 13.08 10.51 21.37
CA GLU E 49 12.57 11.61 22.23
C GLU E 49 11.10 11.96 21.92
N ARG E 50 10.73 11.96 20.68
CA ARG E 50 9.34 12.16 20.31
C ARG E 50 8.46 11.03 20.87
N GLU E 51 8.91 9.79 20.76
CA GLU E 51 8.19 8.69 21.41
C GLU E 51 7.99 8.87 22.84
N HIS E 52 9.00 9.31 23.59
CA HIS E 52 8.79 9.62 25.03
C HIS E 52 7.70 10.63 25.24
N GLY E 53 7.78 11.71 24.48
CA GLY E 53 6.71 12.67 24.48
C GLY E 53 5.30 12.08 24.28
N LEU E 54 5.16 11.19 23.29
CA LEU E 54 3.87 10.57 22.97
C LEU E 54 3.44 9.68 24.17
N GLY E 55 4.41 9.13 24.90
CA GLY E 55 4.11 8.21 26.04
C GLY E 55 3.52 9.09 27.14
N PHE E 56 4.08 10.29 27.34
CA PHE E 56 3.50 11.26 28.32
C PHE E 56 2.11 11.73 27.98
N VAL E 57 1.93 12.03 26.71
CA VAL E 57 0.62 12.44 26.24
C VAL E 57 -0.39 11.31 26.49
N ASP E 58 -0.02 10.08 26.15
CA ASP E 58 -0.92 8.92 26.30
C ASP E 58 -1.34 8.74 27.74
N PHE E 59 -0.38 8.76 28.66
CA PHE E 59 -0.68 8.67 30.08
C PHE E 59 -1.56 9.82 30.56
N ALA E 60 -1.24 11.03 30.15
CA ALA E 60 -2.01 12.17 30.56
C ALA E 60 -3.47 12.02 30.13
N ASN E 61 -3.67 11.61 28.87
CA ASN E 61 -5.03 11.40 28.36
C ASN E 61 -5.79 10.39 29.28
N LYS E 62 -5.13 9.28 29.61
CA LYS E 62 -5.75 8.22 30.45
C LYS E 62 -6.09 8.72 31.82
N ARG E 63 -5.21 9.57 32.36
CA ARG E 63 -5.34 10.08 33.72
C ARG E 63 -6.11 11.38 33.83
N ASN E 64 -6.71 11.78 32.73
CA ASN E 64 -7.42 13.03 32.62
C ASN E 64 -6.62 14.25 33.01
N ILE E 65 -5.35 14.28 32.64
CA ILE E 65 -4.50 15.49 32.74
C ILE E 65 -4.65 16.15 31.38
N PRO E 66 -5.25 17.35 31.34
CA PRO E 66 -5.46 17.98 30.04
C PRO E 66 -4.12 18.42 29.43
N ILE E 67 -3.88 17.99 28.22
CA ILE E 67 -2.63 18.40 27.55
C ILE E 67 -3.07 19.45 26.57
N GLU E 68 -2.38 20.57 26.58
CA GLU E 68 -2.41 21.53 25.51
C GLU E 68 -1.00 21.66 24.91
N LEU E 69 -0.86 21.27 23.64
CA LEU E 69 0.40 21.33 22.99
C LEU E 69 0.89 22.77 22.83
N GLN E 70 2.13 23.02 23.16
CA GLN E 70 2.74 24.36 23.12
C GLN E 70 3.63 24.42 21.92
N ALA E 71 4.10 25.61 21.60
CA ALA E 71 5.04 25.74 20.55
C ALA E 71 6.29 24.95 20.89
N VAL E 72 6.87 24.33 19.88
CA VAL E 72 8.17 23.72 20.02
C VAL E 72 9.22 24.72 19.50
N PRO E 73 10.07 25.24 20.42
CA PRO E 73 10.91 26.30 19.96
C PRO E 73 11.98 25.92 18.92
N ALA E 74 12.40 26.92 18.17
CA ALA E 74 13.50 26.73 17.23
C ALA E 74 14.77 26.36 17.99
N PRO E 75 15.51 25.34 17.50
CA PRO E 75 16.79 25.04 18.16
C PRO E 75 17.73 26.18 17.85
N VAL E 76 18.57 26.54 18.80
CA VAL E 76 19.47 27.74 18.60
C VAL E 76 20.94 27.37 18.71
N SER E 77 21.27 26.30 19.45
CA SER E 77 22.72 25.94 19.59
C SER E 77 23.45 25.68 18.29
N YCM E 78 22.71 25.24 17.28
N YCM E 78 22.73 25.21 17.23
CA YCM E 78 23.26 24.95 15.97
CA YCM E 78 23.36 24.96 15.89
CB YCM E 78 22.15 24.32 15.14
CB YCM E 78 22.43 24.47 14.73
SG YCM E 78 20.65 25.28 15.18
SG YCM E 78 23.31 24.55 13.00
CD YCM E 78 20.70 25.76 13.49
CD YCM E 78 22.73 23.20 11.90
CE YCM E 78 21.34 27.13 13.37
CE YCM E 78 21.28 22.88 12.13
OZ1 YCM E 78 22.44 27.28 12.83
OZ1 YCM E 78 20.96 21.99 12.85
NZ2 YCM E 78 20.69 28.10 13.91
NZ2 YCM E 78 20.42 23.62 11.51
C YCM E 78 23.88 26.13 15.21
C YCM E 78 24.10 26.16 15.36
O YCM E 78 24.65 25.92 14.25
O YCM E 78 25.17 25.99 14.72
N ALA E 79 23.58 27.36 15.62
CA ALA E 79 24.30 28.55 15.09
C ALA E 79 25.78 28.62 15.62
N GLU E 80 26.06 28.11 16.81
CA GLU E 80 27.38 28.20 17.37
C GLU E 80 28.20 26.95 17.15
N TRP E 81 27.64 25.84 16.71
CA TRP E 81 28.48 24.67 16.53
C TRP E 81 29.55 24.83 15.50
N SER E 82 30.77 24.43 15.82
CA SER E 82 31.77 24.38 14.75
C SER E 82 32.59 23.11 14.69
N SER E 83 32.46 22.20 15.67
CA SER E 83 33.01 20.87 15.55
C SER E 83 32.07 19.85 16.21
N PRO E 84 32.31 18.60 15.94
CA PRO E 84 31.51 17.60 16.65
C PRO E 84 31.49 17.72 18.13
N GLU E 85 32.62 18.08 18.74
CA GLU E 85 32.64 18.22 20.18
C GLU E 85 31.53 19.18 20.68
N ASP E 86 31.38 20.31 19.99
CA ASP E 86 30.46 21.30 20.39
C ASP E 86 29.04 20.68 20.38
N VAL E 87 28.76 19.88 19.37
CA VAL E 87 27.41 19.30 19.20
C VAL E 87 27.11 18.34 20.32
N TRP E 88 28.01 17.38 20.57
CA TRP E 88 27.85 16.43 21.67
C TRP E 88 27.78 17.10 23.05
N GLN E 89 28.57 18.14 23.26
CA GLN E 89 28.44 18.91 24.51
C GLN E 89 27.02 19.49 24.66
N SER E 90 26.45 20.04 23.60
CA SER E 90 25.11 20.62 23.74
C SER E 90 24.10 19.49 23.99
N ILE E 91 24.31 18.33 23.37
CA ILE E 91 23.40 17.20 23.56
C ILE E 91 23.48 16.69 25.02
N LEU E 92 24.68 16.66 25.57
CA LEU E 92 24.81 16.35 27.03
C LEU E 92 24.01 17.31 27.90
N GLU E 93 24.15 18.61 27.62
CA GLU E 93 23.43 19.57 28.40
C GLU E 93 21.91 19.43 28.19
N LEU E 94 21.48 19.02 26.97
CA LEU E 94 20.07 18.76 26.75
C LEU E 94 19.59 17.65 27.63
N GLU E 95 20.36 16.59 27.70
CA GLU E 95 19.92 15.45 28.49
C GLU E 95 19.92 15.81 29.96
N GLN E 96 20.91 16.60 30.40
CA GLN E 96 20.91 17.06 31.78
C GLN E 96 19.67 17.89 32.07
N ALA E 97 19.22 18.72 31.14
CA ALA E 97 18.00 19.46 31.37
C ALA E 97 16.75 18.55 31.30
N ASN E 98 16.77 17.51 30.44
CA ASN E 98 15.64 16.54 30.36
C ASN E 98 15.56 15.91 31.76
N THR E 99 16.70 15.55 32.32
CA THR E 99 16.72 14.87 33.62
C THR E 99 16.13 15.74 34.75
N ARG E 100 16.59 16.98 34.76
CA ARG E 100 16.21 17.94 35.79
C ARG E 100 14.69 18.13 35.76
N SER E 101 14.17 18.21 34.56
CA SER E 101 12.80 18.41 34.33
C SER E 101 11.92 17.21 34.77
N LEU E 102 12.35 15.99 34.48
CA LEU E 102 11.69 14.78 35.03
C LEU E 102 11.70 14.82 36.53
N LEU E 103 12.85 15.18 37.10
CA LEU E 103 12.96 15.32 38.59
C LEU E 103 12.01 16.36 39.21
N ASN E 104 11.81 17.51 38.57
CA ASN E 104 10.84 18.49 39.04
C ASN E 104 9.44 17.91 39.00
N LEU E 105 9.10 17.25 37.89
CA LEU E 105 7.86 16.57 37.82
C LEU E 105 7.64 15.56 38.97
N ALA E 106 8.62 14.70 39.21
CA ALA E 106 8.54 13.69 40.24
C ALA E 106 8.37 14.30 41.64
N GLU E 107 9.09 15.37 41.85
CA GLU E 107 9.00 16.18 43.09
C GLU E 107 7.58 16.66 43.36
N ALA E 108 6.96 17.30 42.36
CA ALA E 108 5.57 17.71 42.42
C ALA E 108 4.66 16.54 42.67
N ALA E 109 4.84 15.44 41.93
CA ALA E 109 3.99 14.30 42.15
C ALA E 109 4.14 13.73 43.61
N SER E 110 5.37 13.64 44.10
CA SER E 110 5.69 13.19 45.47
C SER E 110 4.96 14.04 46.49
N THR E 111 5.06 15.34 46.32
CA THR E 111 4.40 16.25 47.21
C THR E 111 2.91 16.06 47.23
N CYS E 112 2.31 15.83 46.07
CA CYS E 112 0.89 15.53 45.96
C CYS E 112 0.59 14.08 46.35
N HIS E 113 1.57 13.26 46.70
CA HIS E 113 1.29 11.85 47.00
C HIS E 113 0.65 11.18 45.72
N ASP E 114 1.06 11.62 44.54
CA ASP E 114 0.48 11.04 43.31
C ASP E 114 1.26 9.75 42.92
N PHE E 115 0.91 8.65 43.57
CA PHE E 115 1.59 7.36 43.39
C PHE E 115 1.58 6.85 41.97
N ALA E 116 0.50 7.09 41.24
CA ALA E 116 0.45 6.62 39.85
C ALA E 116 1.42 7.38 38.96
N VAL E 117 1.49 8.72 39.09
CA VAL E 117 2.46 9.49 38.34
C VAL E 117 3.89 9.07 38.70
N MET E 118 4.15 8.91 39.99
CA MET E 118 5.49 8.46 40.41
C MET E 118 5.85 7.10 39.81
N ALA E 119 4.89 6.17 39.79
CA ALA E 119 5.12 4.84 39.16
C ALA E 119 5.41 4.99 37.65
N PHE E 120 4.64 5.87 37.02
CA PHE E 120 4.79 6.10 35.61
C PHE E 120 6.18 6.60 35.27
N LEU E 121 6.70 7.48 36.12
CA LEU E 121 8.01 8.14 35.87
C LEU E 121 9.23 7.23 36.05
N ASN E 122 9.11 6.19 36.88
CA ASN E 122 10.27 5.40 37.24
C ASN E 122 11.14 4.91 36.09
N PRO E 123 10.54 4.29 35.07
CA PRO E 123 11.37 3.85 33.97
C PRO E 123 12.06 5.03 33.27
N PHE E 124 11.43 6.20 33.27
CA PHE E 124 12.05 7.37 32.66
C PHE E 124 13.21 7.85 33.50
N HIS E 125 13.09 7.78 34.81
CA HIS E 125 14.29 8.12 35.66
C HIS E 125 15.49 7.25 35.29
N LEU E 126 15.28 5.95 35.20
CA LEU E 126 16.31 5.00 34.87
C LEU E 126 16.86 5.22 33.44
N GLN E 127 15.99 5.50 32.50
CA GLN E 127 16.39 5.82 31.14
C GLN E 127 17.32 7.05 31.08
N GLN E 128 16.98 8.09 31.82
CA GLN E 128 17.80 9.30 31.90
C GLN E 128 19.19 9.01 32.46
N VAL E 129 19.31 8.09 33.42
CA VAL E 129 20.65 7.64 33.87
C VAL E 129 21.43 7.07 32.71
N ASN E 130 20.79 6.17 31.94
CA ASN E 130 21.41 5.56 30.83
C ASN E 130 21.83 6.59 29.78
N ALA E 131 20.97 7.56 29.53
CA ALA E 131 21.19 8.51 28.46
C ALA E 131 22.36 9.44 28.79
N GLU E 132 22.37 9.99 30.00
CA GLU E 132 23.44 10.87 30.41
C GLU E 132 24.78 10.11 30.40
N ASP E 133 24.77 8.84 30.83
CA ASP E 133 25.95 8.01 30.75
C ASP E 133 26.46 7.77 29.31
N LYS E 134 25.56 7.41 28.41
CA LYS E 134 25.93 7.12 27.02
C LYS E 134 26.42 8.39 26.33
N ILE E 135 25.76 9.50 26.53
CA ILE E 135 26.18 10.73 25.83
C ILE E 135 27.55 11.23 26.45
N GLY E 136 27.71 11.16 27.77
CA GLY E 136 28.99 11.44 28.46
C GLY E 136 30.14 10.64 27.90
N SER E 137 29.90 9.35 27.71
CA SER E 137 30.88 8.47 27.17
C SER E 137 31.28 8.83 25.72
N ILE E 138 30.32 9.14 24.87
CA ILE E 138 30.61 9.50 23.50
C ILE E 138 31.36 10.79 23.47
N LEU E 139 30.96 11.74 24.30
CA LEU E 139 31.64 13.03 24.33
C LEU E 139 33.11 12.84 24.77
N ALA E 140 33.35 11.98 25.75
CA ALA E 140 34.72 11.68 26.16
C ALA E 140 35.51 11.12 25.01
N LYS E 141 34.93 10.18 24.27
CA LYS E 141 35.62 9.59 23.15
C LYS E 141 35.92 10.56 22.02
N VAL E 142 34.94 11.41 21.75
CA VAL E 142 35.06 12.42 20.72
C VAL E 142 36.20 13.41 21.06
N THR E 143 36.24 13.80 22.32
CA THR E 143 37.17 14.81 22.77
C THR E 143 38.55 14.23 22.71
N ASP E 144 38.71 12.97 23.09
CA ASP E 144 40.00 12.29 23.00
C ASP E 144 40.48 12.08 21.53
N GLU E 145 39.61 11.59 20.63
CA GLU E 145 40.01 11.30 19.29
C GLU E 145 40.32 12.52 18.49
N ASN E 146 39.64 13.62 18.84
N ASN E 146 39.65 13.61 18.77
CA ASN E 146 39.79 14.92 18.16
CA ASN E 146 39.85 14.83 17.99
C ASN E 146 41.10 15.62 18.46
C ASN E 146 41.17 15.52 18.30
N ARG E 147 41.94 14.97 19.25
CA ARG E 147 43.26 15.51 19.55
C ARG E 147 44.21 15.20 18.40
N THR E 148 43.92 14.22 17.57
CA THR E 148 44.71 13.98 16.34
C THR E 148 43.89 14.27 15.07
N PRO E 149 44.38 15.15 14.17
CA PRO E 149 43.65 15.49 12.94
C PRO E 149 43.27 14.29 12.16
N GLY E 150 42.01 14.23 11.78
CA GLY E 150 41.55 13.12 10.94
C GLY E 150 41.04 11.94 11.70
N LEU E 151 41.49 11.77 12.93
CA LEU E 151 41.22 10.59 13.69
C LEU E 151 39.74 10.43 14.01
N LEU E 152 39.10 11.52 14.40
CA LEU E 152 37.66 11.46 14.69
C LEU E 152 36.82 10.99 13.52
N ARG E 153 37.27 11.35 12.33
CA ARG E 153 36.57 11.03 11.10
C ARG E 153 36.62 9.55 10.87
N SER E 154 37.78 8.98 11.05
CA SER E 154 37.88 7.51 10.90
C SER E 154 37.00 6.73 11.86
N LEU E 155 36.50 7.33 12.92
CA LEU E 155 35.57 6.62 13.80
C LEU E 155 34.04 7.00 13.77
N ASP E 156 33.67 8.09 13.11
CA ASP E 156 32.28 8.23 12.56
C ASP E 156 32.01 7.10 11.56
N VAL E 157 33.03 6.82 10.75
CA VAL E 157 32.97 5.99 9.55
C VAL E 157 32.92 4.52 9.98
N VAL E 158 33.77 4.12 10.91
CA VAL E 158 33.64 2.79 11.57
C VAL E 158 32.39 2.81 12.52
N SER E 159 32.59 2.94 13.84
CA SER E 159 31.49 2.99 14.81
C SER E 159 30.31 3.89 14.31
N PHE E 160 29.10 3.71 14.85
CA PHE E 160 27.86 4.39 14.35
C PHE E 160 27.38 3.81 13.01
N GLU F 3 18.29 18.82 -34.73
CA GLU F 3 18.08 19.86 -33.71
C GLU F 3 18.71 19.55 -32.32
N GLU F 4 18.56 20.53 -31.44
CA GLU F 4 19.28 20.73 -30.21
C GLU F 4 19.05 19.57 -29.23
N LEU F 5 17.79 19.21 -29.08
CA LEU F 5 17.41 18.07 -28.26
C LEU F 5 18.09 16.79 -28.70
N LEU F 6 18.01 16.45 -29.98
CA LEU F 6 18.70 15.24 -30.50
C LEU F 6 20.24 15.25 -30.29
N ASP F 7 20.84 16.41 -30.52
CA ASP F 7 22.26 16.59 -30.29
C ASP F 7 22.57 16.42 -28.80
N LEU F 8 21.81 17.09 -27.94
CA LEU F 8 22.09 17.03 -26.48
C LEU F 8 21.92 15.59 -25.92
N PHE F 9 20.97 14.88 -26.49
CA PHE F 9 20.67 13.53 -26.08
C PHE F 9 21.84 12.62 -26.48
N ASN F 10 22.35 12.71 -27.71
CA ASN F 10 23.66 12.09 -28.05
C ASN F 10 24.87 12.42 -27.25
N ARG F 11 25.02 13.68 -26.91
CA ARG F 11 26.11 14.14 -26.09
C ARG F 11 26.01 13.48 -24.70
N GLN F 12 24.79 13.31 -24.20
CA GLN F 12 24.61 12.69 -22.92
C GLN F 12 25.17 11.25 -22.87
N VAL F 13 25.00 10.48 -23.94
CA VAL F 13 25.51 9.11 -24.03
C VAL F 13 27.00 9.23 -23.95
N THR F 14 27.52 10.17 -24.71
CA THR F 14 28.95 10.40 -24.73
C THR F 14 29.50 10.78 -23.35
N GLN F 15 28.81 11.67 -22.64
CA GLN F 15 29.23 12.03 -21.30
C GLN F 15 29.24 10.82 -20.33
N GLU F 16 28.21 9.97 -20.38
CA GLU F 16 28.14 8.80 -19.49
C GLU F 16 29.30 7.84 -19.78
N PHE F 17 29.56 7.56 -21.08
CA PHE F 17 30.70 6.71 -21.43
C PHE F 17 32.06 7.30 -21.15
N THR F 18 32.16 8.61 -21.33
CA THR F 18 33.36 9.35 -20.91
C THR F 18 33.55 9.28 -19.42
N ALA F 19 32.51 9.43 -18.65
CA ALA F 19 32.63 9.33 -17.20
C ALA F 19 33.07 7.89 -16.78
N SER F 20 32.51 6.89 -17.45
CA SER F 20 32.90 5.52 -17.23
C SER F 20 34.39 5.35 -17.36
N GLN F 21 34.95 5.95 -18.38
CA GLN F 21 36.41 5.84 -18.60
C GLN F 21 37.21 6.60 -17.58
N VAL F 22 36.75 7.79 -17.19
CA VAL F 22 37.45 8.52 -16.16
C VAL F 22 37.44 7.69 -14.86
N TYR F 23 36.30 7.15 -14.48
CA TYR F 23 36.26 6.27 -13.30
C TYR F 23 37.23 5.13 -13.42
N LEU F 24 37.31 4.53 -14.60
CA LEU F 24 38.26 3.47 -14.80
C LEU F 24 39.68 3.95 -14.61
N SER F 25 39.99 5.13 -15.17
N SER F 25 39.99 5.14 -15.16
CA SER F 25 41.32 5.69 -15.01
CA SER F 25 41.30 5.74 -15.02
C SER F 25 41.65 5.94 -13.53
C SER F 25 41.64 5.96 -13.54
N ALA F 26 40.68 6.38 -12.75
CA ALA F 26 40.90 6.55 -11.35
C ALA F 26 41.16 5.20 -10.65
N SER F 27 40.45 4.16 -11.04
N SER F 27 40.44 4.17 -11.04
CA SER F 27 40.66 2.84 -10.46
CA SER F 27 40.66 2.85 -10.48
C SER F 27 42.09 2.32 -10.76
C SER F 27 42.11 2.42 -10.73
N ILE F 28 42.62 2.68 -11.93
CA ILE F 28 43.93 2.33 -12.29
C ILE F 28 44.94 3.05 -11.39
N TRP F 29 44.81 4.35 -11.26
CA TRP F 29 45.73 5.13 -10.46
C TRP F 29 45.74 4.54 -9.02
N PHE F 30 44.55 4.35 -8.46
CA PHE F 30 44.50 3.81 -7.13
C PHE F 30 45.16 2.42 -7.03
N ASP F 31 44.88 1.54 -7.97
CA ASP F 31 45.43 0.16 -7.90
C ASP F 31 46.93 0.23 -7.98
N GLN F 32 47.43 1.07 -8.86
CA GLN F 32 48.87 1.20 -9.03
C GLN F 32 49.53 1.70 -7.78
N ASN F 33 48.82 2.55 -7.04
CA ASN F 33 49.32 3.10 -5.82
C ASN F 33 48.88 2.38 -4.55
N ASP F 34 48.36 1.16 -4.72
CA ASP F 34 47.98 0.27 -3.64
C ASP F 34 46.89 0.78 -2.76
N TRP F 35 45.95 1.52 -3.33
CA TRP F 35 44.65 1.81 -2.70
C TRP F 35 43.53 0.90 -3.31
N GLU F 36 43.54 -0.38 -2.95
CA GLU F 36 42.64 -1.39 -3.55
C GLU F 36 41.16 -1.14 -3.25
N GLY F 37 40.84 -0.65 -2.06
CA GLY F 37 39.50 -0.34 -1.69
C GLY F 37 38.95 0.81 -2.55
N MET F 38 39.68 1.92 -2.62
CA MET F 38 39.28 3.05 -3.51
C MET F 38 39.18 2.63 -4.94
N ALA F 39 40.09 1.78 -5.37
CA ALA F 39 40.09 1.27 -6.70
C ALA F 39 38.85 0.46 -7.05
N ALA F 40 38.44 -0.39 -6.12
CA ALA F 40 37.23 -1.22 -6.33
C ALA F 40 36.01 -0.31 -6.40
N TYR F 41 35.94 0.69 -5.53
CA TYR F 41 34.87 1.61 -5.59
C TYR F 41 34.76 2.29 -6.99
N MET F 42 35.85 2.84 -7.48
CA MET F 42 35.84 3.51 -8.79
C MET F 42 35.50 2.52 -9.90
N LEU F 43 36.01 1.28 -9.82
CA LEU F 43 35.66 0.31 -10.83
C LEU F 43 34.14 0.03 -10.84
N ALA F 44 33.52 0.01 -9.66
CA ALA F 44 32.03 -0.17 -9.62
C ALA F 44 31.31 1.02 -10.22
N GLU F 45 31.78 2.22 -9.94
CA GLU F 45 31.18 3.43 -10.57
C GLU F 45 31.36 3.45 -12.11
N SER F 46 32.50 3.01 -12.58
CA SER F 46 32.75 2.90 -14.01
C SER F 46 31.64 2.04 -14.66
N ALA F 47 31.34 0.90 -14.02
CA ALA F 47 30.36 -0.05 -14.56
C ALA F 47 29.01 0.60 -14.50
N GLU F 48 28.72 1.32 -13.40
CA GLU F 48 27.43 1.94 -13.27
C GLU F 48 27.25 3.10 -14.27
N GLU F 49 28.27 3.92 -14.49
CA GLU F 49 28.12 4.96 -15.49
C GLU F 49 27.93 4.34 -16.87
N ARG F 50 28.60 3.25 -17.16
CA ARG F 50 28.34 2.65 -18.44
C ARG F 50 26.86 2.18 -18.52
N GLU F 51 26.34 1.59 -17.45
CA GLU F 51 24.89 1.24 -17.42
C GLU F 51 23.97 2.40 -17.70
N HIS F 52 24.23 3.57 -17.16
CA HIS F 52 23.43 4.74 -17.48
C HIS F 52 23.49 5.09 -18.92
N GLY F 53 24.68 5.10 -19.47
CA GLY F 53 24.78 5.34 -20.87
C GLY F 53 23.95 4.34 -21.69
N LEU F 54 23.97 3.07 -21.33
CA LEU F 54 23.21 2.11 -22.04
C LEU F 54 21.68 2.35 -21.90
N GLY F 55 21.24 2.84 -20.75
CA GLY F 55 19.82 3.13 -20.54
C GLY F 55 19.40 4.31 -21.39
N PHE F 56 20.27 5.32 -21.54
CA PHE F 56 20.00 6.35 -22.53
C PHE F 56 19.91 5.82 -23.96
N VAL F 57 20.88 5.01 -24.38
CA VAL F 57 20.86 4.43 -25.68
C VAL F 57 19.52 3.72 -25.91
N ASP F 58 19.09 2.87 -24.95
CA ASP F 58 17.84 2.04 -25.05
C ASP F 58 16.63 2.96 -25.23
N PHE F 59 16.52 4.04 -24.44
CA PHE F 59 15.45 5.01 -24.60
C PHE F 59 15.48 5.70 -25.95
N ALA F 60 16.66 6.08 -26.39
CA ALA F 60 16.72 6.76 -27.66
C ALA F 60 16.25 5.84 -28.76
N ASN F 61 16.66 4.59 -28.71
CA ASN F 61 16.26 3.60 -29.74
C ASN F 61 14.73 3.51 -29.76
N LYS F 62 14.16 3.35 -28.58
CA LYS F 62 12.70 3.25 -28.53
C LYS F 62 12.00 4.51 -29.02
N ARG F 63 12.57 5.66 -28.73
CA ARG F 63 11.97 6.94 -29.08
C ARG F 63 12.42 7.49 -30.45
N ASN F 64 13.11 6.68 -31.25
CA ASN F 64 13.65 7.12 -32.53
C ASN F 64 14.46 8.37 -32.48
N ILE F 65 15.28 8.51 -31.46
CA ILE F 65 16.26 9.53 -31.33
C ILE F 65 17.55 8.86 -31.89
N PRO F 66 18.02 9.31 -33.07
CA PRO F 66 19.20 8.65 -33.68
C PRO F 66 20.44 8.82 -32.79
N ILE F 67 21.09 7.72 -32.49
CA ILE F 67 22.27 7.75 -31.68
C ILE F 67 23.41 7.44 -32.63
N GLU F 68 24.45 8.25 -32.57
CA GLU F 68 25.67 7.89 -33.18
C GLU F 68 26.76 7.93 -32.15
N LEU F 69 27.37 6.80 -31.90
CA LEU F 69 28.38 6.72 -30.85
C LEU F 69 29.61 7.52 -31.23
N GLN F 70 30.12 8.32 -30.30
CA GLN F 70 31.21 9.20 -30.52
C GLN F 70 32.43 8.56 -29.88
N ALA F 71 33.64 9.07 -30.20
CA ALA F 71 34.82 8.61 -29.54
C ALA F 71 34.70 8.78 -28.02
N VAL F 72 35.32 7.89 -27.27
CA VAL F 72 35.57 8.15 -25.91
C VAL F 72 37.00 8.68 -25.75
N PRO F 73 37.14 9.99 -25.40
CA PRO F 73 38.46 10.56 -25.33
C PRO F 73 39.37 9.90 -24.26
N ALA F 74 40.65 9.93 -24.56
CA ALA F 74 41.65 9.52 -23.59
C ALA F 74 41.52 10.34 -22.30
N PRO F 75 41.46 9.64 -21.12
CA PRO F 75 41.39 10.39 -19.89
C PRO F 75 42.74 11.05 -19.73
N VAL F 76 42.76 12.15 -19.04
CA VAL F 76 44.00 12.94 -18.92
C VAL F 76 44.26 13.52 -17.50
N SER F 77 43.24 13.63 -16.64
CA SER F 77 43.48 13.93 -15.19
C SER F 77 44.50 13.00 -14.49
N YCM F 78 44.50 11.73 -14.90
N YCM F 78 44.49 11.71 -14.85
CA YCM F 78 45.42 10.67 -14.43
CA YCM F 78 45.44 10.71 -14.32
CB YCM F 78 44.96 9.31 -15.02
CB YCM F 78 45.22 9.33 -15.01
SG YCM F 78 45.01 9.24 -16.85
SG YCM F 78 46.24 7.95 -14.31
CD YCM F 78 45.14 6.42 -14.66
CE YCM F 78 45.44 5.77 -15.98
OZ1 YCM F 78 44.69 5.91 -16.98
NZ2 YCM F 78 46.61 5.09 -16.03
C YCM F 78 46.92 10.92 -14.76
C YCM F 78 46.88 11.20 -14.44
O YCM F 78 47.80 10.13 -14.38
O YCM F 78 47.70 10.93 -13.50
N ALA F 79 47.19 11.97 -15.50
CA ALA F 79 48.59 12.43 -15.68
C ALA F 79 49.12 13.24 -14.47
N GLU F 80 48.24 13.95 -13.82
CA GLU F 80 48.57 14.93 -12.79
C GLU F 80 48.20 14.51 -11.37
N TRP F 81 47.56 13.35 -11.19
CA TRP F 81 47.19 12.94 -9.82
C TRP F 81 48.43 12.52 -9.06
N SER F 82 48.58 13.08 -7.88
CA SER F 82 49.65 12.69 -6.96
C SER F 82 49.14 12.19 -5.61
N SER F 83 47.84 12.24 -5.35
CA SER F 83 47.34 11.73 -4.07
C SER F 83 45.86 11.35 -4.21
N PRO F 84 45.32 10.60 -3.24
CA PRO F 84 43.90 10.27 -3.33
C PRO F 84 43.02 11.53 -3.38
N GLU F 85 43.40 12.55 -2.65
CA GLU F 85 42.63 13.76 -2.71
C GLU F 85 42.51 14.35 -4.13
N ASP F 86 43.57 14.34 -4.92
CA ASP F 86 43.53 14.87 -6.28
C ASP F 86 42.55 14.00 -7.10
N VAL F 87 42.58 12.69 -6.90
CA VAL F 87 41.62 11.80 -7.64
C VAL F 87 40.18 12.09 -7.31
N TRP F 88 39.86 12.10 -6.03
CA TRP F 88 38.48 12.35 -5.62
C TRP F 88 38.00 13.75 -6.02
N GLN F 89 38.90 14.74 -6.05
CA GLN F 89 38.54 16.07 -6.51
C GLN F 89 38.16 15.98 -7.98
N SER F 90 38.93 15.28 -8.79
CA SER F 90 38.59 15.16 -10.17
C SER F 90 37.26 14.43 -10.32
N ILE F 91 36.98 13.43 -9.48
CA ILE F 91 35.74 12.68 -9.62
C ILE F 91 34.59 13.54 -9.17
N LEU F 92 34.78 14.41 -8.17
CA LEU F 92 33.69 15.40 -7.87
C LEU F 92 33.35 16.32 -9.07
N GLU F 93 34.39 16.85 -9.68
CA GLU F 93 34.19 17.68 -10.84
C GLU F 93 33.53 16.95 -12.01
N LEU F 94 33.89 15.68 -12.17
CA LEU F 94 33.24 14.84 -13.14
C LEU F 94 31.73 14.73 -12.87
N GLU F 95 31.33 14.52 -11.63
CA GLU F 95 29.93 14.31 -11.34
C GLU F 95 29.20 15.65 -11.52
N GLN F 96 29.88 16.73 -11.19
CA GLN F 96 29.32 18.05 -11.34
C GLN F 96 29.08 18.34 -12.82
N ALA F 97 30.02 17.98 -13.68
CA ALA F 97 29.78 18.05 -15.12
C ALA F 97 28.68 17.08 -15.64
N ASN F 98 28.61 15.89 -15.07
N ASN F 98 28.54 15.88 -15.09
CA ASN F 98 27.55 14.94 -15.44
CA ASN F 98 27.43 15.02 -15.56
C ASN F 98 26.20 15.64 -15.11
C ASN F 98 26.13 15.68 -15.14
N THR F 99 26.10 16.30 -13.96
CA THR F 99 24.86 16.93 -13.49
C THR F 99 24.41 18.06 -14.43
N ARG F 100 25.40 18.86 -14.82
CA ARG F 100 25.26 19.97 -15.75
C ARG F 100 24.74 19.48 -17.10
N SER F 101 25.35 18.43 -17.66
CA SER F 101 24.91 17.94 -18.91
C SER F 101 23.46 17.43 -18.86
N LEU F 102 23.03 16.78 -17.78
CA LEU F 102 21.63 16.38 -17.62
C LEU F 102 20.67 17.56 -17.55
N LEU F 103 20.99 18.58 -16.77
CA LEU F 103 20.15 19.74 -16.62
C LEU F 103 19.98 20.47 -17.98
N ASN F 104 21.05 20.58 -18.74
CA ASN F 104 21.01 21.13 -20.12
C ASN F 104 20.09 20.34 -21.00
N LEU F 105 20.22 19.01 -20.98
CA LEU F 105 19.33 18.19 -21.74
C LEU F 105 17.87 18.40 -21.29
N ALA F 106 17.64 18.44 -19.99
CA ALA F 106 16.31 18.65 -19.46
C ALA F 106 15.75 20.05 -19.91
N GLU F 107 16.59 21.09 -19.89
CA GLU F 107 16.15 22.42 -20.38
C GLU F 107 15.70 22.35 -21.80
N ALA F 108 16.48 21.72 -22.63
CA ALA F 108 16.08 21.55 -24.04
C ALA F 108 14.74 20.75 -24.19
N ALA F 109 14.58 19.68 -23.42
CA ALA F 109 13.35 18.91 -23.48
C ALA F 109 12.21 19.80 -23.06
N SER F 110 12.43 20.60 -22.01
CA SER F 110 11.35 21.46 -21.48
C SER F 110 10.92 22.50 -22.53
N THR F 111 11.90 23.11 -23.19
CA THR F 111 11.67 24.08 -24.28
C THR F 111 10.84 23.42 -25.35
N CYS F 112 11.17 22.19 -25.70
CA CYS F 112 10.42 21.44 -26.70
C CYS F 112 9.12 20.88 -26.18
N HIS F 113 8.83 21.01 -24.90
CA HIS F 113 7.65 20.35 -24.34
C HIS F 113 7.74 18.86 -24.57
N ASP F 114 8.95 18.31 -24.48
CA ASP F 114 9.11 16.86 -24.68
C ASP F 114 8.91 16.14 -23.30
N PHE F 115 7.66 15.89 -22.98
CA PHE F 115 7.26 15.35 -21.63
C PHE F 115 7.81 14.02 -21.38
N ALA F 116 7.88 13.21 -22.44
CA ALA F 116 8.43 11.86 -22.30
C ALA F 116 9.92 11.87 -21.95
N VAL F 117 10.68 12.74 -22.58
CA VAL F 117 12.09 12.85 -22.25
C VAL F 117 12.25 13.41 -20.84
N MET F 118 11.49 14.44 -20.50
CA MET F 118 11.58 14.98 -19.13
C MET F 118 11.28 13.92 -18.05
N ALA F 119 10.26 13.11 -18.30
CA ALA F 119 9.93 12.00 -17.40
C ALA F 119 11.03 10.97 -17.32
N PHE F 120 11.64 10.65 -18.45
CA PHE F 120 12.74 9.69 -18.44
C PHE F 120 13.92 10.21 -17.58
N LEU F 121 14.18 11.49 -17.67
CA LEU F 121 15.29 12.09 -16.97
C LEU F 121 15.13 12.22 -15.46
N ASN F 122 13.89 12.31 -14.98
CA ASN F 122 13.69 12.54 -13.55
C ASN F 122 14.49 11.66 -12.54
N PRO F 123 14.51 10.35 -12.72
CA PRO F 123 15.30 9.53 -11.83
C PRO F 123 16.79 9.82 -11.92
N PHE F 124 17.26 10.21 -13.09
CA PHE F 124 18.67 10.62 -13.24
C PHE F 124 18.98 11.92 -12.51
N HIS F 125 18.06 12.87 -12.56
CA HIS F 125 18.25 14.09 -11.76
C HIS F 125 18.45 13.73 -10.28
N LEU F 126 17.65 12.82 -9.76
CA LEU F 126 17.71 12.46 -8.37
C LEU F 126 18.95 11.61 -8.10
N GLN F 127 19.33 10.77 -9.03
CA GLN F 127 20.59 10.04 -8.83
C GLN F 127 21.81 10.98 -8.74
N GLN F 128 21.86 12.02 -9.58
CA GLN F 128 22.98 12.96 -9.58
C GLN F 128 23.09 13.71 -8.26
N VAL F 129 21.96 14.03 -7.65
CA VAL F 129 21.97 14.69 -6.35
C VAL F 129 22.65 13.73 -5.36
N ASN F 130 22.28 12.44 -5.37
CA ASN F 130 22.92 11.49 -4.48
C ASN F 130 24.41 11.29 -4.77
N ALA F 131 24.74 11.19 -6.04
CA ALA F 131 26.13 11.01 -6.45
C ALA F 131 27.00 12.21 -6.00
N GLU F 132 26.58 13.45 -6.24
CA GLU F 132 27.40 14.59 -5.83
C GLU F 132 27.56 14.65 -4.34
N ASP F 133 26.51 14.29 -3.61
CA ASP F 133 26.56 14.30 -2.14
C ASP F 133 27.52 13.24 -1.60
N LYS F 134 27.44 12.04 -2.14
CA LYS F 134 28.26 10.91 -1.74
C LYS F 134 29.75 11.21 -2.09
N ILE F 135 30.03 11.68 -3.29
CA ILE F 135 31.42 11.99 -3.64
C ILE F 135 31.97 13.15 -2.78
N GLY F 136 31.16 14.18 -2.65
CA GLY F 136 31.41 15.33 -1.74
C GLY F 136 31.80 14.92 -0.32
N SER F 137 31.01 13.98 0.23
CA SER F 137 31.25 13.45 1.55
C SER F 137 32.53 12.58 1.66
N ILE F 138 32.79 11.72 0.68
CA ILE F 138 34.00 10.96 0.66
C ILE F 138 35.21 11.92 0.59
N LEU F 139 35.12 12.92 -0.24
CA LEU F 139 36.24 13.90 -0.38
C LEU F 139 36.55 14.65 0.93
N ALA F 140 35.52 14.94 1.72
CA ALA F 140 35.68 15.61 2.98
C ALA F 140 36.38 14.66 3.91
N LYS F 141 36.02 13.36 3.91
CA LYS F 141 36.68 12.41 4.79
C LYS F 141 38.13 12.23 4.41
N VAL F 142 38.37 12.08 3.11
CA VAL F 142 39.75 11.93 2.61
C VAL F 142 40.59 13.11 2.99
N THR F 143 40.06 14.32 2.79
CA THR F 143 40.81 15.52 3.07
C THR F 143 41.11 15.70 4.54
N ASP F 144 40.16 15.36 5.38
CA ASP F 144 40.41 15.35 6.81
C ASP F 144 41.45 14.32 7.28
N GLU F 145 41.24 13.06 6.88
CA GLU F 145 42.05 11.97 7.33
C GLU F 145 43.48 12.07 6.82
N ASN F 146 43.68 12.68 5.65
N ASN F 146 43.69 12.68 5.69
CA ASN F 146 45.01 12.91 5.03
CA ASN F 146 45.02 12.78 5.17
C ASN F 146 45.84 13.91 5.81
C ASN F 146 45.87 13.79 5.90
N ARG F 147 45.29 14.48 6.88
CA ARG F 147 46.04 15.40 7.70
C ARG F 147 47.03 14.71 8.59
N THR F 148 46.86 13.41 8.82
CA THR F 148 47.77 12.66 9.68
C THR F 148 48.38 11.56 8.83
N PRO F 149 49.75 11.51 8.77
CA PRO F 149 50.33 10.54 7.85
C PRO F 149 49.94 9.11 8.13
N GLY F 150 49.63 8.34 7.08
CA GLY F 150 49.20 6.98 7.29
C GLY F 150 47.70 6.78 7.56
N LEU F 151 47.03 7.76 8.12
CA LEU F 151 45.67 7.55 8.60
C LEU F 151 44.67 7.24 7.47
N LEU F 152 44.88 7.87 6.33
CA LEU F 152 44.01 7.61 5.19
C LEU F 152 44.09 6.14 4.73
N ARG F 153 45.24 5.48 4.85
CA ARG F 153 45.23 4.01 4.64
C ARG F 153 44.19 3.26 5.43
N SER F 154 43.80 3.76 6.61
CA SER F 154 42.63 3.23 7.37
C SER F 154 41.30 3.28 6.63
N LEU F 155 41.00 4.39 5.99
CA LEU F 155 39.81 4.44 5.17
C LEU F 155 39.86 3.32 4.12
N ASP F 156 41.01 3.13 3.49
CA ASP F 156 41.00 2.27 2.37
C ASP F 156 40.62 0.84 2.86
N VAL F 157 41.26 0.35 3.92
CA VAL F 157 40.93 -1.01 4.40
C VAL F 157 39.51 -0.98 4.96
N VAL F 158 39.27 -0.30 6.06
CA VAL F 158 37.97 -0.32 6.75
C VAL F 158 36.80 -0.25 5.76
N SER F 159 36.59 0.88 5.12
CA SER F 159 35.50 1.00 4.15
C SER F 159 35.99 0.59 2.77
N PHE F 160 35.08 0.16 1.90
CA PHE F 160 35.36 -0.12 0.46
C PHE F 160 35.65 -1.60 0.13
N SER G 2 -47.34 -49.29 28.51
CA SER G 2 -46.30 -48.59 27.66
C SER G 2 -46.77 -48.15 26.27
N GLU G 3 -47.99 -48.52 25.83
CA GLU G 3 -48.43 -48.05 24.52
C GLU G 3 -48.34 -46.53 24.50
N GLU G 4 -48.61 -45.88 25.64
CA GLU G 4 -48.53 -44.42 25.77
C GLU G 4 -47.12 -43.95 25.49
N LEU G 5 -46.17 -44.64 26.09
CA LEU G 5 -44.77 -44.43 25.78
C LEU G 5 -44.40 -44.61 24.30
N LEU G 6 -44.88 -45.70 23.71
N LEU G 6 -44.83 -45.71 23.65
CA LEU G 6 -44.57 -46.03 22.34
CA LEU G 6 -44.55 -45.89 22.20
C LEU G 6 -45.24 -45.01 21.34
C LEU G 6 -45.17 -44.73 21.38
N ASP G 7 -46.42 -44.47 21.72
N ASP G 7 -46.40 -44.38 21.77
CA ASP G 7 -47.10 -43.45 20.90
CA ASP G 7 -47.20 -43.39 21.05
C ASP G 7 -46.38 -42.10 21.05
C ASP G 7 -46.45 -42.09 21.08
N LEU G 8 -45.96 -41.74 22.25
CA LEU G 8 -45.38 -40.44 22.48
C LEU G 8 -44.01 -40.34 21.82
N PHE G 9 -43.30 -41.44 21.81
CA PHE G 9 -42.05 -41.51 21.13
C PHE G 9 -42.26 -41.30 19.62
N ASN G 10 -43.24 -42.01 19.07
CA ASN G 10 -43.64 -41.80 17.68
C ASN G 10 -44.04 -40.35 17.44
N ARG G 11 -44.78 -39.74 18.34
CA ARG G 11 -45.19 -38.38 18.12
C ARG G 11 -44.02 -37.42 18.23
N GLN G 12 -42.96 -37.80 18.90
CA GLN G 12 -41.83 -36.92 19.04
C GLN G 12 -41.06 -36.79 17.75
N VAL G 13 -40.98 -37.88 16.98
CA VAL G 13 -40.41 -37.82 15.66
C VAL G 13 -41.17 -36.83 14.82
N THR G 14 -42.51 -36.99 14.79
CA THR G 14 -43.34 -36.05 14.04
C THR G 14 -43.09 -34.57 14.47
N GLN G 15 -42.95 -34.30 15.76
CA GLN G 15 -42.72 -32.95 16.29
C GLN G 15 -41.37 -32.39 15.79
N GLU G 16 -40.34 -33.21 15.72
CA GLU G 16 -39.00 -32.73 15.26
C GLU G 16 -39.07 -32.41 13.80
N PHE G 17 -39.73 -33.26 13.01
CA PHE G 17 -39.84 -32.98 11.56
C PHE G 17 -40.79 -31.84 11.26
N THR G 18 -41.86 -31.71 12.05
CA THR G 18 -42.69 -30.53 11.96
C THR G 18 -41.85 -29.26 12.24
N ALA G 19 -41.07 -29.24 13.30
CA ALA G 19 -40.22 -28.11 13.61
C ALA G 19 -39.22 -27.84 12.47
N SER G 20 -38.64 -28.91 11.90
CA SER G 20 -37.78 -28.75 10.74
C SER G 20 -38.44 -27.98 9.61
N GLN G 21 -39.71 -28.27 9.35
CA GLN G 21 -40.43 -27.64 8.29
C GLN G 21 -40.80 -26.21 8.64
N VAL G 22 -41.15 -25.96 9.91
CA VAL G 22 -41.43 -24.63 10.31
C VAL G 22 -40.19 -23.73 10.14
N TYR G 23 -39.05 -24.21 10.61
CA TYR G 23 -37.77 -23.48 10.41
C TYR G 23 -37.51 -23.30 8.92
N LEU G 24 -37.82 -24.30 8.06
CA LEU G 24 -37.69 -24.03 6.60
C LEU G 24 -38.57 -22.88 6.11
N SER G 25 -39.82 -22.89 6.57
N SER G 25 -39.82 -22.88 6.59
CA SER G 25 -40.74 -21.83 6.20
CA SER G 25 -40.76 -21.83 6.22
C SER G 25 -40.24 -20.44 6.63
C SER G 25 -40.26 -20.44 6.64
N ALA G 26 -39.64 -20.37 7.82
CA ALA G 26 -39.07 -19.11 8.30
C ALA G 26 -37.91 -18.69 7.36
N SER G 27 -37.13 -19.66 6.93
CA SER G 27 -36.03 -19.41 6.03
C SER G 27 -36.53 -18.84 4.74
N ILE G 28 -37.58 -19.45 4.22
CA ILE G 28 -38.20 -18.97 3.00
C ILE G 28 -38.75 -17.52 3.14
N TRP G 29 -39.46 -17.22 4.21
CA TRP G 29 -39.98 -15.88 4.44
C TRP G 29 -38.83 -14.88 4.43
N PHE G 30 -37.77 -15.23 5.15
CA PHE G 30 -36.66 -14.31 5.25
C PHE G 30 -35.98 -14.10 3.91
N ASP G 31 -35.75 -15.16 3.18
CA ASP G 31 -35.16 -15.05 1.84
C ASP G 31 -36.02 -14.22 0.90
N GLN G 32 -37.33 -14.49 0.86
CA GLN G 32 -38.23 -13.74 0.00
C GLN G 32 -38.18 -12.25 0.34
N ASN G 33 -37.96 -11.93 1.59
CA ASN G 33 -37.90 -10.57 2.06
C ASN G 33 -36.51 -9.98 2.26
N ASP G 34 -35.53 -10.64 1.66
CA ASP G 34 -34.14 -10.20 1.58
C ASP G 34 -33.46 -10.10 2.89
N TRP G 35 -33.79 -11.01 3.80
CA TRP G 35 -33.10 -11.15 5.11
C TRP G 35 -32.20 -12.38 5.03
N GLU G 36 -31.13 -12.33 4.23
CA GLU G 36 -30.42 -13.57 3.89
C GLU G 36 -29.63 -14.16 5.06
N GLY G 37 -29.21 -13.33 5.99
CA GLY G 37 -28.57 -13.79 7.17
C GLY G 37 -29.52 -14.58 8.09
N MET G 38 -30.68 -14.03 8.35
CA MET G 38 -31.66 -14.73 9.17
C MET G 38 -32.12 -15.97 8.42
N ALA G 39 -32.22 -15.90 7.10
CA ALA G 39 -32.66 -17.06 6.35
C ALA G 39 -31.65 -18.19 6.50
N ALA G 40 -30.32 -17.88 6.44
CA ALA G 40 -29.31 -18.91 6.63
C ALA G 40 -29.37 -19.57 7.99
N TYR G 41 -29.57 -18.80 9.04
CA TYR G 41 -29.69 -19.31 10.34
C TYR G 41 -30.90 -20.30 10.47
N MET G 42 -32.05 -19.91 9.91
CA MET G 42 -33.24 -20.75 9.94
C MET G 42 -33.01 -22.04 9.20
N LEU G 43 -32.29 -21.96 8.07
CA LEU G 43 -32.04 -23.11 7.25
C LEU G 43 -31.19 -24.13 8.02
N ALA G 44 -30.19 -23.59 8.71
CA ALA G 44 -29.32 -24.41 9.55
C ALA G 44 -30.08 -25.10 10.64
N GLU G 45 -30.94 -24.37 11.30
CA GLU G 45 -31.82 -24.95 12.31
C GLU G 45 -32.81 -26.00 11.76
N SER G 46 -33.30 -25.82 10.55
CA SER G 46 -34.16 -26.78 9.92
C SER G 46 -33.40 -28.10 9.80
N ALA G 47 -32.15 -28.06 9.34
CA ALA G 47 -31.37 -29.30 9.22
C ALA G 47 -31.13 -29.94 10.56
N GLU G 48 -30.79 -29.13 11.53
CA GLU G 48 -30.57 -29.65 12.85
C GLU G 48 -31.80 -30.33 13.47
N GLU G 49 -32.99 -29.75 13.33
CA GLU G 49 -34.19 -30.41 13.86
C GLU G 49 -34.41 -31.72 13.15
N ARG G 50 -34.17 -31.75 11.85
CA ARG G 50 -34.33 -33.02 11.18
C ARG G 50 -33.33 -34.06 11.74
N GLU G 51 -32.09 -33.63 12.01
CA GLU G 51 -31.15 -34.51 12.68
C GLU G 51 -31.66 -35.02 14.03
N HIS G 52 -32.28 -34.19 14.83
CA HIS G 52 -32.85 -34.71 16.06
C HIS G 52 -33.89 -35.80 15.79
N GLY G 53 -34.79 -35.54 14.85
CA GLY G 53 -35.73 -36.52 14.46
C GLY G 53 -35.12 -37.84 14.08
N LEU G 54 -34.07 -37.76 13.27
CA LEU G 54 -33.34 -39.00 12.90
C LEU G 54 -32.69 -39.69 14.08
N GLY G 55 -32.23 -38.94 15.05
CA GLY G 55 -31.70 -39.57 16.30
C GLY G 55 -32.77 -40.35 17.10
N PHE G 56 -33.94 -39.77 17.24
CA PHE G 56 -35.11 -40.45 17.81
C PHE G 56 -35.50 -41.71 16.99
N VAL G 57 -35.58 -41.59 15.66
CA VAL G 57 -35.76 -42.79 14.80
C VAL G 57 -34.76 -43.90 15.09
N ASP G 58 -33.49 -43.56 15.16
CA ASP G 58 -32.42 -44.54 15.34
C ASP G 58 -32.56 -45.25 16.67
N PHE G 59 -32.77 -44.49 17.74
CA PHE G 59 -32.92 -45.04 19.06
C PHE G 59 -34.16 -45.91 19.11
N ALA G 60 -35.27 -45.46 18.53
CA ALA G 60 -36.45 -46.32 18.50
C ALA G 60 -36.18 -47.66 17.83
N ASN G 61 -35.50 -47.63 16.66
CA ASN G 61 -35.19 -48.89 15.92
C ASN G 61 -34.35 -49.81 16.82
N LYS G 62 -33.36 -49.24 17.48
CA LYS G 62 -32.48 -50.03 18.39
C LYS G 62 -33.27 -50.63 19.53
N ARG G 63 -34.20 -49.83 20.09
CA ARG G 63 -35.02 -50.25 21.25
C ARG G 63 -36.33 -51.01 20.91
N ASN G 64 -36.53 -51.39 19.66
CA ASN G 64 -37.81 -52.01 19.21
C ASN G 64 -39.04 -51.21 19.58
N ILE G 65 -38.96 -49.89 19.42
CA ILE G 65 -40.13 -49.03 19.55
C ILE G 65 -40.52 -48.84 18.07
N PRO G 66 -41.66 -49.35 17.65
CA PRO G 66 -41.97 -49.23 16.20
C PRO G 66 -42.31 -47.78 15.82
N ILE G 67 -41.72 -47.31 14.76
CA ILE G 67 -41.87 -45.98 14.32
C ILE G 67 -42.72 -46.13 13.08
N GLU G 68 -43.81 -45.41 13.04
CA GLU G 68 -44.54 -45.25 11.81
C GLU G 68 -44.60 -43.74 11.49
N LEU G 69 -43.94 -43.34 10.40
CA LEU G 69 -43.89 -41.92 10.02
C LEU G 69 -45.30 -41.36 9.69
N GLN G 70 -45.61 -40.20 10.25
CA GLN G 70 -46.91 -39.57 10.03
C GLN G 70 -46.71 -38.41 9.10
N ALA G 71 -47.83 -37.85 8.67
CA ALA G 71 -47.78 -36.67 7.82
C ALA G 71 -47.06 -35.57 8.61
N VAL G 72 -46.21 -34.81 7.90
CA VAL G 72 -45.62 -33.61 8.47
C VAL G 72 -46.44 -32.41 8.01
N PRO G 73 -47.11 -31.75 8.95
CA PRO G 73 -48.10 -30.75 8.59
C PRO G 73 -47.48 -29.57 7.87
N ALA G 74 -48.26 -28.94 7.00
CA ALA G 74 -47.87 -27.71 6.33
C ALA G 74 -47.70 -26.60 7.37
N PRO G 75 -46.58 -25.83 7.37
CA PRO G 75 -46.36 -24.67 8.26
C PRO G 75 -47.45 -23.69 7.92
N VAL G 76 -47.99 -23.03 8.90
CA VAL G 76 -49.08 -22.03 8.62
C VAL G 76 -48.85 -20.65 9.20
N SER G 77 -47.89 -20.54 10.13
CA SER G 77 -47.54 -19.19 10.70
C SER G 77 -47.06 -18.20 9.67
N YCM G 78 -46.37 -18.68 8.63
N YCM G 78 -46.41 -18.72 8.64
CA YCM G 78 -45.86 -17.87 7.48
CA YCM G 78 -45.87 -17.99 7.50
CB YCM G 78 -45.23 -18.79 6.38
CB YCM G 78 -45.11 -18.98 6.62
SG YCM G 78 -44.17 -17.99 5.00
SG YCM G 78 -46.11 -20.39 6.05
CD YCM G 78 -42.95 -19.46 4.43
CD YCM G 78 -46.26 -19.95 4.30
CE YCM G 78 -43.47 -20.49 3.41
CE YCM G 78 -47.58 -19.22 4.07
OZ1 YCM G 78 -43.78 -21.73 3.69
OZ1 YCM G 78 -48.65 -19.76 4.34
NZ2 YCM G 78 -43.64 -19.96 2.20
NZ2 YCM G 78 -47.50 -17.99 3.62
C YCM G 78 -46.92 -16.98 6.84
C YCM G 78 -46.87 -17.23 6.62
O YCM G 78 -46.62 -15.83 6.35
O YCM G 78 -46.48 -16.47 5.71
N ALA G 79 -48.16 -17.46 6.86
CA ALA G 79 -49.19 -16.61 6.21
C ALA G 79 -49.36 -15.21 6.94
N GLU G 80 -49.10 -15.20 8.22
CA GLU G 80 -49.33 -14.09 9.11
C GLU G 80 -48.06 -13.23 9.30
N TRP G 81 -46.89 -13.70 8.90
CA TRP G 81 -45.69 -12.97 9.20
C TRP G 81 -45.63 -11.70 8.41
N SER G 82 -45.37 -10.58 9.08
CA SER G 82 -45.01 -9.44 8.25
C SER G 82 -43.74 -8.68 8.62
N SER G 83 -43.07 -9.07 9.69
CA SER G 83 -41.80 -8.48 10.04
C SER G 83 -40.94 -9.61 10.66
N PRO G 84 -39.61 -9.42 10.73
CA PRO G 84 -38.79 -10.45 11.34
C PRO G 84 -39.21 -10.75 12.76
N GLU G 85 -39.66 -9.74 13.50
CA GLU G 85 -40.15 -9.98 14.87
C GLU G 85 -41.24 -11.08 14.94
N ASP G 86 -42.18 -11.03 14.01
CA ASP G 86 -43.25 -12.04 13.96
C ASP G 86 -42.67 -13.46 13.75
N VAL G 87 -41.68 -13.54 12.88
CA VAL G 87 -41.02 -14.85 12.56
C VAL G 87 -40.30 -15.40 13.78
N TRP G 88 -39.46 -14.56 14.41
CA TRP G 88 -38.73 -15.02 15.59
C TRP G 88 -39.68 -15.38 16.77
N GLN G 89 -40.80 -14.66 16.92
CA GLN G 89 -41.80 -14.97 17.92
C GLN G 89 -42.38 -16.33 17.66
N SER G 90 -42.73 -16.63 16.43
CA SER G 90 -43.23 -17.96 16.11
C SER G 90 -42.20 -19.02 16.42
N ILE G 91 -40.95 -18.76 16.08
CA ILE G 91 -39.89 -19.77 16.33
C ILE G 91 -39.66 -19.99 17.83
N LEU G 92 -39.76 -18.93 18.64
CA LEU G 92 -39.75 -19.11 20.11
C LEU G 92 -40.86 -20.04 20.58
N GLU G 93 -42.06 -19.83 20.05
CA GLU G 93 -43.18 -20.63 20.48
C GLU G 93 -43.02 -22.07 20.03
N LEU G 94 -42.45 -22.24 18.84
CA LEU G 94 -42.12 -23.61 18.36
C LEU G 94 -41.18 -24.32 19.32
N GLU G 95 -40.14 -23.66 19.74
CA GLU G 95 -39.17 -24.28 20.64
C GLU G 95 -39.78 -24.58 21.97
N GLN G 96 -40.66 -23.70 22.43
CA GLN G 96 -41.33 -23.93 23.70
C GLN G 96 -42.21 -25.15 23.61
N ALA G 97 -42.87 -25.29 22.47
CA ALA G 97 -43.61 -26.50 22.16
C ALA G 97 -42.76 -27.78 22.08
N ASN G 98 -41.60 -27.70 21.40
N ASN G 98 -41.59 -27.72 21.47
CA ASN G 98 -40.61 -28.79 21.30
CA ASN G 98 -40.79 -28.91 21.46
C ASN G 98 -40.25 -29.21 22.78
C ASN G 98 -40.25 -29.24 22.84
N THR G 99 -39.97 -28.22 23.64
CA THR G 99 -39.59 -28.47 25.05
C THR G 99 -40.70 -29.22 25.79
N ARG G 100 -41.92 -28.74 25.61
CA ARG G 100 -43.08 -29.38 26.31
C ARG G 100 -43.30 -30.82 25.84
N SER G 101 -43.13 -31.10 24.54
CA SER G 101 -43.25 -32.44 24.05
C SER G 101 -42.20 -33.41 24.59
N LEU G 102 -40.97 -32.95 24.75
CA LEU G 102 -39.89 -33.77 25.33
C LEU G 102 -40.16 -34.02 26.77
N LEU G 103 -40.67 -33.03 27.48
CA LEU G 103 -40.92 -33.17 28.90
C LEU G 103 -42.06 -34.16 29.08
N ASN G 104 -43.03 -34.16 28.18
CA ASN G 104 -44.13 -35.10 28.34
C ASN G 104 -43.72 -36.55 28.04
N LEU G 105 -42.86 -36.69 27.03
CA LEU G 105 -42.23 -37.95 26.78
C LEU G 105 -41.45 -38.43 27.98
N ALA G 106 -40.66 -37.54 28.59
CA ALA G 106 -39.84 -37.91 29.77
C ALA G 106 -40.76 -38.29 30.93
N GLU G 107 -41.86 -37.59 31.12
CA GLU G 107 -42.81 -37.98 32.19
C GLU G 107 -43.34 -39.40 32.02
N ALA G 108 -43.73 -39.73 30.80
CA ALA G 108 -44.20 -41.03 30.50
C ALA G 108 -43.12 -42.06 30.73
N ALA G 109 -41.88 -41.73 30.41
CA ALA G 109 -40.82 -42.71 30.60
C ALA G 109 -40.54 -42.85 32.07
N SER G 110 -40.58 -41.77 32.81
CA SER G 110 -40.41 -41.83 34.25
C SER G 110 -41.50 -42.72 34.90
N THR G 111 -42.74 -42.50 34.57
CA THR G 111 -43.82 -43.37 35.08
C THR G 111 -43.54 -44.82 34.79
N CYS G 112 -43.03 -45.14 33.63
CA CYS G 112 -42.76 -46.54 33.24
C CYS G 112 -41.42 -47.03 33.81
N HIS G 113 -40.67 -46.21 34.54
CA HIS G 113 -39.31 -46.56 34.99
C HIS G 113 -38.40 -46.96 33.84
N ASP G 114 -38.56 -46.28 32.69
CA ASP G 114 -37.80 -46.62 31.52
C ASP G 114 -36.51 -45.77 31.59
N PHE G 115 -35.55 -46.29 32.33
CA PHE G 115 -34.29 -45.61 32.54
C PHE G 115 -33.51 -45.38 31.28
N ALA G 116 -33.59 -46.28 30.31
CA ALA G 116 -32.84 -46.02 29.09
C ALA G 116 -33.41 -44.85 28.31
N VAL G 117 -34.74 -44.75 28.19
CA VAL G 117 -35.35 -43.62 27.50
C VAL G 117 -35.03 -42.35 28.20
N MET G 118 -35.06 -42.38 29.51
CA MET G 118 -34.70 -41.11 30.27
C MET G 118 -33.29 -40.68 30.03
N ALA G 119 -32.37 -41.65 30.03
CA ALA G 119 -30.95 -41.34 29.77
C ALA G 119 -30.77 -40.83 28.33
N PHE G 120 -31.48 -41.45 27.39
CA PHE G 120 -31.45 -40.96 26.03
C PHE G 120 -31.91 -39.49 25.89
N LEU G 121 -32.96 -39.11 26.61
CA LEU G 121 -33.53 -37.75 26.54
C LEU G 121 -32.69 -36.65 27.19
N ASN G 122 -31.86 -36.99 28.12
CA ASN G 122 -31.10 -36.01 28.83
C ASN G 122 -30.38 -34.93 28.01
N PRO G 123 -29.58 -35.32 27.03
CA PRO G 123 -28.96 -34.29 26.19
C PRO G 123 -29.96 -33.39 25.46
N PHE G 124 -31.13 -33.93 25.13
CA PHE G 124 -32.14 -33.14 24.46
C PHE G 124 -32.78 -32.15 25.41
N HIS G 125 -32.97 -32.52 26.65
CA HIS G 125 -33.52 -31.57 27.60
C HIS G 125 -32.56 -30.33 27.70
N LEU G 126 -31.25 -30.56 27.75
CA LEU G 126 -30.26 -29.51 27.87
C LEU G 126 -30.13 -28.69 26.60
N GLN G 127 -30.19 -29.35 25.47
CA GLN G 127 -30.28 -28.66 24.22
C GLN G 127 -31.47 -27.76 24.15
N GLN G 128 -32.63 -28.20 24.68
CA GLN G 128 -33.81 -27.34 24.64
C GLN G 128 -33.64 -26.10 25.52
N VAL G 129 -32.98 -26.23 26.68
CA VAL G 129 -32.67 -24.99 27.46
C VAL G 129 -31.84 -24.01 26.64
N ASN G 130 -30.77 -24.50 25.99
CA ASN G 130 -29.94 -23.66 25.16
C ASN G 130 -30.71 -23.07 23.99
N ALA G 131 -31.54 -23.88 23.33
CA ALA G 131 -32.38 -23.38 22.22
C ALA G 131 -33.31 -22.25 22.63
N GLU G 132 -34.06 -22.44 23.68
CA GLU G 132 -35.02 -21.39 24.10
C GLU G 132 -34.28 -20.12 24.49
N ASP G 133 -33.10 -20.31 25.09
CA ASP G 133 -32.33 -19.16 25.53
C ASP G 133 -31.83 -18.35 24.33
N LYS G 134 -31.33 -19.05 23.32
CA LYS G 134 -30.73 -18.40 22.16
C LYS G 134 -31.81 -17.71 21.29
N ILE G 135 -32.95 -18.35 21.11
N ILE G 135 -32.91 -18.42 21.09
CA ILE G 135 -34.05 -17.69 20.35
CA ILE G 135 -34.05 -17.88 20.35
C ILE G 135 -34.68 -16.54 21.08
C ILE G 135 -34.59 -16.63 21.06
N GLY G 136 -34.85 -16.74 22.37
CA GLY G 136 -35.31 -15.65 23.17
C GLY G 136 -34.39 -14.46 23.12
N SER G 137 -33.08 -14.71 23.10
CA SER G 137 -32.08 -13.67 23.03
C SER G 137 -32.08 -12.95 21.67
N ILE G 138 -32.19 -13.72 20.60
CA ILE G 138 -32.29 -13.11 19.29
C ILE G 138 -33.55 -12.28 19.18
N LEU G 139 -34.65 -12.81 19.71
CA LEU G 139 -35.91 -12.09 19.62
C LEU G 139 -35.84 -10.71 20.37
N ALA G 140 -35.22 -10.71 21.55
CA ALA G 140 -34.94 -9.48 22.30
C ALA G 140 -34.14 -8.47 21.47
N LYS G 141 -33.07 -8.92 20.81
CA LYS G 141 -32.29 -8.04 19.99
C LYS G 141 -33.06 -7.49 18.84
N VAL G 142 -33.82 -8.37 18.19
CA VAL G 142 -34.65 -7.97 17.05
C VAL G 142 -35.67 -6.92 17.41
N THR G 143 -36.34 -7.14 18.53
CA THR G 143 -37.37 -6.26 19.05
C THR G 143 -36.80 -4.89 19.37
N ASP G 144 -35.63 -4.86 19.97
CA ASP G 144 -34.94 -3.59 20.28
C ASP G 144 -34.48 -2.84 19.05
N GLU G 145 -33.78 -3.55 18.16
CA GLU G 145 -33.25 -2.88 16.97
C GLU G 145 -34.33 -2.40 16.02
N ASN G 146 -35.42 -3.11 15.92
N ASN G 146 -35.43 -3.13 15.94
CA ASN G 146 -36.48 -2.69 15.01
CA ASN G 146 -36.56 -2.73 15.08
C ASN G 146 -37.23 -1.43 15.47
C ASN G 146 -37.31 -1.47 15.53
N ARG G 147 -36.83 -0.83 16.58
CA ARG G 147 -37.45 0.44 17.05
C ARG G 147 -36.98 1.62 16.21
N THR G 148 -35.88 1.44 15.49
CA THR G 148 -35.36 2.45 14.61
C THR G 148 -35.38 1.93 13.15
N PRO G 149 -36.07 2.65 12.23
CA PRO G 149 -36.18 2.17 10.85
C PRO G 149 -34.84 1.86 10.21
N GLY G 150 -34.69 0.67 9.63
CA GLY G 150 -33.46 0.34 8.91
C GLY G 150 -32.41 -0.35 9.75
N LEU G 151 -32.49 -0.15 11.06
CA LEU G 151 -31.44 -0.59 11.93
C LEU G 151 -31.35 -2.08 11.97
N LEU G 152 -32.49 -2.77 12.03
CA LEU G 152 -32.46 -4.24 12.05
C LEU G 152 -31.72 -4.84 10.82
N ARG G 153 -31.90 -4.24 9.63
CA ARG G 153 -31.10 -4.68 8.48
C ARG G 153 -29.66 -4.76 8.73
N SER G 154 -29.16 -3.72 9.37
CA SER G 154 -27.75 -3.64 9.68
C SER G 154 -27.26 -4.86 10.38
N LEU G 155 -28.11 -5.51 11.15
CA LEU G 155 -27.65 -6.66 11.89
C LEU G 155 -28.01 -8.08 11.31
N ASP G 156 -28.83 -8.10 10.28
CA ASP G 156 -28.85 -9.24 9.43
C ASP G 156 -27.50 -9.37 8.67
N VAL G 157 -27.05 -8.23 8.16
CA VAL G 157 -26.00 -8.19 7.13
C VAL G 157 -24.68 -8.24 7.89
N VAL G 158 -24.52 -7.42 8.92
CA VAL G 158 -23.35 -7.49 9.81
C VAL G 158 -23.26 -8.87 10.44
N SER G 159 -24.06 -9.13 11.48
CA SER G 159 -24.07 -10.42 12.13
C SER G 159 -24.75 -11.51 11.24
N PHE G 160 -25.01 -12.68 11.81
CA PHE G 160 -25.55 -13.85 11.09
C PHE G 160 -24.58 -14.38 9.99
N SER H 2 -28.93 -17.69 -40.04
CA SER H 2 -30.10 -16.87 -40.50
C SER H 2 -29.99 -15.48 -39.84
N GLU H 3 -30.54 -14.50 -40.54
CA GLU H 3 -30.20 -13.09 -40.39
C GLU H 3 -30.57 -12.56 -39.01
N GLU H 4 -31.78 -12.91 -38.52
CA GLU H 4 -32.33 -12.35 -37.28
C GLU H 4 -31.41 -12.83 -36.15
N LEU H 5 -31.11 -14.10 -36.15
CA LEU H 5 -30.34 -14.66 -35.04
C LEU H 5 -28.97 -14.01 -35.02
N LEU H 6 -28.35 -13.90 -36.18
CA LEU H 6 -27.01 -13.33 -36.26
C LEU H 6 -26.98 -11.85 -35.84
N ASP H 7 -28.02 -11.08 -36.12
N ASP H 7 -28.07 -11.19 -36.18
CA ASP H 7 -28.04 -9.68 -35.66
CA ASP H 7 -28.36 -9.84 -35.79
C ASP H 7 -28.38 -9.54 -34.15
C ASP H 7 -28.35 -9.65 -34.26
N LEU H 8 -29.18 -10.44 -33.62
CA LEU H 8 -29.44 -10.33 -32.21
C LEU H 8 -28.20 -10.73 -31.45
N PHE H 9 -27.35 -11.62 -32.02
CA PHE H 9 -26.19 -12.08 -31.32
C PHE H 9 -25.22 -10.91 -31.31
N ASN H 10 -25.09 -10.28 -32.48
CA ASN H 10 -24.24 -9.08 -32.59
C ASN H 10 -24.74 -8.00 -31.57
N ARG H 11 -26.04 -7.77 -31.45
N ARG H 11 -26.05 -7.78 -31.48
CA ARG H 11 -26.57 -6.76 -30.52
CA ARG H 11 -26.60 -6.81 -30.54
C ARG H 11 -26.48 -7.17 -29.01
C ARG H 11 -26.24 -7.14 -29.08
N GLN H 12 -26.24 -8.44 -28.74
CA GLN H 12 -26.09 -8.91 -27.34
C GLN H 12 -24.74 -8.44 -26.87
N VAL H 13 -23.73 -8.41 -27.77
CA VAL H 13 -22.44 -7.93 -27.41
C VAL H 13 -22.51 -6.50 -27.04
N THR H 14 -23.26 -5.74 -27.84
CA THR H 14 -23.47 -4.33 -27.51
C THR H 14 -24.16 -4.14 -26.15
N GLN H 15 -25.14 -4.98 -25.87
CA GLN H 15 -25.89 -4.85 -24.62
C GLN H 15 -24.96 -5.08 -23.41
N GLU H 16 -24.12 -6.07 -23.52
CA GLU H 16 -23.15 -6.43 -22.45
C GLU H 16 -22.19 -5.28 -22.18
N PHE H 17 -21.62 -4.73 -23.26
CA PHE H 17 -20.74 -3.57 -23.13
C PHE H 17 -21.46 -2.31 -22.65
N THR H 18 -22.71 -2.10 -23.07
CA THR H 18 -23.54 -1.03 -22.60
C THR H 18 -23.71 -1.13 -21.08
N ALA H 19 -24.06 -2.31 -20.62
CA ALA H 19 -24.24 -2.58 -19.18
C ALA H 19 -22.90 -2.35 -18.44
N SER H 20 -21.78 -2.79 -19.02
CA SER H 20 -20.48 -2.49 -18.40
C SER H 20 -20.27 -1.03 -18.14
N GLN H 21 -20.62 -0.20 -19.14
CA GLN H 21 -20.46 1.22 -19.02
C GLN H 21 -21.42 1.85 -18.01
N VAL H 22 -22.64 1.34 -17.95
CA VAL H 22 -23.57 1.81 -16.94
C VAL H 22 -23.09 1.48 -15.52
N TYR H 23 -22.58 0.27 -15.35
CA TYR H 23 -21.94 -0.09 -14.08
C TYR H 23 -20.83 0.83 -13.76
N LEU H 24 -19.96 1.15 -14.74
CA LEU H 24 -18.91 2.07 -14.50
C LEU H 24 -19.46 3.45 -14.08
N SER H 25 -20.52 3.90 -14.75
N SER H 25 -20.53 3.93 -14.72
CA SER H 25 -21.14 5.15 -14.41
CA SER H 25 -21.09 5.21 -14.39
C SER H 25 -21.57 5.18 -12.94
C SER H 25 -21.67 5.22 -12.94
N ALA H 26 -22.20 4.08 -12.50
CA ALA H 26 -22.64 3.95 -11.10
C ALA H 26 -21.42 4.01 -10.17
N SER H 27 -20.32 3.39 -10.58
CA SER H 27 -19.10 3.41 -9.76
C SER H 27 -18.60 4.83 -9.59
N ILE H 28 -18.62 5.61 -10.66
CA ILE H 28 -18.23 6.97 -10.64
C ILE H 28 -19.11 7.80 -9.71
N TRP H 29 -20.42 7.67 -9.81
CA TRP H 29 -21.29 8.47 -9.00
C TRP H 29 -20.97 8.14 -7.56
N PHE H 30 -20.90 6.85 -7.24
CA PHE H 30 -20.66 6.46 -5.87
C PHE H 30 -19.32 7.01 -5.39
N ASP H 31 -18.24 6.88 -6.16
CA ASP H 31 -16.92 7.45 -5.73
C ASP H 31 -16.98 8.96 -5.55
N GLN H 32 -17.71 9.67 -6.42
CA GLN H 32 -17.75 11.13 -6.33
C GLN H 32 -18.47 11.50 -5.12
N ASN H 33 -19.42 10.67 -4.68
CA ASN H 33 -20.19 10.99 -3.48
C ASN H 33 -19.72 10.22 -2.21
N ASP H 34 -18.54 9.65 -2.29
CA ASP H 34 -17.88 9.01 -1.14
C ASP H 34 -18.54 7.77 -0.62
N TRP H 35 -19.07 6.96 -1.56
CA TRP H 35 -19.59 5.62 -1.23
C TRP H 35 -18.61 4.62 -1.82
N GLU H 36 -17.39 4.52 -1.25
CA GLU H 36 -16.36 3.77 -1.89
C GLU H 36 -16.67 2.28 -1.91
N GLY H 37 -17.43 1.79 -0.95
CA GLY H 37 -17.77 0.38 -0.90
C GLY H 37 -18.75 0.01 -2.06
N MET H 38 -19.77 0.82 -2.23
CA MET H 38 -20.70 0.63 -3.38
C MET H 38 -20.00 0.84 -4.72
N ALA H 39 -19.06 1.77 -4.77
CA ALA H 39 -18.31 2.05 -5.96
C ALA H 39 -17.47 0.88 -6.36
N ALA H 40 -16.85 0.21 -5.39
CA ALA H 40 -16.03 -1.00 -5.67
C ALA H 40 -16.85 -2.12 -6.20
N TYR H 41 -18.06 -2.33 -5.68
CA TYR H 41 -18.96 -3.37 -6.12
C TYR H 41 -19.36 -3.10 -7.61
N MET H 42 -19.66 -1.83 -7.92
CA MET H 42 -20.09 -1.46 -9.26
C MET H 42 -18.91 -1.62 -10.23
N LEU H 43 -17.70 -1.32 -9.80
CA LEU H 43 -16.55 -1.48 -10.65
C LEU H 43 -16.30 -2.94 -10.99
N ALA H 44 -16.44 -3.81 -10.00
CA ALA H 44 -16.28 -5.26 -10.26
C ALA H 44 -17.32 -5.75 -11.25
N GLU H 45 -18.58 -5.37 -11.06
CA GLU H 45 -19.62 -5.80 -12.02
C GLU H 45 -19.36 -5.25 -13.43
N SER H 46 -18.87 -4.03 -13.50
CA SER H 46 -18.47 -3.48 -14.79
C SER H 46 -17.49 -4.40 -15.52
N ALA H 47 -16.48 -4.92 -14.82
CA ALA H 47 -15.51 -5.83 -15.44
C ALA H 47 -16.15 -7.11 -15.81
N GLU H 48 -17.04 -7.60 -14.96
CA GLU H 48 -17.69 -8.86 -15.21
C GLU H 48 -18.64 -8.77 -16.44
N GLU H 49 -19.36 -7.66 -16.61
N GLU H 49 -19.36 -7.64 -16.57
CA GLU H 49 -20.22 -7.54 -17.79
CA GLU H 49 -20.22 -7.41 -17.75
C GLU H 49 -19.38 -7.44 -19.07
C GLU H 49 -19.38 -7.47 -19.02
N ARG H 50 -18.22 -6.80 -18.99
CA ARG H 50 -17.31 -6.79 -20.14
C ARG H 50 -16.84 -8.21 -20.50
N GLU H 51 -16.54 -9.00 -19.48
CA GLU H 51 -16.15 -10.39 -19.70
C GLU H 51 -17.28 -11.19 -20.35
N HIS H 52 -18.52 -10.94 -19.95
CA HIS H 52 -19.59 -11.62 -20.61
C HIS H 52 -19.64 -11.28 -22.10
N GLY H 53 -19.46 -10.00 -22.42
CA GLY H 53 -19.36 -9.63 -23.79
C GLY H 53 -18.28 -10.32 -24.56
N LEU H 54 -17.10 -10.37 -23.99
CA LEU H 54 -15.98 -11.03 -24.61
C LEU H 54 -16.25 -12.53 -24.80
N GLY H 55 -17.06 -13.15 -23.92
CA GLY H 55 -17.51 -14.55 -24.10
C GLY H 55 -18.39 -14.71 -25.30
N PHE H 56 -19.34 -13.79 -25.46
CA PHE H 56 -20.17 -13.74 -26.67
C PHE H 56 -19.37 -13.57 -27.96
N VAL H 57 -18.44 -12.65 -27.93
CA VAL H 57 -17.53 -12.43 -29.06
C VAL H 57 -16.77 -13.73 -29.44
N ASP H 58 -16.17 -14.38 -28.45
CA ASP H 58 -15.34 -15.58 -28.66
C ASP H 58 -16.19 -16.65 -29.29
N PHE H 59 -17.38 -16.86 -28.74
CA PHE H 59 -18.32 -17.83 -29.29
C PHE H 59 -18.74 -17.54 -30.74
N ALA H 60 -19.04 -16.29 -31.04
CA ALA H 60 -19.41 -15.91 -32.38
C ALA H 60 -18.27 -16.18 -33.32
N ASN H 61 -17.05 -15.86 -32.96
CA ASN H 61 -15.89 -16.12 -33.81
C ASN H 61 -15.83 -17.61 -34.14
N LYS H 62 -16.00 -18.43 -33.10
CA LYS H 62 -15.86 -19.88 -33.30
C LYS H 62 -17.03 -20.39 -34.18
N ARG H 63 -18.24 -19.83 -34.03
CA ARG H 63 -19.37 -20.31 -34.75
C ARG H 63 -19.61 -19.60 -36.08
N ASN H 64 -18.64 -18.79 -36.51
CA ASN H 64 -18.72 -17.94 -37.74
C ASN H 64 -19.93 -17.02 -37.78
N ILE H 65 -20.23 -16.41 -36.65
CA ILE H 65 -21.27 -15.38 -36.53
C ILE H 65 -20.49 -14.05 -36.62
N PRO H 66 -20.68 -13.30 -37.71
CA PRO H 66 -19.95 -12.07 -37.94
C PRO H 66 -20.21 -11.13 -36.80
N ILE H 67 -19.18 -10.56 -36.27
CA ILE H 67 -19.36 -9.57 -35.22
C ILE H 67 -18.88 -8.26 -35.76
N GLU H 68 -19.71 -7.25 -35.65
CA GLU H 68 -19.33 -5.90 -35.94
C GLU H 68 -19.66 -5.01 -34.73
N LEU H 69 -18.62 -4.49 -34.12
CA LEU H 69 -18.74 -3.80 -32.87
C LEU H 69 -19.40 -2.45 -33.12
N GLN H 70 -20.38 -2.13 -32.30
CA GLN H 70 -21.20 -0.95 -32.47
C GLN H 70 -20.78 0.05 -31.46
N ALA H 71 -21.21 1.30 -31.63
CA ALA H 71 -20.99 2.33 -30.62
C ALA H 71 -21.53 1.85 -29.29
N VAL H 72 -20.78 2.08 -28.20
CA VAL H 72 -21.34 1.85 -26.86
C VAL H 72 -21.91 3.10 -26.34
N PRO H 73 -23.24 3.12 -26.11
CA PRO H 73 -23.88 4.42 -25.82
C PRO H 73 -23.44 5.05 -24.52
N ALA H 74 -23.49 6.37 -24.45
CA ALA H 74 -23.20 7.10 -23.23
C ALA H 74 -24.23 6.70 -22.15
N PRO H 75 -23.78 6.41 -20.91
CA PRO H 75 -24.75 6.17 -19.80
C PRO H 75 -25.47 7.48 -19.51
N VAL H 76 -26.75 7.42 -19.24
CA VAL H 76 -27.52 8.68 -19.08
C VAL H 76 -28.27 8.77 -17.77
N SER H 77 -28.56 7.65 -17.14
CA SER H 77 -29.23 7.73 -15.75
C SER H 77 -28.47 8.50 -14.65
N YCM H 78 -27.16 8.51 -14.73
N YCM H 78 -27.16 8.52 -14.77
CA YCM H 78 -26.27 9.30 -13.82
CA YCM H 78 -26.20 9.32 -13.97
CB YCM H 78 -24.77 9.12 -14.19
CB YCM H 78 -24.80 8.79 -14.29
SG YCM H 78 -23.61 10.04 -13.10
SG YCM H 78 -24.37 9.24 -16.00
CD YCM H 78 -21.90 9.40 -13.40
CD YCM H 78 -23.41 10.73 -15.54
CE YCM H 78 -21.13 10.58 -12.84
CE YCM H 78 -23.90 12.01 -16.21
OZ1 YCM H 78 -21.36 10.96 -11.69
OZ1 YCM H 78 -24.92 12.57 -15.85
NZ2 YCM H 78 -20.33 11.24 -13.67
NZ2 YCM H 78 -23.15 12.47 -17.16
C YCM H 78 -26.64 10.79 -13.74
C YCM H 78 -26.17 10.84 -14.28
O YCM H 78 -26.44 11.43 -12.64
O YCM H 78 -25.12 11.51 -14.14
N ALA H 79 -27.27 11.35 -14.82
CA ALA H 79 -27.62 12.79 -14.70
C ALA H 79 -28.66 13.07 -13.59
N GLU H 80 -29.50 12.09 -13.35
CA GLU H 80 -30.62 12.21 -12.48
C GLU H 80 -30.43 11.49 -11.15
N TRP H 81 -29.30 10.82 -10.90
CA TRP H 81 -29.19 10.08 -9.65
C TRP H 81 -28.97 11.11 -8.57
N SER H 82 -29.72 11.04 -7.49
CA SER H 82 -29.31 11.84 -6.35
C SER H 82 -29.14 11.11 -5.04
N SER H 83 -29.40 9.80 -4.99
CA SER H 83 -29.17 9.04 -3.76
C SER H 83 -28.74 7.63 -4.22
N PRO H 84 -28.14 6.83 -3.33
CA PRO H 84 -27.81 5.46 -3.68
C PRO H 84 -29.01 4.72 -4.14
N GLU H 85 -30.16 4.95 -3.52
CA GLU H 85 -31.34 4.25 -3.97
C GLU H 85 -31.59 4.39 -5.49
N ASP H 86 -31.40 5.60 -6.02
CA ASP H 86 -31.69 5.88 -7.42
C ASP H 86 -30.73 5.05 -8.26
N VAL H 87 -29.51 4.94 -7.83
CA VAL H 87 -28.52 4.20 -8.58
C VAL H 87 -28.81 2.69 -8.64
N TRP H 88 -29.11 2.10 -7.48
CA TRP H 88 -29.38 0.72 -7.43
C TRP H 88 -30.67 0.39 -8.15
N GLN H 89 -31.65 1.30 -8.10
CA GLN H 89 -32.88 1.09 -8.93
C GLN H 89 -32.55 1.06 -10.42
N SER H 90 -31.68 1.98 -10.87
CA SER H 90 -31.30 1.94 -12.28
C SER H 90 -30.56 0.64 -12.59
N ILE H 91 -29.71 0.16 -11.70
CA ILE H 91 -28.94 -1.06 -11.99
C ILE H 91 -29.89 -2.23 -12.03
N LEU H 92 -30.89 -2.26 -11.15
CA LEU H 92 -31.90 -3.29 -11.26
C LEU H 92 -32.61 -3.31 -12.63
N GLU H 93 -33.03 -2.15 -13.10
CA GLU H 93 -33.60 -2.04 -14.47
C GLU H 93 -32.69 -2.50 -15.59
N LEU H 94 -31.41 -2.22 -15.46
CA LEU H 94 -30.36 -2.68 -16.37
C LEU H 94 -30.30 -4.21 -16.45
N GLU H 95 -30.28 -4.84 -15.28
CA GLU H 95 -30.27 -6.29 -15.25
C GLU H 95 -31.58 -6.91 -15.80
N GLN H 96 -32.71 -6.31 -15.49
CA GLN H 96 -33.97 -6.82 -16.05
C GLN H 96 -33.95 -6.68 -17.57
N ALA H 97 -33.41 -5.60 -18.07
CA ALA H 97 -33.29 -5.46 -19.56
C ALA H 97 -32.30 -6.46 -20.17
N ASN H 98 -31.19 -6.66 -19.45
N ASN H 98 -31.22 -6.73 -19.47
CA ASN H 98 -30.13 -7.63 -19.82
CA ASN H 98 -30.35 -7.67 -20.06
C ASN H 98 -30.83 -9.02 -19.94
C ASN H 98 -30.91 -9.07 -20.01
N THR H 99 -31.65 -9.37 -18.95
CA THR H 99 -32.34 -10.69 -18.92
C THR H 99 -33.27 -10.86 -20.15
N ARG H 100 -34.08 -9.86 -20.40
CA ARG H 100 -35.02 -9.85 -21.56
C ARG H 100 -34.29 -9.97 -22.91
N SER H 101 -33.14 -9.33 -23.06
CA SER H 101 -32.36 -9.41 -24.30
C SER H 101 -31.79 -10.82 -24.47
N LEU H 102 -31.36 -11.45 -23.37
CA LEU H 102 -30.92 -12.83 -23.46
C LEU H 102 -32.05 -13.77 -23.81
N LEU H 103 -33.22 -13.58 -23.18
CA LEU H 103 -34.39 -14.39 -23.49
C LEU H 103 -34.86 -14.22 -24.94
N ASN H 104 -34.82 -13.01 -25.47
CA ASN H 104 -35.14 -12.80 -26.90
C ASN H 104 -34.18 -13.52 -27.81
N LEU H 105 -32.90 -13.50 -27.46
CA LEU H 105 -31.92 -14.19 -28.28
C LEU H 105 -32.18 -15.68 -28.25
N ALA H 106 -32.44 -16.20 -27.06
CA ALA H 106 -32.72 -17.62 -26.91
C ALA H 106 -34.00 -18.01 -27.67
N GLU H 107 -34.97 -17.10 -27.65
CA GLU H 107 -36.20 -17.32 -28.44
C GLU H 107 -35.91 -17.44 -29.95
N ALA H 108 -35.04 -16.58 -30.47
CA ALA H 108 -34.66 -16.70 -31.88
C ALA H 108 -33.85 -17.96 -32.12
N ALA H 109 -32.95 -18.34 -31.21
CA ALA H 109 -32.23 -19.60 -31.41
C ALA H 109 -33.19 -20.75 -31.42
N SER H 110 -34.13 -20.73 -30.52
CA SER H 110 -35.10 -21.81 -30.44
C SER H 110 -35.87 -22.00 -31.76
N THR H 111 -36.38 -20.91 -32.25
CA THR H 111 -37.03 -20.86 -33.57
C THR H 111 -36.16 -21.43 -34.65
N CYS H 112 -34.87 -21.13 -34.64
CA CYS H 112 -33.99 -21.62 -35.67
C CYS H 112 -33.49 -23.04 -35.37
N HIS H 113 -33.91 -23.64 -34.28
CA HIS H 113 -33.37 -24.96 -33.90
C HIS H 113 -31.84 -24.94 -33.68
N ASP H 114 -31.33 -23.82 -33.19
CA ASP H 114 -29.89 -23.66 -33.08
C ASP H 114 -29.52 -24.15 -31.66
N PHE H 115 -29.38 -25.46 -31.57
CA PHE H 115 -29.07 -26.13 -30.30
C PHE H 115 -27.79 -25.64 -29.66
N ALA H 116 -26.78 -25.40 -30.45
CA ALA H 116 -25.53 -24.88 -29.91
C ALA H 116 -25.65 -23.56 -29.23
N VAL H 117 -26.37 -22.61 -29.87
CA VAL H 117 -26.56 -21.31 -29.29
C VAL H 117 -27.37 -21.43 -28.01
N MET H 118 -28.42 -22.23 -28.02
CA MET H 118 -29.20 -22.36 -26.81
C MET H 118 -28.39 -22.94 -25.65
N ALA H 119 -27.53 -23.89 -25.96
CA ALA H 119 -26.61 -24.47 -24.93
C ALA H 119 -25.63 -23.44 -24.41
N PHE H 120 -25.02 -22.65 -25.32
CA PHE H 120 -24.19 -21.55 -24.95
C PHE H 120 -24.85 -20.60 -23.93
N LEU H 121 -26.13 -20.27 -24.18
CA LEU H 121 -26.85 -19.28 -23.40
C LEU H 121 -27.24 -19.80 -22.01
N ASN H 122 -27.34 -21.12 -21.81
CA ASN H 122 -27.89 -21.59 -20.50
C ASN H 122 -27.26 -21.01 -19.26
N PRO H 123 -25.93 -20.99 -19.18
CA PRO H 123 -25.29 -20.45 -18.01
C PRO H 123 -25.59 -19.01 -17.83
N PHE H 124 -25.81 -18.30 -18.92
CA PHE H 124 -26.14 -16.89 -18.82
C PHE H 124 -27.54 -16.67 -18.30
N HIS H 125 -28.50 -17.47 -18.69
CA HIS H 125 -29.87 -17.35 -18.10
C HIS H 125 -29.84 -17.52 -16.57
N LEU H 126 -29.05 -18.49 -16.13
CA LEU H 126 -28.95 -18.75 -14.69
C LEU H 126 -28.16 -17.67 -13.99
N GLN H 127 -27.14 -17.10 -14.65
CA GLN H 127 -26.46 -15.93 -14.08
C GLN H 127 -27.37 -14.73 -13.90
N GLN H 128 -28.26 -14.49 -14.86
CA GLN H 128 -29.20 -13.38 -14.76
C GLN H 128 -30.20 -13.60 -13.66
N VAL H 129 -30.68 -14.83 -13.49
CA VAL H 129 -31.48 -15.11 -12.29
C VAL H 129 -30.77 -14.67 -11.02
N ASN H 130 -29.50 -15.03 -10.87
CA ASN H 130 -28.77 -14.64 -9.67
C ASN H 130 -28.52 -13.12 -9.57
N ALA H 131 -28.19 -12.50 -10.71
CA ALA H 131 -27.92 -11.08 -10.75
C ALA H 131 -29.15 -10.27 -10.33
N GLU H 132 -30.33 -10.54 -10.88
CA GLU H 132 -31.53 -9.83 -10.51
C GLU H 132 -31.89 -10.02 -9.03
N ASP H 133 -31.66 -11.23 -8.51
CA ASP H 133 -31.92 -11.49 -7.12
C ASP H 133 -30.93 -10.72 -6.24
N LYS H 134 -29.67 -10.70 -6.62
CA LYS H 134 -28.66 -10.05 -5.82
C LYS H 134 -28.96 -8.54 -5.80
N ILE H 135 -29.23 -7.99 -6.97
CA ILE H 135 -29.46 -6.55 -7.03
C ILE H 135 -30.71 -6.15 -6.27
N GLY H 136 -31.76 -6.92 -6.47
CA GLY H 136 -33.06 -6.69 -5.82
C GLY H 136 -32.88 -6.64 -4.34
N SER H 137 -32.07 -7.55 -3.80
CA SER H 137 -31.84 -7.66 -2.37
C SER H 137 -31.06 -6.47 -1.84
N ILE H 138 -30.02 -6.08 -2.57
CA ILE H 138 -29.26 -4.92 -2.21
C ILE H 138 -30.17 -3.71 -2.18
N LEU H 139 -30.99 -3.55 -3.20
CA LEU H 139 -31.90 -2.38 -3.25
C LEU H 139 -32.88 -2.34 -2.06
N ALA H 140 -33.42 -3.53 -1.68
CA ALA H 140 -34.29 -3.63 -0.52
C ALA H 140 -33.59 -3.20 0.71
N LYS H 141 -32.35 -3.65 0.88
CA LYS H 141 -31.56 -3.20 2.05
C LYS H 141 -31.32 -1.70 2.08
N VAL H 142 -30.92 -1.18 0.94
CA VAL H 142 -30.59 0.23 0.81
C VAL H 142 -31.80 1.08 1.12
N THR H 143 -32.94 0.65 0.59
CA THR H 143 -34.16 1.36 0.79
C THR H 143 -34.58 1.36 2.22
N ASP H 144 -34.42 0.24 2.89
CA ASP H 144 -34.78 0.18 4.32
C ASP H 144 -33.83 1.04 5.19
N GLU H 145 -32.54 0.85 4.98
CA GLU H 145 -31.57 1.58 5.80
C GLU H 145 -31.60 3.06 5.59
N ASN H 146 -31.94 3.51 4.39
CA ASN H 146 -31.95 4.91 4.18
C ASN H 146 -33.11 5.63 4.83
N ARG H 147 -33.97 4.92 5.54
CA ARG H 147 -35.05 5.53 6.33
C ARG H 147 -34.53 6.27 7.54
N THR H 148 -33.30 5.97 7.97
CA THR H 148 -32.71 6.70 9.09
C THR H 148 -31.47 7.45 8.66
N PRO H 149 -31.42 8.80 8.90
CA PRO H 149 -30.23 9.53 8.40
C PRO H 149 -28.86 8.98 8.84
N GLY H 150 -27.96 8.78 7.89
CA GLY H 150 -26.67 8.28 8.19
C GLY H 150 -26.48 6.81 8.25
N LEU H 151 -27.57 6.06 8.45
CA LEU H 151 -27.47 4.60 8.62
C LEU H 151 -26.92 3.88 7.39
N LEU H 152 -27.36 4.32 6.20
CA LEU H 152 -26.88 3.70 4.99
C LEU H 152 -25.36 3.80 4.85
N ARG H 153 -24.82 4.93 5.32
CA ARG H 153 -23.37 5.19 5.33
C ARG H 153 -22.66 4.09 6.10
N SER H 154 -23.28 3.58 7.16
CA SER H 154 -22.83 2.30 7.78
C SER H 154 -22.84 1.03 6.94
N LEU H 155 -23.71 0.85 5.97
CA LEU H 155 -23.60 -0.30 5.06
C LEU H 155 -22.39 -0.26 4.15
N ASP H 156 -22.02 0.93 3.69
CA ASP H 156 -21.07 1.01 2.62
C ASP H 156 -19.66 0.37 2.97
FE FE I . 2.72 16.38 4.11
FE FE J . -8.39 -4.62 41.27
FE FE K . -3.44 4.03 -23.18
FE FE L . 13.28 12.19 26.93
FE FE M . 25.64 9.23 -15.01
FE FE N . -35.75 -30.53 18.55
FE FE O . -24.45 -9.72 -18.71
#